data_4C45
# 
_entry.id   4C45 
# 
_audit_conform.dict_name       mmcif_pdbx.dic 
_audit_conform.dict_version    5.383 
_audit_conform.dict_location   http://mmcif.pdb.org/dictionaries/ascii/mmcif_pdbx.dic 
# 
loop_
_database_2.database_id 
_database_2.database_code 
_database_2.pdbx_database_accession 
_database_2.pdbx_DOI 
PDB   4C45         pdb_00004c45 10.2210/pdb4c45/pdb 
PDBE  EBI-58223    ?            ?                   
WWPDB D_1290058223 ?            ?                   
# 
_pdbx_database_status.status_code                     REL 
_pdbx_database_status.entry_id                        4C45 
_pdbx_database_status.deposit_site                    PDBE 
_pdbx_database_status.process_site                    PDBE 
_pdbx_database_status.SG_entry                        . 
_pdbx_database_status.recvd_initial_deposition_date   2013-08-30 
_pdbx_database_status.pdb_format_compatible           Y 
_pdbx_database_status.status_code_sf                  REL 
_pdbx_database_status.status_code_mr                  ? 
_pdbx_database_status.status_code_cs                  ? 
_pdbx_database_status.methods_development_category    ? 
_pdbx_database_status.status_code_nmr_data            ? 
# 
loop_
_audit_author.name 
_audit_author.pdbx_ordinal 
'Kopec, J.'         1  
'Kiyani, W.'        2  
'Vollmar, M.'       3  
'Shrestha, L.'      4  
'Canning, P.'       5  
'von Delft, F.'     6  
'Burgess-Brown, N.' 7  
'Bountra, C.'       8  
'Arrowsmith, C.H.'  9  
'Edwards, A.'       10 
'Yue, W.W.'         11 
# 
_citation.id                        primary 
_citation.title                     'Crystal Structure of Human Pterin-4-Alpha- Carbinolamine Dehydratase 2 (Pcbd2)' 
_citation.journal_abbrev            'To be Published' 
_citation.journal_volume            ? 
_citation.page_first                ? 
_citation.page_last                 ? 
_citation.year                      ? 
_citation.journal_id_ASTM           ? 
_citation.country                   ? 
_citation.journal_id_ISSN           ? 
_citation.journal_id_CSD            0353 
_citation.book_publisher            ? 
_citation.pdbx_database_id_PubMed   ? 
_citation.pdbx_database_id_DOI      ? 
# 
loop_
_citation_author.citation_id 
_citation_author.name 
_citation_author.ordinal 
_citation_author.identifier_ORCID 
primary 'Kopec, J.'         1  ? 
primary 'Kiyani, W.'        2  ? 
primary 'Vollmar, M.'       3  ? 
primary 'Shrestha, L.'      4  ? 
primary 'Canning, P.'       5  ? 
primary 'von Delft, F.'     6  ? 
primary 'Burgess-Brown, N.' 7  ? 
primary 'Bountra, C.'       8  ? 
primary 'Arrowsmith, C.H.'  9  ? 
primary 'Edwards, A.'       10 ? 
primary 'Yue, W.W.'         11 ? 
# 
_cell.entry_id           4C45 
_cell.length_a           51.547 
_cell.length_b           94.044 
_cell.length_c           48.330 
_cell.angle_alpha        90.00 
_cell.angle_beta         90.00 
_cell.angle_gamma        90.00 
_cell.Z_PDB              8 
_cell.pdbx_unique_axis   ? 
# 
_symmetry.entry_id                         4C45 
_symmetry.space_group_name_H-M             'C 2 2 2' 
_symmetry.pdbx_full_space_group_name_H-M   ? 
_symmetry.cell_setting                     ? 
_symmetry.Int_Tables_number                21 
# 
loop_
_entity.id 
_entity.type 
_entity.src_method 
_entity.pdbx_description 
_entity.formula_weight 
_entity.pdbx_number_of_molecules 
_entity.pdbx_ec 
_entity.pdbx_mutation 
_entity.pdbx_fragment 
_entity.details 
1 polymer     man 'PTERIN-4-ALPHA-CARBINOLAMINE DEHYDRATASE 2' 11866.388 1  4.2.1.96 ? 'RESIDUES 28-130' ? 
2 non-polymer syn 1,2-ETHANEDIOL                               62.068    1  ?        ? ?                 ? 
3 water       nat water                                        18.015    99 ?        ? ?                 ? 
# 
_entity_name_com.entity_id   1 
_entity_name_com.name        
;PHS 2,4-ALPHA-HYDROXY-TETRAHYDROPTERIN DEHYDRATASE 2, DCOH -LIKE PROTEIN DCOHM, DIMERIZATION COFACTOR OF HEPATOCYTE NUCLEAR FACTOR 1 FROM MUSCLE, HNF-1-ALPHA DIMERIZATION COFACTOR
;
# 
_entity_poly.entity_id                      1 
_entity_poly.type                           'polypeptide(L)' 
_entity_poly.nstd_linkage                   no 
_entity_poly.nstd_monomer                   no 
_entity_poly.pdbx_seq_one_letter_code       
;SMSSGTHRLTAEERNQAILDLKAAGWSELSERDAIYKEFSFHNFNQAFGFMSRVALQAEKMNHHPEWFNVYNKVQITLTS
HDCGELTKKDVKLAKFIEKAAASV
;
_entity_poly.pdbx_seq_one_letter_code_can   
;SMSSGTHRLTAEERNQAILDLKAAGWSELSERDAIYKEFSFHNFNQAFGFMSRVALQAEKMNHHPEWFNVYNKVQITLTS
HDCGELTKKDVKLAKFIEKAAASV
;
_entity_poly.pdbx_strand_id                 A 
_entity_poly.pdbx_target_identifier         ? 
# 
loop_
_entity_poly_seq.entity_id 
_entity_poly_seq.num 
_entity_poly_seq.mon_id 
_entity_poly_seq.hetero 
1 1   SER n 
1 2   MET n 
1 3   SER n 
1 4   SER n 
1 5   GLY n 
1 6   THR n 
1 7   HIS n 
1 8   ARG n 
1 9   LEU n 
1 10  THR n 
1 11  ALA n 
1 12  GLU n 
1 13  GLU n 
1 14  ARG n 
1 15  ASN n 
1 16  GLN n 
1 17  ALA n 
1 18  ILE n 
1 19  LEU n 
1 20  ASP n 
1 21  LEU n 
1 22  LYS n 
1 23  ALA n 
1 24  ALA n 
1 25  GLY n 
1 26  TRP n 
1 27  SER n 
1 28  GLU n 
1 29  LEU n 
1 30  SER n 
1 31  GLU n 
1 32  ARG n 
1 33  ASP n 
1 34  ALA n 
1 35  ILE n 
1 36  TYR n 
1 37  LYS n 
1 38  GLU n 
1 39  PHE n 
1 40  SER n 
1 41  PHE n 
1 42  HIS n 
1 43  ASN n 
1 44  PHE n 
1 45  ASN n 
1 46  GLN n 
1 47  ALA n 
1 48  PHE n 
1 49  GLY n 
1 50  PHE n 
1 51  MET n 
1 52  SER n 
1 53  ARG n 
1 54  VAL n 
1 55  ALA n 
1 56  LEU n 
1 57  GLN n 
1 58  ALA n 
1 59  GLU n 
1 60  LYS n 
1 61  MET n 
1 62  ASN n 
1 63  HIS n 
1 64  HIS n 
1 65  PRO n 
1 66  GLU n 
1 67  TRP n 
1 68  PHE n 
1 69  ASN n 
1 70  VAL n 
1 71  TYR n 
1 72  ASN n 
1 73  LYS n 
1 74  VAL n 
1 75  GLN n 
1 76  ILE n 
1 77  THR n 
1 78  LEU n 
1 79  THR n 
1 80  SER n 
1 81  HIS n 
1 82  ASP n 
1 83  CYS n 
1 84  GLY n 
1 85  GLU n 
1 86  LEU n 
1 87  THR n 
1 88  LYS n 
1 89  LYS n 
1 90  ASP n 
1 91  VAL n 
1 92  LYS n 
1 93  LEU n 
1 94  ALA n 
1 95  LYS n 
1 96  PHE n 
1 97  ILE n 
1 98  GLU n 
1 99  LYS n 
1 100 ALA n 
1 101 ALA n 
1 102 ALA n 
1 103 SER n 
1 104 VAL n 
# 
_entity_src_gen.entity_id                          1 
_entity_src_gen.pdbx_src_id                        1 
_entity_src_gen.pdbx_alt_source_flag               sample 
_entity_src_gen.pdbx_seq_type                      ? 
_entity_src_gen.pdbx_beg_seq_num                   ? 
_entity_src_gen.pdbx_end_seq_num                   ? 
_entity_src_gen.gene_src_common_name               HUMAN 
_entity_src_gen.gene_src_genus                     ? 
_entity_src_gen.pdbx_gene_src_gene                 ? 
_entity_src_gen.gene_src_species                   ? 
_entity_src_gen.gene_src_strain                    ? 
_entity_src_gen.gene_src_tissue                    ? 
_entity_src_gen.gene_src_tissue_fraction           ? 
_entity_src_gen.gene_src_details                   ? 
_entity_src_gen.pdbx_gene_src_fragment             ? 
_entity_src_gen.pdbx_gene_src_scientific_name      'HOMO SAPIENS' 
_entity_src_gen.pdbx_gene_src_ncbi_taxonomy_id     9606 
_entity_src_gen.pdbx_gene_src_variant              ? 
_entity_src_gen.pdbx_gene_src_cell_line            ? 
_entity_src_gen.pdbx_gene_src_atcc                 ? 
_entity_src_gen.pdbx_gene_src_organ                ? 
_entity_src_gen.pdbx_gene_src_organelle            ? 
_entity_src_gen.pdbx_gene_src_cell                 ? 
_entity_src_gen.pdbx_gene_src_cellular_location    ? 
_entity_src_gen.host_org_common_name               ? 
_entity_src_gen.pdbx_host_org_scientific_name      'ESCHERICHIA COLI' 
_entity_src_gen.pdbx_host_org_ncbi_taxonomy_id     469008 
_entity_src_gen.host_org_genus                     ? 
_entity_src_gen.pdbx_host_org_gene                 ? 
_entity_src_gen.pdbx_host_org_organ                ? 
_entity_src_gen.host_org_species                   ? 
_entity_src_gen.pdbx_host_org_tissue               ? 
_entity_src_gen.pdbx_host_org_tissue_fraction      ? 
_entity_src_gen.pdbx_host_org_strain               'BL21(DE3)' 
_entity_src_gen.pdbx_host_org_variant              ROSETTA 
_entity_src_gen.pdbx_host_org_cell_line            ? 
_entity_src_gen.pdbx_host_org_atcc                 ? 
_entity_src_gen.pdbx_host_org_culture_collection   ? 
_entity_src_gen.pdbx_host_org_cell                 ? 
_entity_src_gen.pdbx_host_org_organelle            ? 
_entity_src_gen.pdbx_host_org_cellular_location    ? 
_entity_src_gen.pdbx_host_org_vector_type          PLASMID 
_entity_src_gen.pdbx_host_org_vector               ? 
_entity_src_gen.host_org_details                   ? 
_entity_src_gen.expression_system_id               ? 
_entity_src_gen.plasmid_name                       PNIC28BSA 
_entity_src_gen.plasmid_details                    ? 
_entity_src_gen.pdbx_description                   ? 
# 
_struct_ref.id                         1 
_struct_ref.db_name                    UNP 
_struct_ref.db_code                    PHS2_HUMAN 
_struct_ref.entity_id                  1 
_struct_ref.pdbx_seq_one_letter_code   ? 
_struct_ref.pdbx_align_begin           ? 
_struct_ref.pdbx_db_accession          Q9H0N5 
_struct_ref.pdbx_db_isoform            ? 
# 
_struct_ref_seq.align_id                      1 
_struct_ref_seq.ref_id                        1 
_struct_ref_seq.pdbx_PDB_id_code              4C45 
_struct_ref_seq.pdbx_strand_id                A 
_struct_ref_seq.seq_align_beg                 2 
_struct_ref_seq.pdbx_seq_align_beg_ins_code   ? 
_struct_ref_seq.seq_align_end                 104 
_struct_ref_seq.pdbx_seq_align_end_ins_code   ? 
_struct_ref_seq.pdbx_db_accession             Q9H0N5 
_struct_ref_seq.db_align_beg                  28 
_struct_ref_seq.pdbx_db_align_beg_ins_code    ? 
_struct_ref_seq.db_align_end                  130 
_struct_ref_seq.pdbx_db_align_end_ins_code    ? 
_struct_ref_seq.pdbx_auth_seq_align_beg       2 
_struct_ref_seq.pdbx_auth_seq_align_end       104 
# 
_struct_ref_seq_dif.align_id                     1 
_struct_ref_seq_dif.pdbx_pdb_id_code             4C45 
_struct_ref_seq_dif.mon_id                       SER 
_struct_ref_seq_dif.pdbx_pdb_strand_id           A 
_struct_ref_seq_dif.seq_num                      1 
_struct_ref_seq_dif.pdbx_pdb_ins_code            ? 
_struct_ref_seq_dif.pdbx_seq_db_name             UNP 
_struct_ref_seq_dif.pdbx_seq_db_accession_code   Q9H0N5 
_struct_ref_seq_dif.db_mon_id                    ? 
_struct_ref_seq_dif.pdbx_seq_db_seq_num          ? 
_struct_ref_seq_dif.details                      'expression tag' 
_struct_ref_seq_dif.pdbx_auth_seq_num            1 
_struct_ref_seq_dif.pdbx_ordinal                 1 
# 
loop_
_chem_comp.id 
_chem_comp.type 
_chem_comp.mon_nstd_flag 
_chem_comp.name 
_chem_comp.pdbx_synonyms 
_chem_comp.formula 
_chem_comp.formula_weight 
ALA 'L-peptide linking' y ALANINE         ?                 'C3 H7 N O2'     89.093  
ARG 'L-peptide linking' y ARGININE        ?                 'C6 H15 N4 O2 1' 175.209 
ASN 'L-peptide linking' y ASPARAGINE      ?                 'C4 H8 N2 O3'    132.118 
ASP 'L-peptide linking' y 'ASPARTIC ACID' ?                 'C4 H7 N O4'     133.103 
CYS 'L-peptide linking' y CYSTEINE        ?                 'C3 H7 N O2 S'   121.158 
EDO non-polymer         . 1,2-ETHANEDIOL  'ETHYLENE GLYCOL' 'C2 H6 O2'       62.068  
GLN 'L-peptide linking' y GLUTAMINE       ?                 'C5 H10 N2 O3'   146.144 
GLU 'L-peptide linking' y 'GLUTAMIC ACID' ?                 'C5 H9 N O4'     147.129 
GLY 'peptide linking'   y GLYCINE         ?                 'C2 H5 N O2'     75.067  
HIS 'L-peptide linking' y HISTIDINE       ?                 'C6 H10 N3 O2 1' 156.162 
HOH non-polymer         . WATER           ?                 'H2 O'           18.015  
ILE 'L-peptide linking' y ISOLEUCINE      ?                 'C6 H13 N O2'    131.173 
LEU 'L-peptide linking' y LEUCINE         ?                 'C6 H13 N O2'    131.173 
LYS 'L-peptide linking' y LYSINE          ?                 'C6 H15 N2 O2 1' 147.195 
MET 'L-peptide linking' y METHIONINE      ?                 'C5 H11 N O2 S'  149.211 
PHE 'L-peptide linking' y PHENYLALANINE   ?                 'C9 H11 N O2'    165.189 
PRO 'L-peptide linking' y PROLINE         ?                 'C5 H9 N O2'     115.130 
SER 'L-peptide linking' y SERINE          ?                 'C3 H7 N O3'     105.093 
THR 'L-peptide linking' y THREONINE       ?                 'C4 H9 N O3'     119.119 
TRP 'L-peptide linking' y TRYPTOPHAN      ?                 'C11 H12 N2 O2'  204.225 
TYR 'L-peptide linking' y TYROSINE        ?                 'C9 H11 N O3'    181.189 
VAL 'L-peptide linking' y VALINE          ?                 'C5 H11 N O2'    117.146 
# 
_exptl.entry_id          4C45 
_exptl.method            'X-RAY DIFFRACTION' 
_exptl.crystals_number   1 
# 
_exptl_crystal.id                    1 
_exptl_crystal.density_meas          ? 
_exptl_crystal.density_Matthews      2.51 
_exptl_crystal.density_percent_sol   50.98 
_exptl_crystal.description           NONE 
# 
_exptl_crystal_grow.crystal_id      1 
_exptl_crystal_grow.method          ? 
_exptl_crystal_grow.temp            ? 
_exptl_crystal_grow.temp_details    ? 
_exptl_crystal_grow.pH              ? 
_exptl_crystal_grow.pdbx_pH_range   ? 
_exptl_crystal_grow.pdbx_details    '2.4 SODIUM MALONATE' 
# 
_diffrn.id                     1 
_diffrn.ambient_temp           100 
_diffrn.ambient_temp_details   ? 
_diffrn.crystal_id             1 
# 
_diffrn_detector.diffrn_id              1 
_diffrn_detector.detector               PIXEL 
_diffrn_detector.type                   'DECTRIS PILATUS 6M' 
_diffrn_detector.pdbx_collection_date   2013-07-25 
_diffrn_detector.details                ? 
# 
_diffrn_radiation.diffrn_id                        1 
_diffrn_radiation.wavelength_id                    1 
_diffrn_radiation.pdbx_monochromatic_or_laue_m_l   M 
_diffrn_radiation.monochromator                    ? 
_diffrn_radiation.pdbx_diffrn_protocol             'SINGLE WAVELENGTH' 
_diffrn_radiation.pdbx_scattering_type             x-ray 
# 
_diffrn_radiation_wavelength.id           1 
_diffrn_radiation_wavelength.wavelength   0.97625 
_diffrn_radiation_wavelength.wt           1.0 
# 
_diffrn_source.diffrn_id                   1 
_diffrn_source.source                      SYNCHROTRON 
_diffrn_source.type                        'DIAMOND BEAMLINE I03' 
_diffrn_source.pdbx_synchrotron_site       Diamond 
_diffrn_source.pdbx_synchrotron_beamline   I03 
_diffrn_source.pdbx_wavelength             0.97625 
_diffrn_source.pdbx_wavelength_list        ? 
# 
_reflns.pdbx_diffrn_id               1 
_reflns.pdbx_ordinal                 1 
_reflns.entry_id                     4C45 
_reflns.observed_criterion_sigma_I   2.0 
_reflns.observed_criterion_sigma_F   ? 
_reflns.d_resolution_low             48.33 
_reflns.d_resolution_high            1.45 
_reflns.number_obs                   21250 
_reflns.number_all                   ? 
_reflns.percent_possible_obs         100.0 
_reflns.pdbx_Rmerge_I_obs            0.05 
_reflns.pdbx_Rsym_value              ? 
_reflns.pdbx_netI_over_sigmaI        18.10 
_reflns.B_iso_Wilson_estimate        ? 
_reflns.pdbx_redundancy              6.5 
# 
_reflns_shell.pdbx_diffrn_id         1 
_reflns_shell.pdbx_ordinal           1 
_reflns_shell.d_res_high             1.45 
_reflns_shell.d_res_low              1.48 
_reflns_shell.percent_possible_all   100.0 
_reflns_shell.Rmerge_I_obs           0.76 
_reflns_shell.pdbx_Rsym_value        ? 
_reflns_shell.meanI_over_sigI_obs    2.70 
_reflns_shell.pdbx_redundancy        6.5 
# 
_refine.pdbx_refine_id                           'X-RAY DIFFRACTION' 
_refine.entry_id                                 4C45 
_refine.pdbx_diffrn_id                           1 
_refine.pdbx_TLS_residual_ADP_flag               ? 
_refine.ls_number_reflns_obs                     20155 
_refine.ls_number_reflns_all                     ? 
_refine.pdbx_ls_sigma_I                          ? 
_refine.pdbx_ls_sigma_F                          ? 
_refine.pdbx_data_cutoff_high_absF               ? 
_refine.pdbx_data_cutoff_low_absF                ? 
_refine.pdbx_data_cutoff_high_rms_absF           ? 
_refine.ls_d_res_low                             48.33 
_refine.ls_d_res_high                            1.45 
_refine.ls_percent_reflns_obs                    99.96 
_refine.ls_R_factor_obs                          0.14507 
_refine.ls_R_factor_all                          ? 
_refine.ls_R_factor_R_work                       0.14389 
_refine.ls_R_factor_R_free                       0.16700 
_refine.ls_R_factor_R_free_error                 ? 
_refine.ls_R_factor_R_free_error_details         ? 
_refine.ls_percent_reflns_R_free                 5.1 
_refine.ls_number_reflns_R_free                  1090 
_refine.ls_number_parameters                     ? 
_refine.ls_number_restraints                     ? 
_refine.occupancy_min                            ? 
_refine.occupancy_max                            ? 
_refine.correlation_coeff_Fo_to_Fc               0.977 
_refine.correlation_coeff_Fo_to_Fc_free          0.975 
_refine.B_iso_mean                               22.597 
_refine.aniso_B[1][1]                            -0.36 
_refine.aniso_B[2][2]                            -1.21 
_refine.aniso_B[3][3]                            1.57 
_refine.aniso_B[1][2]                            0.00 
_refine.aniso_B[1][3]                            0.00 
_refine.aniso_B[2][3]                            0.00 
_refine.solvent_model_details                    MASK 
_refine.solvent_model_param_ksol                 ? 
_refine.solvent_model_param_bsol                 ? 
_refine.pdbx_solvent_vdw_probe_radii             1.20 
_refine.pdbx_solvent_ion_probe_radii             0.80 
_refine.pdbx_solvent_shrinkage_radii             0.80 
_refine.pdbx_ls_cross_valid_method               THROUGHOUT 
_refine.details                                  'HYDROGENS HAVE BEEN ADDED IN THE RIDING POSITIONS. U VALUES REFINED INDIVIDUALLY' 
_refine.pdbx_starting_model                      'PDB ENTRY 1RU0' 
_refine.pdbx_method_to_determine_struct          'MOLECULAR REPLACEMENT' 
_refine.pdbx_isotropic_thermal_model             ? 
_refine.pdbx_stereochemistry_target_values       'MAXIMUM LIKELIHOOD' 
_refine.pdbx_stereochem_target_val_spec_case     ? 
_refine.pdbx_R_Free_selection_details            RANDOM 
_refine.pdbx_overall_ESU_R                       0.058 
_refine.pdbx_overall_ESU_R_Free                  0.052 
_refine.overall_SU_ML                            0.034 
_refine.pdbx_overall_phase_error                 ? 
_refine.overall_SU_B                             1.986 
_refine.overall_SU_R_Cruickshank_DPI             ? 
_refine.pdbx_overall_SU_R_free_Cruickshank_DPI   ? 
_refine.pdbx_overall_SU_R_Blow_DPI               ? 
_refine.pdbx_overall_SU_R_free_Blow_DPI          ? 
# 
_refine_hist.pdbx_refine_id                   'X-RAY DIFFRACTION' 
_refine_hist.cycle_id                         LAST 
_refine_hist.pdbx_number_atoms_protein        792 
_refine_hist.pdbx_number_atoms_nucleic_acid   0 
_refine_hist.pdbx_number_atoms_ligand         4 
_refine_hist.number_atoms_solvent             99 
_refine_hist.number_atoms_total               895 
_refine_hist.d_res_high                       1.45 
_refine_hist.d_res_low                        48.33 
# 
loop_
_refine_ls_restr.type 
_refine_ls_restr.dev_ideal 
_refine_ls_restr.dev_ideal_target 
_refine_ls_restr.weight 
_refine_ls_restr.number 
_refine_ls_restr.pdbx_refine_id 
_refine_ls_restr.pdbx_restraint_function 
r_bond_refined_d             0.012  0.019  ? 829  'X-RAY DIFFRACTION' ? 
r_bond_other_d               0.001  0.020  ? 776  'X-RAY DIFFRACTION' ? 
r_angle_refined_deg          1.427  1.918  ? 1123 'X-RAY DIFFRACTION' ? 
r_angle_other_deg            0.811  3.000  ? 1777 'X-RAY DIFFRACTION' ? 
r_dihedral_angle_1_deg       6.403  5.000  ? 104  'X-RAY DIFFRACTION' ? 
r_dihedral_angle_2_deg       38.240 24.286 ? 42   'X-RAY DIFFRACTION' ? 
r_dihedral_angle_3_deg       11.814 15.000 ? 141  'X-RAY DIFFRACTION' ? 
r_dihedral_angle_4_deg       11.211 15.000 ? 4    'X-RAY DIFFRACTION' ? 
r_chiral_restr               0.083  0.200  ? 123  'X-RAY DIFFRACTION' ? 
r_gen_planes_refined         0.007  0.020  ? 955  'X-RAY DIFFRACTION' ? 
r_gen_planes_other           0.001  0.020  ? 211  'X-RAY DIFFRACTION' ? 
r_nbd_refined                ?      ?      ? ?    'X-RAY DIFFRACTION' ? 
r_nbd_other                  ?      ?      ? ?    'X-RAY DIFFRACTION' ? 
r_nbtor_refined              ?      ?      ? ?    'X-RAY DIFFRACTION' ? 
r_nbtor_other                ?      ?      ? ?    'X-RAY DIFFRACTION' ? 
r_xyhbond_nbd_refined        ?      ?      ? ?    'X-RAY DIFFRACTION' ? 
r_xyhbond_nbd_other          ?      ?      ? ?    'X-RAY DIFFRACTION' ? 
r_metal_ion_refined          ?      ?      ? ?    'X-RAY DIFFRACTION' ? 
r_metal_ion_other            ?      ?      ? ?    'X-RAY DIFFRACTION' ? 
r_symmetry_vdw_refined       ?      ?      ? ?    'X-RAY DIFFRACTION' ? 
r_symmetry_vdw_other         ?      ?      ? ?    'X-RAY DIFFRACTION' ? 
r_symmetry_hbond_refined     ?      ?      ? ?    'X-RAY DIFFRACTION' ? 
r_symmetry_hbond_other       ?      ?      ? ?    'X-RAY DIFFRACTION' ? 
r_symmetry_metal_ion_refined ?      ?      ? ?    'X-RAY DIFFRACTION' ? 
r_symmetry_metal_ion_other   ?      ?      ? ?    'X-RAY DIFFRACTION' ? 
r_mcbond_it                  2.563  1.958  ? 400  'X-RAY DIFFRACTION' ? 
r_mcbond_other               2.415  1.955  ? 399  'X-RAY DIFFRACTION' ? 
r_mcangle_it                 2.785  2.946  ? 500  'X-RAY DIFFRACTION' ? 
r_mcangle_other              ?      ?      ? ?    'X-RAY DIFFRACTION' ? 
r_scbond_it                  3.041  2.282  ? 428  'X-RAY DIFFRACTION' ? 
r_scbond_other               ?      ?      ? ?    'X-RAY DIFFRACTION' ? 
r_scangle_it                 ?      ?      ? ?    'X-RAY DIFFRACTION' ? 
r_scangle_other              ?      ?      ? ?    'X-RAY DIFFRACTION' ? 
r_long_range_B_refined       ?      ?      ? ?    'X-RAY DIFFRACTION' ? 
r_long_range_B_other         ?      ?      ? ?    'X-RAY DIFFRACTION' ? 
r_rigid_bond_restr           5.168  3.000  ? 1603 'X-RAY DIFFRACTION' ? 
r_sphericity_free            28.852 5.000  ? 38   'X-RAY DIFFRACTION' ? 
r_sphericity_bonded          8.508  5.000  ? 1646 'X-RAY DIFFRACTION' ? 
# 
_refine_ls_shell.pdbx_refine_id                   'X-RAY DIFFRACTION' 
_refine_ls_shell.pdbx_total_number_of_bins_used   20 
_refine_ls_shell.d_res_high                       1.450 
_refine_ls_shell.d_res_low                        1.488 
_refine_ls_shell.number_reflns_R_work             1469 
_refine_ls_shell.R_factor_R_work                  0.194 
_refine_ls_shell.percent_reflns_obs               99.81 
_refine_ls_shell.R_factor_R_free                  0.248 
_refine_ls_shell.R_factor_R_free_error            ? 
_refine_ls_shell.percent_reflns_R_free            ? 
_refine_ls_shell.number_reflns_R_free             69 
_refine_ls_shell.number_reflns_all                ? 
_refine_ls_shell.R_factor_all                     ? 
# 
_struct.entry_id                  4C45 
_struct.title                     'Crystal structure of human pterin-4-alpha-carbinolamine dehydratase 2 (PCBD2)' 
_struct.pdbx_model_details        ? 
_struct.pdbx_CASP_flag            ? 
_struct.pdbx_model_type_details   ? 
# 
_struct_keywords.entry_id        4C45 
_struct_keywords.pdbx_keywords   LYASE 
_struct_keywords.text            LYASE 
# 
loop_
_struct_asym.id 
_struct_asym.pdbx_blank_PDB_chainid_flag 
_struct_asym.pdbx_modified 
_struct_asym.entity_id 
_struct_asym.details 
A N N 1 ? 
B N N 2 ? 
C N N 3 ? 
# 
_struct_biol.id   1 
# 
loop_
_struct_conf.conf_type_id 
_struct_conf.id 
_struct_conf.pdbx_PDB_helix_id 
_struct_conf.beg_label_comp_id 
_struct_conf.beg_label_asym_id 
_struct_conf.beg_label_seq_id 
_struct_conf.pdbx_beg_PDB_ins_code 
_struct_conf.end_label_comp_id 
_struct_conf.end_label_asym_id 
_struct_conf.end_label_seq_id 
_struct_conf.pdbx_end_PDB_ins_code 
_struct_conf.beg_auth_comp_id 
_struct_conf.beg_auth_asym_id 
_struct_conf.beg_auth_seq_id 
_struct_conf.end_auth_comp_id 
_struct_conf.end_auth_asym_id 
_struct_conf.end_auth_seq_id 
_struct_conf.pdbx_PDB_helix_class 
_struct_conf.details 
_struct_conf.pdbx_PDB_helix_length 
HELX_P HELX_P1 1 THR A 10 ? ALA A 24  ? THR A 10 ALA A 24  1 ? 15 
HELX_P HELX_P2 2 ASN A 43 ? ASN A 62  ? ASN A 43 ASN A 62  1 ? 20 
HELX_P HELX_P3 3 THR A 87 ? SER A 103 ? THR A 87 SER A 103 1 ? 17 
# 
_struct_conf_type.id          HELX_P 
_struct_conf_type.criteria    ? 
_struct_conf_type.reference   ? 
# 
_struct_sheet.id               AA 
_struct_sheet.type             ? 
_struct_sheet.number_strands   4 
_struct_sheet.details          ? 
# 
loop_
_struct_sheet_order.sheet_id 
_struct_sheet_order.range_id_1 
_struct_sheet_order.range_id_2 
_struct_sheet_order.offset 
_struct_sheet_order.sense 
AA 1 2 ? anti-parallel 
AA 2 3 ? anti-parallel 
AA 3 4 ? anti-parallel 
# 
loop_
_struct_sheet_range.sheet_id 
_struct_sheet_range.id 
_struct_sheet_range.beg_label_comp_id 
_struct_sheet_range.beg_label_asym_id 
_struct_sheet_range.beg_label_seq_id 
_struct_sheet_range.pdbx_beg_PDB_ins_code 
_struct_sheet_range.end_label_comp_id 
_struct_sheet_range.end_label_asym_id 
_struct_sheet_range.end_label_seq_id 
_struct_sheet_range.pdbx_end_PDB_ins_code 
_struct_sheet_range.beg_auth_comp_id 
_struct_sheet_range.beg_auth_asym_id 
_struct_sheet_range.beg_auth_seq_id 
_struct_sheet_range.end_auth_comp_id 
_struct_sheet_range.end_auth_asym_id 
_struct_sheet_range.end_auth_seq_id 
AA 1 SER A 27 ? GLU A 28 ? SER A 27 GLU A 28 
AA 2 ILE A 35 ? SER A 40 ? ILE A 35 SER A 40 
AA 3 LYS A 73 ? LEU A 78 ? LYS A 73 LEU A 78 
AA 4 GLU A 66 ? VAL A 70 ? GLU A 66 VAL A 70 
# 
loop_
_pdbx_struct_sheet_hbond.sheet_id 
_pdbx_struct_sheet_hbond.range_id_1 
_pdbx_struct_sheet_hbond.range_id_2 
_pdbx_struct_sheet_hbond.range_1_label_atom_id 
_pdbx_struct_sheet_hbond.range_1_label_comp_id 
_pdbx_struct_sheet_hbond.range_1_label_asym_id 
_pdbx_struct_sheet_hbond.range_1_label_seq_id 
_pdbx_struct_sheet_hbond.range_1_PDB_ins_code 
_pdbx_struct_sheet_hbond.range_1_auth_atom_id 
_pdbx_struct_sheet_hbond.range_1_auth_comp_id 
_pdbx_struct_sheet_hbond.range_1_auth_asym_id 
_pdbx_struct_sheet_hbond.range_1_auth_seq_id 
_pdbx_struct_sheet_hbond.range_2_label_atom_id 
_pdbx_struct_sheet_hbond.range_2_label_comp_id 
_pdbx_struct_sheet_hbond.range_2_label_asym_id 
_pdbx_struct_sheet_hbond.range_2_label_seq_id 
_pdbx_struct_sheet_hbond.range_2_PDB_ins_code 
_pdbx_struct_sheet_hbond.range_2_auth_atom_id 
_pdbx_struct_sheet_hbond.range_2_auth_comp_id 
_pdbx_struct_sheet_hbond.range_2_auth_asym_id 
_pdbx_struct_sheet_hbond.range_2_auth_seq_id 
AA 1 2 N SER A 27 ? N SER A 27 O TYR A 36 ? O TYR A 36 
AA 2 3 N PHE A 39 ? N PHE A 39 O VAL A 74 ? O VAL A 74 
AA 3 4 N THR A 77 ? N THR A 77 O GLU A 66 ? O GLU A 66 
# 
_struct_site.id                   AC1 
_struct_site.pdbx_evidence_code   Software 
_struct_site.pdbx_auth_asym_id    A 
_struct_site.pdbx_auth_comp_id    EDO 
_struct_site.pdbx_auth_seq_id     1105 
_struct_site.pdbx_auth_ins_code   ? 
_struct_site.pdbx_num_residues    5 
_struct_site.details              'BINDING SITE FOR RESIDUE EDO A 1105' 
# 
loop_
_struct_site_gen.id 
_struct_site_gen.site_id 
_struct_site_gen.pdbx_num_res 
_struct_site_gen.label_comp_id 
_struct_site_gen.label_asym_id 
_struct_site_gen.label_seq_id 
_struct_site_gen.pdbx_auth_ins_code 
_struct_site_gen.auth_comp_id 
_struct_site_gen.auth_asym_id 
_struct_site_gen.auth_seq_id 
_struct_site_gen.label_atom_id 
_struct_site_gen.label_alt_id 
_struct_site_gen.symmetry 
_struct_site_gen.details 
1 AC1 5 PHE A 39 ? PHE A 39   . ? 1_555 ? 
2 AC1 5 SER A 40 ? SER A 40   . ? 1_555 ? 
3 AC1 5 HOH C .  ? HOH A 2052 . ? 1_555 ? 
4 AC1 5 HOH C .  ? HOH A 2055 . ? 1_555 ? 
5 AC1 5 HOH C .  ? HOH A 2099 . ? 1_555 ? 
# 
_atom_sites.entry_id                    4C45 
_atom_sites.fract_transf_matrix[1][1]   -0.01664127 
_atom_sites.fract_transf_matrix[1][2]   0.00342929 
_atom_sites.fract_transf_matrix[1][3]   -0.00936311 
_atom_sites.fract_transf_matrix[2][1]   -0.00538879 
_atom_sites.fract_transf_matrix[2][2]   -0.00142890 
_atom_sites.fract_transf_matrix[2][3]   0.00905427 
_atom_sites.fract_transf_matrix[3][1]   0.00177248 
_atom_sites.fract_transf_matrix[3][2]   0.02017446 
_atom_sites.fract_transf_matrix[3][3]   0.00423875 
_atom_sites.fract_transf_vector[1]      0.184989 
_atom_sites.fract_transf_vector[2]      -0.093661 
_atom_sites.fract_transf_vector[3]      0.736116 
# 
loop_
_atom_type.symbol 
C 
N 
O 
S 
# 
loop_
_atom_site.group_PDB 
_atom_site.id 
_atom_site.type_symbol 
_atom_site.label_atom_id 
_atom_site.label_alt_id 
_atom_site.label_comp_id 
_atom_site.label_asym_id 
_atom_site.label_entity_id 
_atom_site.label_seq_id 
_atom_site.pdbx_PDB_ins_code 
_atom_site.Cartn_x 
_atom_site.Cartn_y 
_atom_site.Cartn_z 
_atom_site.occupancy 
_atom_site.B_iso_or_equiv 
_atom_site.pdbx_formal_charge 
_atom_site.auth_seq_id 
_atom_site.auth_comp_id 
_atom_site.auth_asym_id 
_atom_site.auth_atom_id 
_atom_site.pdbx_PDB_model_num 
ATOM   1   N N   . THR A 1 6   ? -18.079 6.088   -7.007  1.00 53.04 ? 6    THR A N   1 
ATOM   2   C CA  . THR A 1 6   ? -17.765 4.757   -6.395  1.00 42.07 ? 6    THR A CA  1 
ATOM   3   C C   . THR A 1 6   ? -16.263 4.640   -6.157  1.00 34.71 ? 6    THR A C   1 
ATOM   4   O O   . THR A 1 6   ? -15.457 5.263   -6.845  1.00 37.95 ? 6    THR A O   1 
ATOM   5   C CB  . THR A 1 6   ? -18.237 3.570   -7.278  1.00 44.52 ? 6    THR A CB  1 
ATOM   6   O OG1 . THR A 1 6   ? -18.105 2.332   -6.559  1.00 43.09 ? 6    THR A OG1 1 
ATOM   7   C CG2 . THR A 1 6   ? -17.437 3.487   -8.568  1.00 42.14 ? 6    THR A CG2 1 
ATOM   8   N N   . HIS A 1 7   ? -15.900 3.835   -5.172  1.00 33.36 ? 7    HIS A N   1 
ATOM   9   C CA  . HIS A 1 7   ? -14.498 3.435   -4.983  1.00 27.60 ? 7    HIS A CA  1 
ATOM   10  C C   . HIS A 1 7   ? -14.117 2.170   -5.764  1.00 29.93 ? 7    HIS A C   1 
ATOM   11  O O   . HIS A 1 7   ? -12.936 1.824   -5.849  1.00 31.35 ? 7    HIS A O   1 
ATOM   12  C CB  . HIS A 1 7   ? -14.200 3.218   -3.491  1.00 35.54 ? 7    HIS A CB  1 
ATOM   13  C CG  . HIS A 1 7   ? -14.490 4.417   -2.649  1.00 36.09 ? 7    HIS A CG  1 
ATOM   14  N ND1 . HIS A 1 7   ? -13.809 5.605   -2.794  1.00 42.03 ? 7    HIS A ND1 1 
ATOM   15  C CD2 . HIS A 1 7   ? -15.387 4.613   -1.656  1.00 49.40 ? 7    HIS A CD2 1 
ATOM   16  C CE1 . HIS A 1 7   ? -14.279 6.487   -1.929  1.00 47.33 ? 7    HIS A CE1 1 
ATOM   17  N NE2 . HIS A 1 7   ? -15.234 5.909   -1.224  1.00 48.78 ? 7    HIS A NE2 1 
ATOM   18  N N   . ARG A 1 8   ? -15.100 1.471   -6.328  1.00 29.54 ? 8    ARG A N   1 
ATOM   19  C CA  . ARG A 1 8   ? -14.828 0.253   -7.072  1.00 28.54 ? 8    ARG A CA  1 
ATOM   20  C C   . ARG A 1 8   ? -14.071 0.550   -8.354  1.00 27.52 ? 8    ARG A C   1 
ATOM   21  O O   . ARG A 1 8   ? -14.252 1.595   -8.969  1.00 34.07 ? 8    ARG A O   1 
ATOM   22  C CB  . ARG A 1 8   ? -16.117 -0.500  -7.422  1.00 32.62 ? 8    ARG A CB  1 
ATOM   23  C CG  . ARG A 1 8   ? -16.951 -0.934  -6.224  1.00 38.84 ? 8    ARG A CG  1 
ATOM   24  C CD  . ARG A 1 8   ? -16.116 -1.631  -5.157  1.00 49.68 ? 8    ARG A CD  1 
ATOM   25  N NE  . ARG A 1 8   ? -16.849 -2.699  -4.473  1.00 66.54 ? 8    ARG A NE  1 
ATOM   26  C CZ  . ARG A 1 8   ? -17.774 -2.523  -3.532  1.00 63.64 ? 8    ARG A CZ  1 
ATOM   27  N NH1 . ARG A 1 8   ? -18.133 -1.304  -3.127  1.00 68.05 ? 8    ARG A NH1 1 
ATOM   28  N NH2 . ARG A 1 8   ? -18.351 -3.587  -2.994  1.00 52.53 ? 8    ARG A NH2 1 
ATOM   29  N N   . LEU A 1 9   ? -13.201 -0.379  -8.726  1.00 27.76 ? 9    LEU A N   1 
ATOM   30  C CA  . LEU A 1 9   ? -12.442 -0.321  -9.963  1.00 23.96 ? 9    LEU A CA  1 
ATOM   31  C C   . LEU A 1 9   ? -13.230 -0.968  -11.088 1.00 26.19 ? 9    LEU A C   1 
ATOM   32  O O   . LEU A 1 9   ? -13.775 -2.056  -10.899 1.00 29.93 ? 9    LEU A O   1 
ATOM   33  C CB  . LEU A 1 9   ? -11.124 -1.096  -9.789  1.00 25.48 ? 9    LEU A CB  1 
ATOM   34  C CG  . LEU A 1 9   ? -10.060 -0.475  -8.873  1.00 23.32 ? 9    LEU A CG  1 
ATOM   35  C CD1 . LEU A 1 9   ? -9.062  -1.528  -8.409  1.00 23.21 ? 9    LEU A CD1 1 
ATOM   36  C CD2 . LEU A 1 9   ? -9.376  0.677   -9.574  1.00 27.50 ? 9    LEU A CD2 1 
ATOM   37  N N   . THR A 1 10  ? -13.269 -0.335  -12.261 1.00 27.32 ? 10   THR A N   1 
ATOM   38  C CA  . THR A 1 10  ? -13.702 -1.075  -13.462 1.00 29.08 ? 10   THR A CA  1 
ATOM   39  C C   . THR A 1 10  ? -12.649 -2.109  -13.845 1.00 29.79 ? 10   THR A C   1 
ATOM   40  O O   . THR A 1 10  ? -11.520 -2.070  -13.348 1.00 27.65 ? 10   THR A O   1 
ATOM   41  C CB  . THR A 1 10  ? -13.930 -0.170  -14.685 1.00 32.95 ? 10   THR A CB  1 
ATOM   42  O OG1 . THR A 1 10  ? -12.696 0.457   -15.065 1.00 32.56 ? 10   THR A OG1 1 
ATOM   43  C CG2 . THR A 1 10  ? -14.990 0.894   -14.379 1.00 36.95 ? 10   THR A CG2 1 
ATOM   44  N N   . ALA A 1 11  ? -13.005 -3.039  -14.730 1.00 30.94 ? 11   ALA A N   1 
ATOM   45  C CA  . ALA A 1 11  ? -12.039 -4.025  -15.176 1.00 29.69 ? 11   ALA A CA  1 
ATOM   46  C C   . ALA A 1 11  ? -10.822 -3.353  -15.793 1.00 30.27 ? 11   ALA A C   1 
ATOM   47  O O   . ALA A 1 11  ? -9.697  -3.788  -15.545 1.00 28.80 ? 11   ALA A O   1 
ATOM   48  C CB  . ALA A 1 11  ? -12.659 -5.002  -16.163 1.00 31.44 ? 11   ALA A CB  1 
ATOM   49  N N   . GLU A 1 12  ? -11.053 -2.298  -16.585 1.00 30.21 ? 12   GLU A N   1 
ATOM   50  C CA  . GLU A 1 12  ? -9.968  -1.537  -17.221 1.00 31.50 ? 12   GLU A CA  1 
ATOM   51  C C   . GLU A 1 12  ? -9.091  -0.847  -16.178 1.00 25.68 ? 12   GLU A C   1 
ATOM   52  O O   . GLU A 1 12  ? -7.878  -0.911  -16.252 1.00 25.74 ? 12   GLU A O   1 
ATOM   53  C CB  . GLU A 1 12  ? -10.524 -0.479  -18.194 1.00 38.63 ? 12   GLU A CB  1 
ATOM   54  N N   . GLU A 1 13  ? -9.713  -0.200  -15.207 1.00 26.58 ? 13   GLU A N   1 
ATOM   55  C CA  . GLU A 1 13  ? -8.963  0.503   -14.161 1.00 24.49 ? 13   GLU A CA  1 
ATOM   56  C C   . GLU A 1 13  ? -8.165  -0.489  -13.335 1.00 24.27 ? 13   GLU A C   1 
ATOM   57  O O   . GLU A 1 13  ? -7.026  -0.211  -12.982 1.00 23.42 ? 13   GLU A O   1 
ATOM   58  C CB  . GLU A 1 13  ? -9.888  1.293   -13.253 1.00 27.14 ? 13   GLU A CB  1 
ATOM   59  C CG  . GLU A 1 13  ? -10.430 2.551   -13.907 1.00 27.05 ? 13   GLU A CG  1 
ATOM   60  C CD  . GLU A 1 13  ? -11.617 3.139   -13.145 1.00 32.77 ? 13   GLU A CD  1 
ATOM   61  O OE1 . GLU A 1 13  ? -12.204 2.434   -12.295 1.00 31.31 ? 13   GLU A OE1 1 
ATOM   62  O OE2 . GLU A 1 13  ? -11.975 4.308   -13.393 1.00 35.87 ? 13   GLU A OE2 1 
ATOM   63  N N   . ARG A 1 14  ? -8.743  -1.660  -13.066 1.00 22.31 ? 14   ARG A N   1 
ATOM   64  C CA  . ARG A 1 14  ? -8.029  -2.682  -12.300 1.00 23.02 ? 14   ARG A CA  1 
ATOM   65  C C   . ARG A 1 14  ? -6.810  -3.207  -13.063 1.00 22.07 ? 14   ARG A C   1 
ATOM   66  O O   . ARG A 1 14  ? -5.725  -3.318  -12.505 1.00 21.93 ? 14   ARG A O   1 
ATOM   67  C CB  . ARG A 1 14  ? -8.966  -3.818  -11.909 1.00 25.03 ? 14   ARG A CB  1 
ATOM   68  C CG  . ARG A 1 14  ? -8.272  -4.836  -11.022 1.00 24.79 ? 14   ARG A CG  1 
ATOM   69  C CD  . ARG A 1 14  ? -9.024  -6.132  -10.913 1.00 31.63 ? 14   ARG A CD  1 
ATOM   70  N NE  . ARG A 1 14  ? -8.116  -7.044  -10.230 1.00 43.02 ? 14   ARG A NE  1 
ATOM   71  C CZ  . ARG A 1 14  ? -8.156  -7.297  -8.940  1.00 33.94 ? 14   ARG A CZ  1 
ATOM   72  N NH1 . ARG A 1 14  ? -9.114  -6.763  -8.205  1.00 33.63 ? 14   ARG A NH1 1 
ATOM   73  N NH2 . ARG A 1 14  ? -7.251  -8.106  -8.387  1.00 40.67 ? 14   ARG A NH2 1 
ATOM   74  N N   . ASN A 1 15  ? -6.999  -3.536  -14.344 1.00 24.33 ? 15   ASN A N   1 
ATOM   75  C CA  . ASN A 1 15  ? -5.898  -3.996  -15.166 1.00 26.08 ? 15   ASN A CA  1 
ATOM   76  C C   . ASN A 1 15  ? -4.751  -2.983  -15.163 1.00 21.47 ? 15   ASN A C   1 
ATOM   77  O O   . ASN A 1 15  ? -3.577  -3.328  -14.976 1.00 22.51 ? 15   ASN A O   1 
ATOM   78  C CB  . ASN A 1 15  ? -6.369  -4.206  -16.597 1.00 28.54 ? 15   ASN A CB  1 
ATOM   79  C CG  . ASN A 1 15  ? -5.285  -4.780  -17.471 1.00 32.62 ? 15   ASN A CG  1 
ATOM   80  O OD1 . ASN A 1 15  ? -4.919  -5.942  -17.330 1.00 48.25 ? 15   ASN A OD1 1 
ATOM   81  N ND2 . ASN A 1 15  ? -4.749  -3.965  -18.361 1.00 40.05 ? 15   ASN A ND2 1 
ATOM   82  N N   . GLN A 1 16  ? -5.104  -1.714  -15.346 1.00 21.40 ? 16   GLN A N   1 
ATOM   83  C CA  . GLN A 1 16  ? -4.090  -0.676  -15.395 1.00 20.67 ? 16   GLN A CA  1 
ATOM   84  C C   . GLN A 1 16  ? -3.402  -0.502  -14.036 1.00 20.01 ? 16   GLN A C   1 
ATOM   85  O O   . GLN A 1 16  ? -2.199  -0.351  -13.976 1.00 19.11 ? 16   GLN A O   1 
ATOM   86  C CB  . GLN A 1 16  ? -4.710  0.639   -15.852 1.00 23.47 ? 16   GLN A CB  1 
ATOM   87  C CG  . GLN A 1 16  ? -3.704  1.767   -15.982 1.00 22.62 ? 16   GLN A CG  1 
ATOM   88  C CD  . GLN A 1 16  ? -2.686  1.467   -17.054 1.00 23.04 ? 16   GLN A CD  1 
ATOM   89  O OE1 . GLN A 1 16  ? -3.048  1.207   -18.207 1.00 29.03 ? 16   GLN A OE1 1 
ATOM   90  N NE2 . GLN A 1 16  ? -1.420  1.474   -16.679 1.00 21.27 ? 16   GLN A NE2 1 
ATOM   91  N N   . ALA A 1 17  ? -4.185  -0.520  -12.959 1.00 20.60 ? 17   ALA A N   1 
ATOM   92  C CA  . ALA A 1 17  ? -3.623  -0.404  -11.601 1.00 20.59 ? 17   ALA A CA  1 
ATOM   93  C C   . ALA A 1 17  ? -2.640  -1.519  -11.297 1.00 19.23 ? 17   ALA A C   1 
ATOM   94  O O   . ALA A 1 17  ? -1.558  -1.282  -10.784 1.00 20.14 ? 17   ALA A O   1 
ATOM   95  C CB  . ALA A 1 17  ? -4.738  -0.405  -10.575 1.00 21.81 ? 17   ALA A CB  1 
ATOM   96  N N   . ILE A 1 18  ? -2.984  -2.741  -11.663 1.00 21.11 ? 18   ILE A N   1 
ATOM   97  C CA  . ILE A 1 18  ? -2.077  -3.863  -11.444 1.00 20.83 ? 18   ILE A CA  1 
ATOM   98  C C   . ILE A 1 18  ? -0.778  -3.730  -12.244 1.00 18.43 ? 18   ILE A C   1 
ATOM   99  O O   . ILE A 1 18  ? 0.315   -3.978  -11.758 1.00 17.45 ? 18   ILE A O   1 
ATOM   100 C CB  . ILE A 1 18  ? -2.797  -5.200  -11.752 1.00 22.70 ? 18   ILE A CB  1 
ATOM   101 C CG1 . ILE A 1 18  ? -3.923  -5.444  -10.736 1.00 25.22 ? 18   ILE A CG1 1 
ATOM   102 C CG2 . ILE A 1 18  ? -1.835  -6.381  -11.772 1.00 23.41 ? 18   ILE A CG2 1 
ATOM   103 C CD1 . ILE A 1 18  ? -3.452  -5.670  -9.305  1.00 27.38 ? 18   ILE A CD1 1 
ATOM   104 N N   . LEU A 1 19  ? -0.880  -3.317  -13.507 1.00 19.15 ? 19   LEU A N   1 
ATOM   105 C CA  . LEU A 1 19  ? 0.344   -3.042  -14.256 1.00 18.51 ? 19   LEU A CA  1 
ATOM   106 C C   . LEU A 1 19  ? 1.237   -2.004  -13.580 1.00 16.44 ? 19   LEU A C   1 
ATOM   107 O O   . LEU A 1 19  ? 2.461   -2.184  -13.490 1.00 16.77 ? 19   LEU A O   1 
ATOM   108 C CB  . LEU A 1 19  ? 0.008   -2.567  -15.682 1.00 19.26 ? 19   LEU A CB  1 
ATOM   109 C CG  . LEU A 1 19  ? -0.595  -3.643  -16.590 1.00 21.53 ? 19   LEU A CG  1 
ATOM   110 C CD1 . LEU A 1 19  ? -1.080  -2.994  -17.884 1.00 24.12 ? 19   LEU A CD1 1 
ATOM   111 C CD2 . LEU A 1 19  ? 0.412   -4.740  -16.874 1.00 25.47 ? 19   LEU A CD2 1 
ATOM   112 N N   . ASP A 1 20  ? 0.612   -0.911  -13.145 1.00 16.66 ? 20   ASP A N   1 
ATOM   113 C CA  . ASP A 1 20  ? 1.363   0.176   -12.554 1.00 18.28 ? 20   ASP A CA  1 
ATOM   114 C C   . ASP A 1 20  ? 1.989   -0.290  -11.233 1.00 17.52 ? 20   ASP A C   1 
ATOM   115 O O   . ASP A 1 20  ? 3.137   -0.037  -10.966 1.00 18.00 ? 20   ASP A O   1 
ATOM   116 C CB  . ASP A 1 20  ? 0.440   1.363   -12.281 1.00 18.88 ? 20   ASP A CB  1 
ATOM   117 C CG  . ASP A 1 20  ? 0.023   2.102   -13.530 1.00 22.20 ? 20   ASP A CG  1 
ATOM   118 O OD1 . ASP A 1 20  ? 0.752   2.049   -14.520 1.00 25.93 ? 20   ASP A OD1 1 
ATOM   119 O OD2 . ASP A 1 20  ? -1.020  2.750   -13.491 1.00 25.19 ? 20   ASP A OD2 1 
ATOM   120 N N   . LEU A 1 21  ? 1.216   -1.012  -10.432 1.00 17.44 ? 21   LEU A N   1 
ATOM   121 C CA  . LEU A 1 21  ? 1.695   -1.474  -9.129  1.00 18.88 ? 21   LEU A CA  1 
ATOM   122 C C   . LEU A 1 21  ? 2.779   -2.562  -9.264  1.00 16.86 ? 21   LEU A C   1 
ATOM   123 O O   . LEU A 1 21  ? 3.789   -2.532  -8.554  1.00 17.62 ? 21   LEU A O   1 
ATOM   124 C CB  . LEU A 1 21  ? 0.506   -1.897  -8.261  1.00 23.00 ? 21   LEU A CB  1 
ATOM   125 C CG  . LEU A 1 21  ? -0.329  -0.656  -7.894  1.00 27.42 ? 21   LEU A CG  1 
ATOM   126 C CD1 . LEU A 1 21  ? -1.643  -1.074  -7.237  1.00 32.78 ? 21   LEU A CD1 1 
ATOM   127 C CD2 . LEU A 1 21  ? 0.432   0.354   -7.025  1.00 35.07 ? 21   LEU A CD2 1 
ATOM   128 N N   . LYS A 1 22  ? 2.636   -3.468  -10.241 1.00 18.82 ? 22   LYS A N   1 
ATOM   129 C CA  . LYS A 1 22  ? 3.691   -4.412  -10.528 1.00 19.77 ? 22   LYS A CA  1 
ATOM   130 C C   . LYS A 1 22  ? 4.992   -3.697  -10.937 1.00 17.31 ? 22   LYS A C   1 
ATOM   131 O O   . LYS A 1 22  ? 6.085   -4.072  -10.520 1.00 18.05 ? 22   LYS A O   1 
ATOM   132 C CB  . LYS A 1 22  ? 3.228   -5.436  -11.575 1.00 21.77 ? 22   LYS A CB  1 
ATOM   133 C CG  . LYS A 1 22  ? 2.289   -6.500  -11.019 1.00 27.05 ? 22   LYS A CG  1 
ATOM   134 C CD  . LYS A 1 22  ? 1.972   -7.577  -12.049 1.00 35.11 ? 22   LYS A CD  1 
ATOM   135 N N   . ALA A 1 23  ? 4.870   -2.650  -11.745 1.00 18.25 ? 23   ALA A N   1 
ATOM   136 C CA  . ALA A 1 23  ? 6.060   -1.892  -12.109 1.00 20.40 ? 23   ALA A CA  1 
ATOM   137 C C   . ALA A 1 23  ? 6.728   -1.267  -10.886 1.00 21.20 ? 23   ALA A C   1 
ATOM   138 O O   . ALA A 1 23  ? 7.942   -1.155  -10.832 1.00 22.10 ? 23   ALA A O   1 
ATOM   139 C CB  . ALA A 1 23  ? 5.727   -0.824  -13.148 1.00 19.68 ? 23   ALA A CB  1 
ATOM   140 N N   . ALA A 1 24  ? 5.911   -0.912  -9.900  1.00 19.73 ? 24   ALA A N   1 
ATOM   141 C CA  . ALA A 1 24  ? 6.381   -0.341  -8.649  1.00 18.86 ? 24   ALA A CA  1 
ATOM   142 C C   . ALA A 1 24  ? 6.832   -1.376  -7.634  1.00 19.73 ? 24   ALA A C   1 
ATOM   143 O O   . ALA A 1 24  ? 7.235   -1.007  -6.525  1.00 25.04 ? 24   ALA A O   1 
ATOM   144 C CB  . ALA A 1 24  ? 5.272   0.518   -8.069  1.00 21.90 ? 24   ALA A CB  1 
ATOM   145 N N   . GLY A 1 25  ? 6.788   -2.655  -7.991  1.00 18.39 ? 25   GLY A N   1 
ATOM   146 C CA  . GLY A 1 25  ? 7.293   -3.713  -7.133  1.00 19.20 ? 25   GLY A CA  1 
ATOM   147 C C   . GLY A 1 25  ? 6.276   -4.387  -6.228  1.00 18.23 ? 25   GLY A C   1 
ATOM   148 O O   . GLY A 1 25  ? 6.676   -5.188  -5.375  1.00 18.89 ? 25   GLY A O   1 
ATOM   149 N N   . TRP A 1 26  ? 4.994   -4.099  -6.396  1.00 15.73 ? 26   TRP A N   1 
ATOM   150 C CA  . TRP A 1 26  ? 3.926   -4.786  -5.640  1.00 16.57 ? 26   TRP A CA  1 
ATOM   151 C C   . TRP A 1 26  ? 3.590   -6.098  -6.319  1.00 19.19 ? 26   TRP A C   1 
ATOM   152 O O   . TRP A 1 26  ? 3.780   -6.250  -7.535  1.00 21.65 ? 26   TRP A O   1 
ATOM   153 C CB  . TRP A 1 26  ? 2.695   -3.892  -5.540  1.00 15.95 ? 26   TRP A CB  1 
ATOM   154 C CG  . TRP A 1 26  ? 2.896   -2.638  -4.728  1.00 16.33 ? 26   TRP A CG  1 
ATOM   155 C CD1 . TRP A 1 26  ? 3.578   -1.515  -5.085  1.00 17.27 ? 26   TRP A CD1 1 
ATOM   156 C CD2 . TRP A 1 26  ? 2.444   -2.414  -3.378  1.00 15.01 ? 26   TRP A CD2 1 
ATOM   157 N NE1 . TRP A 1 26  ? 3.547   -0.587  -4.061  1.00 16.54 ? 26   TRP A NE1 1 
ATOM   158 C CE2 . TRP A 1 26  ? 2.854   -1.116  -3.006  1.00 15.11 ? 26   TRP A CE2 1 
ATOM   159 C CE3 . TRP A 1 26  ? 1.660   -3.161  -2.480  1.00 15.98 ? 26   TRP A CE3 1 
ATOM   160 C CZ2 . TRP A 1 26  ? 2.574   -0.586  -1.753  1.00 16.39 ? 26   TRP A CZ2 1 
ATOM   161 C CZ3 . TRP A 1 26  ? 1.422   -2.635  -1.232  1.00 15.61 ? 26   TRP A CZ3 1 
ATOM   162 C CH2 . TRP A 1 26  ? 1.849   -1.358  -0.889  1.00 16.21 ? 26   TRP A CH2 1 
ATOM   163 N N   . SER A 1 27  ? 3.090   -7.033  -5.537  1.00 16.73 ? 27   SER A N   1 
ATOM   164 C CA  . SER A 1 27  ? 2.587   -8.297  -6.052  1.00 16.57 ? 27   SER A CA  1 
ATOM   165 C C   . SER A 1 27  ? 1.143   -8.513  -5.612  1.00 16.91 ? 27   SER A C   1 
ATOM   166 O O   . SER A 1 27  ? 0.677   -7.956  -4.607  1.00 19.74 ? 27   SER A O   1 
ATOM   167 C CB  . SER A 1 27  ? 3.478   -9.466  -5.656  1.00 25.46 ? 27   SER A CB  1 
ATOM   168 O OG  . SER A 1 27  ? 3.726   -9.468  -4.282  1.00 29.39 ? 27   SER A OG  1 
ATOM   169 N N   . GLU A 1 28  ? 0.426   -9.348  -6.359  1.00 21.17 ? 28   GLU A N   1 
ATOM   170 C CA  . GLU A 1 28  ? -0.908  -9.775  -5.973  1.00 21.38 ? 28   GLU A CA  1 
ATOM   171 C C   . GLU A 1 28  ? -0.771  -11.027 -5.159  1.00 22.64 ? 28   GLU A C   1 
ATOM   172 O O   . GLU A 1 28  ? -0.020  -11.933 -5.530  1.00 25.96 ? 28   GLU A O   1 
ATOM   173 C CB  . GLU A 1 28  ? -1.773  -10.115 -7.186  1.00 25.15 ? 28   GLU A CB  1 
ATOM   174 C CG  . GLU A 1 28  ? -2.347  -8.906  -7.870  1.00 25.19 ? 28   GLU A CG  1 
ATOM   175 C CD  . GLU A 1 28  ? -3.336  -9.283  -8.945  1.00 29.73 ? 28   GLU A CD  1 
ATOM   176 O OE1 . GLU A 1 28  ? -4.545  -9.467  -8.645  1.00 31.28 ? 28   GLU A OE1 1 
ATOM   177 O OE2 . GLU A 1 28  ? -2.870  -9.408  -10.082 1.00 29.59 ? 28   GLU A OE2 1 
ATOM   178 N N   . LEU A 1 29  ? -1.540  -11.113 -4.085  1.00 20.79 ? 29   LEU A N   1 
ATOM   179 C CA  . LEU A 1 29  ? -1.638  -12.353 -3.313  1.00 22.67 ? 29   LEU A CA  1 
ATOM   180 C C   . LEU A 1 29  ? -2.506  -13.288 -4.112  1.00 22.49 ? 29   LEU A C   1 
ATOM   181 O O   . LEU A 1 29  ? -3.394  -12.849 -4.815  1.00 23.87 ? 29   LEU A O   1 
ATOM   182 C CB  . LEU A 1 29  ? -2.269  -12.103 -1.939  1.00 22.94 ? 29   LEU A CB  1 
ATOM   183 C CG  . LEU A 1 29  ? -1.419  -11.267 -0.973  1.00 27.20 ? 29   LEU A CG  1 
ATOM   184 C CD1 . LEU A 1 29  ? -2.001  -11.368 0.425   1.00 28.59 ? 29   LEU A CD1 1 
ATOM   185 C CD2 . LEU A 1 29  ? 0.069   -11.632 -0.963  1.00 29.32 ? 29   LEU A CD2 1 
ATOM   186 N N   . SER A 1 30  ? -2.235  -14.582 -4.018  1.00 26.79 ? 30   SER A N   1 
ATOM   187 C CA  . SER A 1 30  ? -3.018  -15.572 -4.768  1.00 27.65 ? 30   SER A CA  1 
ATOM   188 C C   . SER A 1 30  ? -4.348  -15.921 -4.085  1.00 27.91 ? 30   SER A C   1 
ATOM   189 O O   . SER A 1 30  ? -5.322  -16.166 -4.763  1.00 34.72 ? 30   SER A O   1 
ATOM   190 C CB  . SER A 1 30  ? -2.188  -16.836 -5.025  1.00 32.46 ? 30   SER A CB  1 
ATOM   191 O OG  . SER A 1 30  ? -1.652  -17.351 -3.824  1.00 42.98 ? 30   SER A OG  1 
ATOM   192 N N   . GLU A 1 31  ? -4.373  -15.887 -2.753  1.00 27.30 ? 31   GLU A N   1 
ATOM   193 C CA  . GLU A 1 31  ? -5.525  -16.327 -1.941  1.00 30.18 ? 31   GLU A CA  1 
ATOM   194 C C   . GLU A 1 31  ? -6.476  -15.221 -1.431  1.00 25.15 ? 31   GLU A C   1 
ATOM   195 O O   . GLU A 1 31  ? -7.495  -15.482 -0.765  1.00 29.58 ? 31   GLU A O   1 
ATOM   196 C CB  . GLU A 1 31  ? -4.991  -17.129 -0.722  1.00 31.00 ? 31   GLU A CB  1 
ATOM   197 C CG  . GLU A 1 31  ? -4.402  -16.307 0.447   1.00 35.50 ? 31   GLU A CG  1 
ATOM   198 C CD  . GLU A 1 31  ? -2.977  -15.773 0.222   1.00 30.59 ? 31   GLU A CD  1 
ATOM   199 O OE1 . GLU A 1 31  ? -2.474  -15.841 -0.914  1.00 37.20 ? 31   GLU A OE1 1 
ATOM   200 O OE2 . GLU A 1 31  ? -2.355  -15.294 1.204   1.00 48.00 ? 31   GLU A OE2 1 
ATOM   201 N N   . ARG A 1 32  ? -6.095  -13.979 -1.650  1.00 24.18 ? 32   ARG A N   1 
ATOM   202 C CA  . ARG A 1 32  ? -6.883  -12.841 -1.254  1.00 24.80 ? 32   ARG A CA  1 
ATOM   203 C C   . ARG A 1 32  ? -6.792  -11.887 -2.416  1.00 21.12 ? 32   ARG A C   1 
ATOM   204 O O   . ARG A 1 32  ? -5.774  -11.870 -3.154  1.00 21.08 ? 32   ARG A O   1 
ATOM   205 C CB  . ARG A 1 32  ? -6.272  -12.128 -0.028  1.00 26.19 ? 32   ARG A CB  1 
ATOM   206 C CG  . ARG A 1 32  ? -6.398  -12.859 1.296   1.00 28.14 ? 32   ARG A CG  1 
ATOM   207 C CD  . ARG A 1 32  ? -5.645  -12.110 2.384   1.00 23.29 ? 32   ARG A CD  1 
ATOM   208 N NE  . ARG A 1 32  ? -6.412  -10.970 2.878   1.00 23.13 ? 32   ARG A NE  1 
ATOM   209 C CZ  . ARG A 1 32  ? -5.934  -10.101 3.765   1.00 20.53 ? 32   ARG A CZ  1 
ATOM   210 N NH1 . ARG A 1 32  ? -4.694  -10.237 4.224   1.00 21.38 ? 32   ARG A NH1 1 
ATOM   211 N NH2 . ARG A 1 32  ? -6.697  -9.115  4.205   1.00 24.91 ? 32   ARG A NH2 1 
ATOM   212 N N   . ASP A 1 33  ? -7.815  -11.055 -2.541  1.00 19.20 ? 33   ASP A N   1 
ATOM   213 C CA  . ASP A 1 33  ? -7.762  -9.928  -3.469  1.00 21.72 ? 33   ASP A CA  1 
ATOM   214 C C   . ASP A 1 33  ? -7.080  -8.758  -2.799  1.00 21.09 ? 33   ASP A C   1 
ATOM   215 O O   . ASP A 1 33  ? -7.724  -7.837  -2.355  1.00 21.71 ? 33   ASP A O   1 
ATOM   216 C CB  . ASP A 1 33  ? -9.159  -9.526  -3.964  1.00 23.10 ? 33   ASP A CB  1 
ATOM   217 C CG  . ASP A 1 33  ? -9.105  -8.576  -5.147  1.00 24.81 ? 33   ASP A CG  1 
ATOM   218 O OD1 . ASP A 1 33  ? -8.025  -8.481  -5.797  1.00 28.46 ? 33   ASP A OD1 1 
ATOM   219 O OD2 . ASP A 1 33  ? -10.127 -7.888  -5.396  1.00 27.64 ? 33   ASP A OD2 1 
ATOM   220 N N   . ALA A 1 34  ? -5.760  -8.832  -2.767  1.00 19.36 ? 34   ALA A N   1 
ATOM   221 C CA  . ALA A 1 34  ? -4.920  -7.908  -2.024  1.00 16.43 ? 34   ALA A CA  1 
ATOM   222 C C   . ALA A 1 34  ? -3.592  -7.784  -2.749  1.00 15.52 ? 34   ALA A C   1 
ATOM   223 O O   . ALA A 1 34  ? -3.196  -8.677  -3.534  1.00 19.52 ? 34   ALA A O   1 
ATOM   224 C CB  . ALA A 1 34  ? -4.672  -8.428  -0.613  1.00 18.14 ? 34   ALA A CB  1 
ATOM   225 N N   . ILE A 1 35  ? -2.906  -6.684  -2.461  1.00 15.06 ? 35   ILE A N   1 
ATOM   226 C CA  . ILE A 1 35  ? -1.555  -6.476  -2.961  1.00 15.10 ? 35   ILE A CA  1 
ATOM   227 C C   . ILE A 1 35  ? -0.560  -6.380  -1.820  1.00 15.11 ? 35   ILE A C   1 
ATOM   228 O O   . ILE A 1 35  ? -0.951  -6.053  -0.693  1.00 15.34 ? 35   ILE A O   1 
ATOM   229 C CB  . ILE A 1 35  ? -1.474  -5.222  -3.881  1.00 15.99 ? 35   ILE A CB  1 
ATOM   230 C CG1 . ILE A 1 35  ? -1.944  -3.963  -3.143  1.00 16.29 ? 35   ILE A CG1 1 
ATOM   231 C CG2 . ILE A 1 35  ? -2.267  -5.478  -5.160  1.00 18.74 ? 35   ILE A CG2 1 
ATOM   232 C CD1 . ILE A 1 35  ? -1.768  -2.672  -3.910  1.00 18.14 ? 35   ILE A CD1 1 
ATOM   233 N N   . TYR A 1 36  ? 0.701   -6.707  -2.112  1.00 14.56 ? 36   TYR A N   1 
ATOM   234 C CA  . TYR A 1 36  ? 1.734   -6.846  -1.114  1.00 15.15 ? 36   TYR A CA  1 
ATOM   235 C C   . TYR A 1 36  ? 3.055   -6.279  -1.590  1.00 14.45 ? 36   TYR A C   1 
ATOM   236 O O   . TYR A 1 36  ? 3.418   -6.450  -2.770  1.00 16.26 ? 36   TYR A O   1 
ATOM   237 C CB  . TYR A 1 36  ? 1.957   -8.332  -0.820  1.00 17.12 ? 36   TYR A CB  1 
ATOM   238 C CG  . TYR A 1 36  ? 3.109   -8.619  0.089   1.00 17.70 ? 36   TYR A CG  1 
ATOM   239 C CD1 . TYR A 1 36  ? 2.954   -8.546  1.477   1.00 20.08 ? 36   TYR A CD1 1 
ATOM   240 C CD2 . TYR A 1 36  ? 4.362   -8.930  -0.419  1.00 18.81 ? 36   TYR A CD2 1 
ATOM   241 C CE1 . TYR A 1 36  ? 4.010   -8.801  2.317   1.00 21.55 ? 36   TYR A CE1 1 
ATOM   242 C CE2 . TYR A 1 36  ? 5.442   -9.190  0.424   1.00 20.95 ? 36   TYR A CE2 1 
ATOM   243 C CZ  . TYR A 1 36  ? 5.252   -9.134  1.798   1.00 21.93 ? 36   TYR A CZ  1 
ATOM   244 O OH  . TYR A 1 36  ? 6.271   -9.389  2.705   1.00 22.86 ? 36   TYR A OH  1 
ATOM   245 N N   . LYS A 1 37  ? 3.785   -5.606  -0.702  1.00 14.04 ? 37   LYS A N   1 
ATOM   246 C CA  . LYS A 1 37  ? 5.162   -5.235  -0.983  1.00 14.60 ? 37   LYS A CA  1 
ATOM   247 C C   . LYS A 1 37  ? 5.990   -5.099  0.279   1.00 15.78 ? 37   LYS A C   1 
ATOM   248 O O   . LYS A 1 37  ? 5.489   -4.577  1.265   1.00 16.06 ? 37   LYS A O   1 
ATOM   249 C CB  . LYS A 1 37  ? 5.223   -3.908  -1.763  1.00 14.97 ? 37   LYS A CB  1 
ATOM   250 C CG  . LYS A 1 37  ? 6.636   -3.455  -2.096  1.00 15.09 ? 37   LYS A CG  1 
ATOM   251 C CD  . LYS A 1 37  ? 6.699   -2.246  -3.028  1.00 16.13 ? 37   LYS A CD  1 
ATOM   252 C CE  . LYS A 1 37  ? 8.098   -1.697  -3.158  1.00 18.27 ? 37   LYS A CE  1 
ATOM   253 N NZ  . LYS A 1 37  ? 8.142   -0.504  -4.042  1.00 17.69 ? 37   LYS A NZ  1 
ATOM   254 N N   . GLU A 1 38  ? 7.230   -5.596  0.224   1.00 15.24 ? 38   GLU A N   1 
ATOM   255 C CA  . GLU A 1 38  ? 8.243   -5.350  1.248   1.00 15.91 ? 38   GLU A CA  1 
ATOM   256 C C   . GLU A 1 38  ? 9.153   -4.190  0.888   1.00 16.92 ? 38   GLU A C   1 
ATOM   257 O O   . GLU A 1 38  ? 9.695   -4.107  -0.223  1.00 19.55 ? 38   GLU A O   1 
ATOM   258 C CB  . GLU A 1 38  ? 9.067   -6.619  1.517   1.00 19.14 ? 38   GLU A CB  1 
ATOM   259 C CG  . GLU A 1 38  ? 10.116  -6.441  2.628   1.00 23.13 ? 38   GLU A CG  1 
ATOM   260 C CD  . GLU A 1 38  ? 10.902  -7.704  2.859   1.00 30.67 ? 38   GLU A CD  1 
ATOM   261 O OE1 . GLU A 1 38  ? 10.383  -8.586  3.530   1.00 37.08 ? 38   GLU A OE1 1 
ATOM   262 O OE2 . GLU A 1 38  ? 12.018  -7.816  2.341   1.00 38.80 ? 38   GLU A OE2 1 
ATOM   263 N N   . PHE A 1 39  ? 9.303   -3.283  1.833   1.00 16.35 ? 39   PHE A N   1 
ATOM   264 C CA  . PHE A 1 39  ? 10.196  -2.135  1.750   1.00 17.03 ? 39   PHE A CA  1 
ATOM   265 C C   . PHE A 1 39  ? 11.373  -2.367  2.682   1.00 18.36 ? 39   PHE A C   1 
ATOM   266 O O   . PHE A 1 39  ? 11.197  -2.881  3.803   1.00 18.10 ? 39   PHE A O   1 
ATOM   267 C CB  . PHE A 1 39  ? 9.458   -0.859  2.172   1.00 16.98 ? 39   PHE A CB  1 
ATOM   268 C CG  . PHE A 1 39  ? 8.349   -0.493  1.259   1.00 15.94 ? 39   PHE A CG  1 
ATOM   269 C CD1 . PHE A 1 39  ? 7.084   -1.080  1.358   1.00 16.67 ? 39   PHE A CD1 1 
ATOM   270 C CD2 . PHE A 1 39  ? 8.577   0.424   0.249   1.00 17.00 ? 39   PHE A CD2 1 
ATOM   271 C CE1 . PHE A 1 39  ? 6.089   -0.749  0.462   1.00 18.19 ? 39   PHE A CE1 1 
ATOM   272 C CE2 . PHE A 1 39  ? 7.573   0.771   -0.630  1.00 17.25 ? 39   PHE A CE2 1 
ATOM   273 C CZ  . PHE A 1 39  ? 6.336   0.189   -0.529  1.00 18.04 ? 39   PHE A CZ  1 
ATOM   274 N N   . SER A 1 40  ? 12.572  -2.034  2.227   1.00 17.47 ? 40   SER A N   1 
ATOM   275 C CA  . SER A 1 40  ? 13.763  -2.145  3.034   1.00 17.16 ? 40   SER A CA  1 
ATOM   276 C C   . SER A 1 40  ? 14.501  -0.837  3.050   1.00 18.16 ? 40   SER A C   1 
ATOM   277 O O   . SER A 1 40  ? 15.021  -0.386  2.021   1.00 23.75 ? 40   SER A O   1 
ATOM   278 C CB  . SER A 1 40  ? 14.641  -3.274  2.522   1.00 22.92 ? 40   SER A CB  1 
ATOM   279 O OG  . SER A 1 40  ? 15.812  -3.375  3.297   1.00 29.44 ? 40   SER A OG  1 
ATOM   280 N N   . PHE A 1 41  ? 14.535  -0.201  4.214   1.00 16.70 ? 41   PHE A N   1 
ATOM   281 C CA  . PHE A 1 41  ? 15.192  1.067   4.411   1.00 16.85 ? 41   PHE A CA  1 
ATOM   282 C C   . PHE A 1 41  ? 16.594  0.828   5.000   1.00 16.24 ? 41   PHE A C   1 
ATOM   283 O O   . PHE A 1 41  ? 17.007  -0.322  5.165   1.00 18.95 ? 41   PHE A O   1 
ATOM   284 C CB  . PHE A 1 41  ? 14.338  2.003   5.288   1.00 15.98 ? 41   PHE A CB  1 
ATOM   285 C CG  . PHE A 1 41  ? 12.988  2.288   4.692   1.00 17.48 ? 41   PHE A CG  1 
ATOM   286 C CD1 . PHE A 1 41  ? 12.832  3.300   3.746   1.00 18.68 ? 41   PHE A CD1 1 
ATOM   287 C CD2 . PHE A 1 41  ? 11.892  1.501   5.008   1.00 16.28 ? 41   PHE A CD2 1 
ATOM   288 C CE1 . PHE A 1 41  ? 11.598  3.534   3.163   1.00 19.69 ? 41   PHE A CE1 1 
ATOM   289 C CE2 . PHE A 1 41  ? 10.661  1.742   4.436   1.00 15.28 ? 41   PHE A CE2 1 
ATOM   290 C CZ  . PHE A 1 41  ? 10.502  2.760   3.505   1.00 17.40 ? 41   PHE A CZ  1 
ATOM   291 N N   . HIS A 1 42  ? 17.308  1.894   5.328   1.00 19.34 ? 42   HIS A N   1 
ATOM   292 C CA  . HIS A 1 42  ? 18.635  1.762   5.910   1.00 20.99 ? 42   HIS A CA  1 
ATOM   293 C C   . HIS A 1 42  ? 18.550  1.452   7.395   1.00 20.12 ? 42   HIS A C   1 
ATOM   294 O O   . HIS A 1 42  ? 19.395  0.744   7.955   1.00 22.88 ? 42   HIS A O   1 
ATOM   295 C CB  . HIS A 1 42  ? 19.436  3.050   5.716   1.00 25.31 ? 42   HIS A CB  1 
ATOM   296 C CG  . HIS A 1 42  ? 20.824  2.992   6.279   1.00 34.55 ? 42   HIS A CG  1 
ATOM   297 N ND1 . HIS A 1 42  ? 21.797  2.151   5.775   1.00 42.20 ? 42   HIS A ND1 1 
ATOM   298 C CD2 . HIS A 1 42  ? 21.403  3.669   7.299   1.00 40.67 ? 42   HIS A CD2 1 
ATOM   299 C CE1 . HIS A 1 42  ? 22.914  2.313   6.465   1.00 46.89 ? 42   HIS A CE1 1 
ATOM   300 N NE2 . HIS A 1 42  ? 22.704  3.234   7.388   1.00 50.90 ? 42   HIS A NE2 1 
ATOM   301 N N   . ASN A 1 43  ? 17.503  1.971   8.041   1.00 17.24 ? 43   ASN A N   1 
ATOM   302 C CA  . ASN A 1 43  ? 17.405  1.863   9.484   1.00 15.63 ? 43   ASN A CA  1 
ATOM   303 C C   . ASN A 1 43  ? 15.951  2.069   9.931   1.00 13.92 ? 43   ASN A C   1 
ATOM   304 O O   . ASN A 1 43  ? 15.069  2.246   9.115   1.00 15.80 ? 43   ASN A O   1 
ATOM   305 C CB  . ASN A 1 43  ? 18.401  2.821   10.185  1.00 16.12 ? 43   ASN A CB  1 
ATOM   306 C CG  . ASN A 1 43  ? 18.176  4.249   9.845   1.00 18.93 ? 43   ASN A CG  1 
ATOM   307 O OD1 . ASN A 1 43  ? 17.076  4.650   9.601   1.00 17.75 ? 43   ASN A OD1 1 
ATOM   308 N ND2 . ASN A 1 43  ? 19.230  5.022   9.800   1.00 28.12 ? 43   ASN A ND2 1 
ATOM   309 N N   . PHE A 1 44  ? 15.723  1.983   11.234  1.00 14.30 ? 44   PHE A N   1 
ATOM   310 C CA  . PHE A 1 44  ? 14.377  2.121   11.791  1.00 14.11 ? 44   PHE A CA  1 
ATOM   311 C C   . PHE A 1 44  ? 13.934  3.568   11.780  1.00 13.79 ? 44   PHE A C   1 
ATOM   312 O O   . PHE A 1 44  ? 12.750  3.847   11.633  1.00 14.56 ? 44   PHE A O   1 
ATOM   313 C CB  . PHE A 1 44  ? 14.341  1.574   13.207  1.00 14.59 ? 44   PHE A CB  1 
ATOM   314 C CG  . PHE A 1 44  ? 13.022  1.754   13.920  1.00 12.83 ? 44   PHE A CG  1 
ATOM   315 C CD1 . PHE A 1 44  ? 11.966  0.913   13.661  1.00 14.63 ? 44   PHE A CD1 1 
ATOM   316 C CD2 . PHE A 1 44  ? 12.883  2.699   14.903  1.00 13.56 ? 44   PHE A CD2 1 
ATOM   317 C CE1 . PHE A 1 44  ? 10.768  1.050   14.359  1.00 13.77 ? 44   PHE A CE1 1 
ATOM   318 C CE2 . PHE A 1 44  ? 11.702  2.840   15.609  1.00 14.17 ? 44   PHE A CE2 1 
ATOM   319 C CZ  . PHE A 1 44  ? 10.651  2.015   15.325  1.00 14.00 ? 44   PHE A CZ  1 
ATOM   320 N N   . ASN A 1 45  ? 14.852  4.500   11.982  1.00 14.16 ? 45   ASN A N   1 
ATOM   321 C CA  . ASN A 1 45  ? 14.497  5.899   11.894  1.00 13.01 ? 45   ASN A CA  1 
ATOM   322 C C   . ASN A 1 45  ? 13.771  6.198   10.566  1.00 14.13 ? 45   ASN A C   1 
ATOM   323 O O   . ASN A 1 45  ? 12.676  6.786   10.504  1.00 14.48 ? 45   ASN A O   1 
ATOM   324 C CB  . ASN A 1 45  ? 15.700  6.782   12.160  1.00 15.02 ? 45   ASN A CB  1 
ATOM   325 C CG  . ASN A 1 45  ? 15.344  8.250   12.143  1.00 14.50 ? 45   ASN A CG  1 
ATOM   326 O OD1 . ASN A 1 45  ? 15.031  8.783   11.076  1.00 17.07 ? 45   ASN A OD1 1 
ATOM   327 N ND2 . ASN A 1 45  ? 15.338  8.887   13.302  1.00 15.24 ? 45   ASN A ND2 1 
ATOM   328 N N   . GLN A 1 46  ? 14.374  5.754   9.477   1.00 14.43 ? 46   GLN A N   1 
ATOM   329 C CA  . GLN A 1 46  ? 13.776  5.910   8.158   1.00 14.73 ? 46   GLN A CA  1 
ATOM   330 C C   . GLN A 1 46  ? 12.465  5.122   8.050   1.00 13.38 ? 46   GLN A C   1 
ATOM   331 O O   . GLN A 1 46  ? 11.449  5.646   7.553   1.00 15.44 ? 46   GLN A O   1 
ATOM   332 C CB  . GLN A 1 46  ? 14.739  5.399   7.065   1.00 17.13 ? 46   GLN A CB  1 
ATOM   333 C CG  . GLN A 1 46  ? 15.950  6.274   6.862   1.00 18.79 ? 46   GLN A CG  1 
ATOM   334 C CD  . GLN A 1 46  ? 16.877  5.748   5.793   1.00 23.82 ? 46   GLN A CD  1 
ATOM   335 O OE1 . GLN A 1 46  ? 16.638  4.721   5.184   1.00 22.61 ? 46   GLN A OE1 1 
ATOM   336 N NE2 . GLN A 1 46  ? 17.959  6.452   5.595   1.00 29.04 ? 46   GLN A NE2 1 
ATOM   337 N N   . ALA A 1 47  ? 12.466  3.854   8.484   1.00 14.71 ? 47   ALA A N   1 
ATOM   338 C CA  . ALA A 1 47  ? 11.291  3.028   8.340   1.00 14.63 ? 47   ALA A CA  1 
ATOM   339 C C   . ALA A 1 47  ? 10.107  3.613   9.113   1.00 13.79 ? 47   ALA A C   1 
ATOM   340 O O   . ALA A 1 47  ? 8.983   3.626   8.609   1.00 14.38 ? 47   ALA A O   1 
ATOM   341 C CB  . ALA A 1 47  ? 11.562  1.594   8.779   1.00 14.66 ? 47   ALA A CB  1 
ATOM   342 N N   . PHE A 1 48  ? 10.343  4.043   10.349  1.00 12.91 ? 48   PHE A N   1 
ATOM   343 C CA  . PHE A 1 48  ? 9.249   4.563   11.141  1.00 13.19 ? 48   PHE A CA  1 
ATOM   344 C C   . PHE A 1 48  ? 8.815   5.971   10.699  1.00 13.14 ? 48   PHE A C   1 
ATOM   345 O O   . PHE A 1 48  ? 7.623   6.319   10.785  1.00 13.84 ? 48   PHE A O   1 
ATOM   346 C CB  . PHE A 1 48  ? 9.533   4.513   12.643  1.00 13.69 ? 48   PHE A CB  1 
ATOM   347 C CG  . PHE A 1 48  ? 8.263   4.607   13.461  1.00 14.52 ? 48   PHE A CG  1 
ATOM   348 C CD1 . PHE A 1 48  ? 7.460   3.496   13.606  1.00 15.47 ? 48   PHE A CD1 1 
ATOM   349 C CD2 . PHE A 1 48  ? 7.845   5.825   13.939  1.00 14.72 ? 48   PHE A CD2 1 
ATOM   350 C CE1 . PHE A 1 48  ? 6.255   3.593   14.294  1.00 16.42 ? 48   PHE A CE1 1 
ATOM   351 C CE2 . PHE A 1 48  ? 6.601   5.931   14.589  1.00 16.32 ? 48   PHE A CE2 1 
ATOM   352 C CZ  . PHE A 1 48  ? 5.847   4.817   14.757  1.00 15.25 ? 48   PHE A CZ  1 
ATOM   353 N N   . GLY A 1 49  ? 9.746   6.777   10.191  1.00 14.90 ? 49   GLY A N   1 
ATOM   354 C CA  . GLY A 1 49  ? 9.362   8.048   9.590   1.00 14.27 ? 49   GLY A CA  1 
ATOM   355 C C   . GLY A 1 49  ? 8.412   7.796   8.421   1.00 14.04 ? 49   GLY A C   1 
ATOM   356 O O   . GLY A 1 49  ? 7.402   8.502   8.248   1.00 14.84 ? 49   GLY A O   1 
ATOM   357 N N   . PHE A 1 50  ? 8.748   6.796   7.601   1.00 12.64 ? 50   PHE A N   1 
ATOM   358 C CA  . PHE A 1 50  ? 7.898   6.376   6.477   1.00 13.63 ? 50   PHE A CA  1 
ATOM   359 C C   . PHE A 1 50  ? 6.535   5.908   6.999   1.00 12.48 ? 50   PHE A C   1 
ATOM   360 O O   . PHE A 1 50  ? 5.484   6.341   6.511   1.00 13.22 ? 50   PHE A O   1 
ATOM   361 C CB  . PHE A 1 50  ? 8.617   5.293   5.691   1.00 14.48 ? 50   PHE A CB  1 
ATOM   362 C CG  . PHE A 1 50  ? 7.727   4.395   4.884   1.00 14.02 ? 50   PHE A CG  1 
ATOM   363 C CD1 . PHE A 1 50  ? 7.271   4.792   3.644   1.00 14.57 ? 50   PHE A CD1 1 
ATOM   364 C CD2 . PHE A 1 50  ? 7.480   3.105   5.302   1.00 16.76 ? 50   PHE A CD2 1 
ATOM   365 C CE1 . PHE A 1 50  ? 6.531   3.925   2.868   1.00 15.36 ? 50   PHE A CE1 1 
ATOM   366 C CE2 . PHE A 1 50  ? 6.783   2.232   4.527   1.00 15.74 ? 50   PHE A CE2 1 
ATOM   367 C CZ  . PHE A 1 50  ? 6.309   2.644   3.287   1.00 17.07 ? 50   PHE A CZ  1 
ATOM   368 N N   . MET A 1 51  ? 6.549   5.067   8.046   1.00 13.32 ? 51   MET A N   1 
ATOM   369 C CA  . MET A 1 51  ? 5.277   4.592   8.615   1.00 13.39 ? 51   MET A CA  1 
ATOM   370 C C   . MET A 1 51  ? 4.420   5.755   9.123   1.00 12.82 ? 51   MET A C   1 
ATOM   371 O O   . MET A 1 51  ? 3.187   5.745   8.991   1.00 13.23 ? 51   MET A O   1 
ATOM   372 C CB  . MET A 1 51  ? 5.533   3.578   9.705   1.00 12.64 ? 51   MET A CB  1 
ATOM   373 C CG  . MET A 1 51  ? 6.044   2.239   9.183   1.00 13.55 ? 51   MET A CG  1 
ATOM   374 S SD  . MET A 1 51  ? 6.519   1.068   10.473  1.00 15.29 ? 51   MET A SD  1 
ATOM   375 C CE  . MET A 1 51  ? 4.895   0.589   11.047  1.00 17.06 ? 51   MET A CE  1 
ATOM   376 N N   . SER A 1 52  ? 5.052   6.766   9.706   1.00 13.05 ? 52   SER A N   1 
ATOM   377 C CA  A SER A 1 52  ? 4.317   7.894   10.228  0.50 12.88 ? 52   SER A CA  1 
ATOM   378 C CA  B SER A 1 52  ? 4.313   7.911   10.227  0.50 13.69 ? 52   SER A CA  1 
ATOM   379 C C   . SER A 1 52  ? 3.570   8.648   9.113   1.00 13.14 ? 52   SER A C   1 
ATOM   380 O O   . SER A 1 52  ? 2.414   9.023   9.274   1.00 13.20 ? 52   SER A O   1 
ATOM   381 C CB  A SER A 1 52  ? 5.241   8.792   11.015  0.50 12.79 ? 52   SER A CB  1 
ATOM   382 C CB  B SER A 1 52  ? 5.189   8.859   11.040  0.50 16.69 ? 52   SER A CB  1 
ATOM   383 O OG  A SER A 1 52  ? 5.680   8.130   12.208  0.50 13.41 ? 52   SER A OG  1 
ATOM   384 O OG  B SER A 1 52  ? 5.989   9.723   10.255  0.50 18.66 ? 52   SER A OG  1 
ATOM   385 N N   . ARG A 1 53  ? 4.226   8.809   7.963   1.00 12.27 ? 53   ARG A N   1 
ATOM   386 C CA  . ARG A 1 53  ? 3.572   9.430   6.810   1.00 13.10 ? 53   ARG A CA  1 
ATOM   387 C C   . ARG A 1 53  ? 2.401   8.588   6.324   1.00 13.58 ? 53   ARG A C   1 
ATOM   388 O O   . ARG A 1 53  ? 1.329   9.103   5.980   1.00 13.60 ? 53   ARG A O   1 
ATOM   389 C CB  . ARG A 1 53  ? 4.569   9.657   5.665   1.00 13.89 ? 53   ARG A CB  1 
ATOM   390 C CG  . ARG A 1 53  ? 5.627   10.687  6.023   1.00 14.25 ? 53   ARG A CG  1 
ATOM   391 C CD  . ARG A 1 53  ? 6.406   11.178  4.815   1.00 15.33 ? 53   ARG A CD  1 
ATOM   392 N NE  . ARG A 1 53  ? 5.502   11.885  3.943   1.00 17.14 ? 53   ARG A NE  1 
ATOM   393 C CZ  . ARG A 1 53  ? 5.739   12.192  2.683   1.00 17.07 ? 53   ARG A CZ  1 
ATOM   394 N NH1 . ARG A 1 53  ? 6.897   11.893  2.127   1.00 19.83 ? 53   ARG A NH1 1 
ATOM   395 N NH2 . ARG A 1 53  ? 4.806   12.840  2.020   1.00 19.97 ? 53   ARG A NH2 1 
ATOM   396 N N   . VAL A 1 54  ? 2.608   7.285   6.252   1.00 13.38 ? 54   VAL A N   1 
ATOM   397 C CA  . VAL A 1 54  ? 1.536   6.409   5.826   1.00 12.99 ? 54   VAL A CA  1 
ATOM   398 C C   . VAL A 1 54  ? 0.359   6.440   6.800   1.00 13.31 ? 54   VAL A C   1 
ATOM   399 O O   . VAL A 1 54  ? -0.808  6.413   6.401   1.00 14.27 ? 54   VAL A O   1 
ATOM   400 C CB  . VAL A 1 54  ? 2.061   4.984   5.599   1.00 13.81 ? 54   VAL A CB  1 
ATOM   401 C CG1 . VAL A 1 54  ? 0.957   4.008   5.236   1.00 14.03 ? 54   VAL A CG1 1 
ATOM   402 C CG2 . VAL A 1 54  ? 3.134   4.977   4.514   1.00 15.29 ? 54   VAL A CG2 1 
ATOM   403 N N   . ALA A 1 55  ? 0.666   6.457   8.091   1.00 13.69 ? 55   ALA A N   1 
ATOM   404 C CA  . ALA A 1 55  ? -0.383  6.531   9.125   1.00 12.56 ? 55   ALA A CA  1 
ATOM   405 C C   . ALA A 1 55  ? -1.231  7.780   8.985   1.00 13.10 ? 55   ALA A C   1 
ATOM   406 O O   . ALA A 1 55  ? -2.452  7.719   9.125   1.00 13.68 ? 55   ALA A O   1 
ATOM   407 C CB  . ALA A 1 55  ? 0.256   6.482   10.496  1.00 13.14 ? 55   ALA A CB  1 
ATOM   408 N N   . LEU A 1 56  ? -0.593  8.913   8.767   1.00 13.87 ? 56   LEU A N   1 
ATOM   409 C CA  A LEU A 1 56  ? -1.287  10.164  8.544   0.50 14.15 ? 56   LEU A CA  1 
ATOM   410 C CA  B LEU A 1 56  ? -1.323  10.148  8.568   0.50 14.55 ? 56   LEU A CA  1 
ATOM   411 C C   . LEU A 1 56  ? -2.256  10.018  7.366   1.00 14.98 ? 56   LEU A C   1 
ATOM   412 O O   . LEU A 1 56  ? -3.428  10.408  7.445   1.00 14.75 ? 56   LEU A O   1 
ATOM   413 C CB  A LEU A 1 56  ? -0.270  11.278  8.291   0.50 15.48 ? 56   LEU A CB  1 
ATOM   414 C CB  B LEU A 1 56  ? -0.380  11.334  8.413   0.50 17.36 ? 56   LEU A CB  1 
ATOM   415 C CG  A LEU A 1 56  ? 0.539   11.724  9.518   0.50 13.54 ? 56   LEU A CG  1 
ATOM   416 C CG  B LEU A 1 56  ? -0.076  12.121  9.694   0.50 19.19 ? 56   LEU A CG  1 
ATOM   417 C CD1 A LEU A 1 56  ? 1.827   12.454  9.143   0.50 15.37 ? 56   LEU A CD1 1 
ATOM   418 C CD1 B LEU A 1 56  ? 0.310   11.232  10.868  0.50 17.86 ? 56   LEU A CD1 1 
ATOM   419 C CD2 A LEU A 1 56  ? -0.355  12.578  10.401  0.50 14.93 ? 56   LEU A CD2 1 
ATOM   420 C CD2 B LEU A 1 56  ? 0.995   13.143  9.396   0.50 22.64 ? 56   LEU A CD2 1 
ATOM   421 N N   . GLN A 1 57  ? -1.747  9.452   6.272   1.00 14.23 ? 57   GLN A N   1 
ATOM   422 C CA  . GLN A 1 57  ? -2.571  9.301   5.075   1.00 14.85 ? 57   GLN A CA  1 
ATOM   423 C C   . GLN A 1 57  ? -3.696  8.302   5.318   1.00 14.91 ? 57   GLN A C   1 
ATOM   424 O O   . GLN A 1 57  ? -4.813  8.465   4.784   1.00 15.69 ? 57   GLN A O   1 
ATOM   425 C CB  . GLN A 1 57  ? -1.721  8.914   3.874   1.00 15.20 ? 57   GLN A CB  1 
ATOM   426 C CG  . GLN A 1 57  ? -2.492  8.869   2.544   1.00 16.62 ? 57   GLN A CG  1 
ATOM   427 C CD  . GLN A 1 57  ? -2.863  10.236  2.063   1.00 20.80 ? 57   GLN A CD  1 
ATOM   428 O OE1 . GLN A 1 57  ? -2.414  11.254  2.599   1.00 20.89 ? 57   GLN A OE1 1 
ATOM   429 N NE2 . GLN A 1 57  ? -3.675  10.283  1.025   1.00 27.54 ? 57   GLN A NE2 1 
ATOM   430 N N   . ALA A 1 58  ? -3.434  7.217   6.062   1.00 14.79 ? 58   ALA A N   1 
ATOM   431 C CA  . ALA A 1 58  ? -4.475  6.241   6.397   1.00 15.26 ? 58   ALA A CA  1 
ATOM   432 C C   . ALA A 1 58  ? -5.655  6.926   7.111   1.00 15.32 ? 58   ALA A C   1 
ATOM   433 O O   . ALA A 1 58  ? -6.823  6.621   6.849   1.00 16.80 ? 58   ALA A O   1 
ATOM   434 C CB  . ALA A 1 58  ? -3.898  5.142   7.279   1.00 14.91 ? 58   ALA A CB  1 
ATOM   435 N N   . GLU A 1 59  ? -5.363  7.851   8.013   1.00 15.63 ? 59   GLU A N   1 
ATOM   436 C CA  . GLU A 1 59  ? -6.422  8.566   8.720   1.00 16.34 ? 59   GLU A CA  1 
ATOM   437 C C   . GLU A 1 59  ? -7.098  9.602   7.836   1.00 17.53 ? 59   GLU A C   1 
ATOM   438 O O   . GLU A 1 59  ? -8.321  9.770   7.905   1.00 19.29 ? 59   GLU A O   1 
ATOM   439 C CB  . GLU A 1 59  ? -5.921  9.194   10.024  1.00 17.05 ? 59   GLU A CB  1 
ATOM   440 C CG  . GLU A 1 59  ? -5.756  8.179   11.142  1.00 16.34 ? 59   GLU A CG  1 
ATOM   441 C CD  . GLU A 1 59  ? -7.075  7.596   11.603  1.00 16.25 ? 59   GLU A CD  1 
ATOM   442 O OE1 . GLU A 1 59  ? -7.941  8.383   12.044  1.00 20.27 ? 59   GLU A OE1 1 
ATOM   443 O OE2 . GLU A 1 59  ? -7.262  6.361   11.498  1.00 16.75 ? 59   GLU A OE2 1 
ATOM   444 N N   . LYS A 1 60  ? -6.333  10.259  6.975   1.00 17.07 ? 60   LYS A N   1 
ATOM   445 C CA  . LYS A 1 60  ? -6.936  11.185  6.003   1.00 17.10 ? 60   LYS A CA  1 
ATOM   446 C C   . LYS A 1 60  ? -7.970  10.464  5.126   1.00 18.39 ? 60   LYS A C   1 
ATOM   447 O O   . LYS A 1 60  ? -9.033  10.989  4.869   1.00 20.05 ? 60   LYS A O   1 
ATOM   448 C CB  . LYS A 1 60  ? -5.858  11.792  5.116   1.00 16.63 ? 60   LYS A CB  1 
ATOM   449 C CG  . LYS A 1 60  ? -6.398  12.784  4.121   1.00 18.63 ? 60   LYS A CG  1 
ATOM   450 C CD  . LYS A 1 60  ? -5.296  13.519  3.368   1.00 22.35 ? 60   LYS A CD  1 
ATOM   451 C CE  . LYS A 1 60  ? -5.840  14.481  2.338   1.00 25.97 ? 60   LYS A CE  1 
ATOM   452 N NZ  . LYS A 1 60  ? -4.722  15.190  1.673   1.00 32.93 ? 60   LYS A NZ  1 
ATOM   453 N N   . MET A 1 61  ? -7.653  9.237   4.716   1.00 15.99 ? 61   MET A N   1 
ATOM   454 C CA  . MET A 1 61  ? -8.447  8.428   3.761   1.00 17.86 ? 61   MET A CA  1 
ATOM   455 C C   . MET A 1 61  ? -9.426  7.473   4.392   1.00 19.59 ? 61   MET A C   1 
ATOM   456 O O   . MET A 1 61  ? -10.250 6.874   3.678   1.00 22.02 ? 61   MET A O   1 
ATOM   457 C CB  . MET A 1 61  ? -7.507  7.530   2.944   1.00 21.26 ? 61   MET A CB  1 
ATOM   458 C CG  . MET A 1 61  ? -6.596  8.243   1.974   1.00 22.81 ? 61   MET A CG  1 
ATOM   459 S SD  . MET A 1 61  ? -5.641  6.967   1.111   1.00 22.70 ? 61   MET A SD  1 
ATOM   460 C CE  . MET A 1 61  ? -6.881  6.061   0.170   1.00 20.48 ? 61   MET A CE  1 
ATOM   461 N N   . ASN A 1 62  ? -9.322  7.272   5.710   1.00 18.94 ? 62   ASN A N   1 
ATOM   462 C CA  . ASN A 1 62  ? -9.989  6.184   6.393   1.00 20.47 ? 62   ASN A CA  1 
ATOM   463 C C   . ASN A 1 62  ? -9.761  4.863   5.690   1.00 20.00 ? 62   ASN A C   1 
ATOM   464 O O   . ASN A 1 62  ? -10.704 4.146   5.316   1.00 23.32 ? 62   ASN A O   1 
ATOM   465 C CB  . ASN A 1 62  ? -11.488 6.460   6.604   1.00 21.56 ? 62   ASN A CB  1 
ATOM   466 C CG  . ASN A 1 62  ? -12.122 5.540   7.636   1.00 29.36 ? 62   ASN A CG  1 
ATOM   467 O OD1 . ASN A 1 62  ? -11.460 4.758   8.326   1.00 32.37 ? 62   ASN A OD1 1 
ATOM   468 N ND2 . ASN A 1 62  ? -13.427 5.645   7.755   1.00 40.48 ? 62   ASN A ND2 1 
ATOM   469 N N   . HIS A 1 63  ? -8.484  4.531   5.497   1.00 16.96 ? 63   HIS A N   1 
ATOM   470 C CA  . HIS A 1 63  ? -8.108  3.322   4.794   1.00 16.75 ? 63   HIS A CA  1 
ATOM   471 C C   . HIS A 1 63  ? -6.768  2.870   5.343   1.00 15.94 ? 63   HIS A C   1 
ATOM   472 O O   . HIS A 1 63  ? -5.802  3.617   5.266   1.00 17.32 ? 63   HIS A O   1 
ATOM   473 C CB  . HIS A 1 63  ? -8.003  3.554   3.280   1.00 17.56 ? 63   HIS A CB  1 
ATOM   474 C CG  . HIS A 1 63  ? -8.019  2.287   2.507   1.00 20.90 ? 63   HIS A CG  1 
ATOM   475 N ND1 . HIS A 1 63  ? -9.140  1.497   2.410   1.00 27.36 ? 63   HIS A ND1 1 
ATOM   476 C CD2 . HIS A 1 63  ? -7.053  1.664   1.805   1.00 21.35 ? 63   HIS A CD2 1 
ATOM   477 C CE1 . HIS A 1 63  ? -8.860  0.436   1.682   1.00 25.18 ? 63   HIS A CE1 1 
ATOM   478 N NE2 . HIS A 1 63  ? -7.599  0.507   1.312   1.00 22.20 ? 63   HIS A NE2 1 
ATOM   479 N N   . HIS A 1 64  ? -6.743  1.665   5.918   1.00 15.34 ? 64   HIS A N   1 
ATOM   480 C CA  . HIS A 1 64  ? -5.630  1.232   6.773   1.00 14.74 ? 64   HIS A CA  1 
ATOM   481 C C   . HIS A 1 64  ? -4.890  0.021   6.250   1.00 14.89 ? 64   HIS A C   1 
ATOM   482 O O   . HIS A 1 64  ? -5.504  -0.953  5.792   1.00 18.23 ? 64   HIS A O   1 
ATOM   483 C CB  . HIS A 1 64  ? -6.134  0.975   8.194   1.00 16.28 ? 64   HIS A CB  1 
ATOM   484 C CG  . HIS A 1 64  ? -6.714  2.190   8.818   1.00 15.95 ? 64   HIS A CG  1 
ATOM   485 N ND1 . HIS A 1 64  ? -8.027  2.556   8.636   1.00 17.13 ? 64   HIS A ND1 1 
ATOM   486 C CD2 . HIS A 1 64  ? -6.154  3.153   9.582   1.00 15.92 ? 64   HIS A CD2 1 
ATOM   487 C CE1 . HIS A 1 64  ? -8.239  3.712   9.225   1.00 18.69 ? 64   HIS A CE1 1 
ATOM   488 N NE2 . HIS A 1 64  ? -7.126  4.087   9.826   1.00 16.21 ? 64   HIS A NE2 1 
ATOM   489 N N   . PRO A 1 65  ? -3.543  0.072   6.348   1.00 14.52 ? 65   PRO A N   1 
ATOM   490 C CA  . PRO A 1 65  ? -2.730  -1.048  5.900   1.00 15.10 ? 65   PRO A CA  1 
ATOM   491 C C   . PRO A 1 65  ? -2.739  -2.202  6.897   1.00 15.05 ? 65   PRO A C   1 
ATOM   492 O O   . PRO A 1 65  ? -2.975  -2.011  8.089   1.00 15.47 ? 65   PRO A O   1 
ATOM   493 C CB  . PRO A 1 65  ? -1.313  -0.442  5.832   1.00 15.63 ? 65   PRO A CB  1 
ATOM   494 C CG  . PRO A 1 65  ? -1.312  0.626   6.885   1.00 16.97 ? 65   PRO A CG  1 
ATOM   495 C CD  . PRO A 1 65  ? -2.735  1.179   6.891   1.00 14.47 ? 65   PRO A CD  1 
ATOM   496 N N   . GLU A 1 66  ? -2.453  -3.389  6.410   1.00 14.87 ? 66   GLU A N   1 
ATOM   497 C CA  . GLU A 1 66  ? -1.935  -4.472  7.228   1.00 15.55 ? 66   GLU A CA  1 
ATOM   498 C C   . GLU A 1 66  ? -0.451  -4.438  7.065   1.00 16.11 ? 66   GLU A C   1 
ATOM   499 O O   . GLU A 1 66  ? 0.050   -4.580  5.958   1.00 18.04 ? 66   GLU A O   1 
ATOM   500 C CB  . GLU A 1 66  ? -2.440  -5.819  6.743   1.00 16.21 ? 66   GLU A CB  1 
ATOM   501 C CG  . GLU A 1 66  ? -3.936  -5.939  6.778   1.00 20.08 ? 66   GLU A CG  1 
ATOM   502 C CD  . GLU A 1 66  ? -4.458  -7.195  6.108   1.00 23.98 ? 66   GLU A CD  1 
ATOM   503 O OE1 . GLU A 1 66  ? -3.685  -8.147  5.867   1.00 25.04 ? 66   GLU A OE1 1 
ATOM   504 O OE2 . GLU A 1 66  ? -5.663  -7.204  5.805   1.00 29.75 ? 66   GLU A OE2 1 
ATOM   505 N N   . TRP A 1 67  ? 0.284   -4.253  8.151   1.00 13.00 ? 67   TRP A N   1 
ATOM   506 C CA  . TRP A 1 67  ? 1.717   -4.094  8.004   1.00 12.40 ? 67   TRP A CA  1 
ATOM   507 C C   . TRP A 1 67  ? 2.518   -4.681  9.157   1.00 12.71 ? 67   TRP A C   1 
ATOM   508 O O   . TRP A 1 67  ? 2.062   -4.695  10.315  1.00 14.31 ? 67   TRP A O   1 
ATOM   509 C CB  . TRP A 1 67  ? 2.183   -2.660  7.743   1.00 13.08 ? 67   TRP A CB  1 
ATOM   510 C CG  . TRP A 1 67  ? 1.685   -1.561  8.601   1.00 12.45 ? 67   TRP A CG  1 
ATOM   511 C CD1 . TRP A 1 67  ? 0.896   -1.633  9.725   1.00 14.22 ? 67   TRP A CD1 1 
ATOM   512 C CD2 . TRP A 1 67  ? 1.974   -0.183  8.424   1.00 12.90 ? 67   TRP A CD2 1 
ATOM   513 N NE1 . TRP A 1 67  ? 0.678   -0.392  10.224  1.00 14.26 ? 67   TRP A NE1 1 
ATOM   514 C CE2 . TRP A 1 67  ? 1.305   0.526   9.444   1.00 12.94 ? 67   TRP A CE2 1 
ATOM   515 C CE3 . TRP A 1 67  ? 2.687   0.523   7.466   1.00 12.54 ? 67   TRP A CE3 1 
ATOM   516 C CZ2 . TRP A 1 67  ? 1.367   1.913   9.560   1.00 13.77 ? 67   TRP A CZ2 1 
ATOM   517 C CZ3 . TRP A 1 67  ? 2.744   1.936   7.570   1.00 13.21 ? 67   TRP A CZ3 1 
ATOM   518 C CH2 . TRP A 1 67  ? 2.080   2.600   8.595   1.00 14.78 ? 67   TRP A CH2 1 
ATOM   519 N N   . PHE A 1 68  ? 3.705   -5.174  8.807   1.00 13.89 ? 68   PHE A N   1 
ATOM   520 C CA  . PHE A 1 68  ? 4.672   -5.729  9.724   1.00 13.57 ? 68   PHE A CA  1 
ATOM   521 C C   . PHE A 1 68  ? 5.959   -4.933  9.606   1.00 14.27 ? 68   PHE A C   1 
ATOM   522 O O   . PHE A 1 68  ? 6.368   -4.569  8.495   1.00 15.29 ? 68   PHE A O   1 
ATOM   523 C CB  . PHE A 1 68  ? 4.951   -7.187  9.380   1.00 14.84 ? 68   PHE A CB  1 
ATOM   524 C CG  . PHE A 1 68  ? 6.080   -7.787  10.176  1.00 17.82 ? 68   PHE A CG  1 
ATOM   525 C CD1 . PHE A 1 68  ? 5.842   -8.269  11.470  1.00 18.99 ? 68   PHE A CD1 1 
ATOM   526 C CD2 . PHE A 1 68  ? 7.372   -7.850  9.661   1.00 20.93 ? 68   PHE A CD2 1 
ATOM   527 C CE1 . PHE A 1 68  ? 6.869   -8.799  12.230  1.00 21.29 ? 68   PHE A CE1 1 
ATOM   528 C CE2 . PHE A 1 68  ? 8.410   -8.386  10.428  1.00 22.75 ? 68   PHE A CE2 1 
ATOM   529 C CZ  . PHE A 1 68  ? 8.135   -8.866  11.702  1.00 23.18 ? 68   PHE A CZ  1 
ATOM   530 N N   . ASN A 1 69  ? 6.606   -4.640  10.719  1.00 13.35 ? 69   ASN A N   1 
ATOM   531 C CA  . ASN A 1 69  ? 7.887   -3.958  10.764  1.00 12.71 ? 69   ASN A CA  1 
ATOM   532 C C   . ASN A 1 69  ? 8.833   -4.699  11.697  1.00 12.74 ? 69   ASN A C   1 
ATOM   533 O O   . ASN A 1 69  ? 8.438   -5.140  12.789  1.00 13.55 ? 69   ASN A O   1 
ATOM   534 C CB  . ASN A 1 69  ? 7.726   -2.501  11.175  1.00 12.05 ? 69   ASN A CB  1 
ATOM   535 C CG  . ASN A 1 69  ? 9.018   -1.833  11.642  1.00 13.96 ? 69   ASN A CG  1 
ATOM   536 O OD1 . ASN A 1 69  ? 9.157   -1.481  12.819  1.00 13.79 ? 69   ASN A OD1 1 
ATOM   537 N ND2 . ASN A 1 69  ? 9.958   -1.606  10.700  1.00 12.78 ? 69   ASN A ND2 1 
ATOM   538 N N   . VAL A 1 70  ? 10.087  -4.805  11.271  1.00 14.19 ? 70   VAL A N   1 
ATOM   539 C CA  . VAL A 1 70  ? 11.185  -5.066  12.210  1.00 14.93 ? 70   VAL A CA  1 
ATOM   540 C C   . VAL A 1 70  ? 12.377  -4.261  11.744  1.00 14.56 ? 70   VAL A C   1 
ATOM   541 O O   . VAL A 1 70  ? 12.832  -4.421  10.610  1.00 15.88 ? 70   VAL A O   1 
ATOM   542 C CB  . VAL A 1 70  ? 11.530  -6.565  12.333  1.00 16.62 ? 70   VAL A CB  1 
ATOM   543 C CG1 . VAL A 1 70  ? 11.904  -7.215  10.995  1.00 18.91 ? 70   VAL A CG1 1 
ATOM   544 C CG2 . VAL A 1 70  ? 12.630  -6.767  13.379  1.00 17.70 ? 70   VAL A CG2 1 
ATOM   545 N N   . TYR A 1 71  ? 12.828  -3.358  12.599  1.00 15.07 ? 71   TYR A N   1 
ATOM   546 C CA  . TYR A 1 71  ? 13.934  -2.467  12.295  1.00 14.74 ? 71   TYR A CA  1 
ATOM   547 C C   . TYR A 1 71  ? 13.698  -1.738  10.967  1.00 14.86 ? 71   TYR A C   1 
ATOM   548 O O   . TYR A 1 71  ? 12.788  -0.902  10.895  1.00 14.91 ? 71   TYR A O   1 
ATOM   549 C CB  . TYR A 1 71  ? 15.290  -3.205  12.439  1.00 15.67 ? 71   TYR A CB  1 
ATOM   550 C CG  . TYR A 1 71  ? 16.466  -2.238  12.436  1.00 16.09 ? 71   TYR A CG  1 
ATOM   551 C CD1 . TYR A 1 71  ? 16.630  -1.287  13.443  1.00 17.85 ? 71   TYR A CD1 1 
ATOM   552 C CD2 . TYR A 1 71  ? 17.424  -2.259  11.399  1.00 16.81 ? 71   TYR A CD2 1 
ATOM   553 C CE1 . TYR A 1 71  ? 17.685  -0.393  13.433  1.00 17.06 ? 71   TYR A CE1 1 
ATOM   554 C CE2 . TYR A 1 71  ? 18.493  -1.369  11.411  1.00 17.86 ? 71   TYR A CE2 1 
ATOM   555 C CZ  . TYR A 1 71  ? 18.597  -0.427  12.405  1.00 17.83 ? 71   TYR A CZ  1 
ATOM   556 O OH  . TYR A 1 71  ? 19.658  0.453   12.401  1.00 20.80 ? 71   TYR A OH  1 
ATOM   557 N N   . ASN A 1 72  ? 14.490  -2.030  9.939   1.00 13.93 ? 72   ASN A N   1 
ATOM   558 C CA  . ASN A 1 72  ? 14.444  -1.282  8.687   1.00 14.68 ? 72   ASN A CA  1 
ATOM   559 C C   . ASN A 1 72  ? 13.431  -1.840  7.665   1.00 14.39 ? 72   ASN A C   1 
ATOM   560 O O   . ASN A 1 72  ? 13.285  -1.250  6.588   1.00 16.95 ? 72   ASN A O   1 
ATOM   561 C CB  . ASN A 1 72  ? 15.835  -1.288  8.040   1.00 15.75 ? 72   ASN A CB  1 
ATOM   562 C CG  . ASN A 1 72  ? 16.279  -2.689  7.648   1.00 16.68 ? 72   ASN A CG  1 
ATOM   563 O OD1 . ASN A 1 72  ? 16.208  -3.618  8.431   1.00 17.60 ? 72   ASN A OD1 1 
ATOM   564 N ND2 . ASN A 1 72  ? 16.713  -2.848  6.394   1.00 21.62 ? 72   ASN A ND2 1 
ATOM   565 N N   . LYS A 1 73  ? 12.787  -2.974  7.952   1.00 15.16 ? 73   LYS A N   1 
ATOM   566 C CA  . LYS A 1 73  ? 11.905  -3.652  7.013   1.00 14.33 ? 73   LYS A CA  1 
ATOM   567 C C   . LYS A 1 73  ? 10.445  -3.341  7.323   1.00 13.76 ? 73   LYS A C   1 
ATOM   568 O O   . LYS A 1 73  ? 10.024  -3.414  8.504   1.00 15.13 ? 73   LYS A O   1 
ATOM   569 C CB  . LYS A 1 73  ? 12.107  -5.151  7.102   1.00 18.28 ? 73   LYS A CB  1 
ATOM   570 C CG  . LYS A 1 73  ? 13.511  -5.634  6.789   1.00 25.84 ? 73   LYS A CG  1 
ATOM   571 C CD  . LYS A 1 73  ? 13.583  -6.589  5.618   1.00 35.79 ? 73   LYS A CD  1 
ATOM   572 C CE  . LYS A 1 73  ? 15.040  -6.900  5.274   1.00 39.45 ? 73   LYS A CE  1 
ATOM   573 N NZ  . LYS A 1 73  ? 15.638  -5.981  4.257   1.00 44.40 ? 73   LYS A NZ  1 
ATOM   574 N N   . VAL A 1 74  ? 9.656   -3.031  6.294   1.00 15.01 ? 74   VAL A N   1 
ATOM   575 C CA  . VAL A 1 74  ? 8.214   -2.834  6.442   1.00 14.03 ? 74   VAL A CA  1 
ATOM   576 C C   . VAL A 1 74  ? 7.505   -3.603  5.339   1.00 15.57 ? 74   VAL A C   1 
ATOM   577 O O   . VAL A 1 74  ? 7.756   -3.353  4.145   1.00 17.05 ? 74   VAL A O   1 
ATOM   578 C CB  . VAL A 1 74  ? 7.818   -1.343  6.392   1.00 13.97 ? 74   VAL A CB  1 
ATOM   579 C CG1 . VAL A 1 74  ? 6.321   -1.196  6.699   1.00 15.35 ? 74   VAL A CG1 1 
ATOM   580 C CG2 . VAL A 1 74  ? 8.676   -0.426  7.279   1.00 15.62 ? 74   VAL A CG2 1 
ATOM   581 N N   . GLN A 1 75  ? 6.673   -4.563  5.719   1.00 14.19 ? 75   GLN A N   1 
ATOM   582 C CA  . GLN A 1 75  ? 5.854   -5.382  4.811   1.00 14.61 ? 75   GLN A CA  1 
ATOM   583 C C   . GLN A 1 75  ? 4.433   -4.902  4.848   1.00 14.82 ? 75   GLN A C   1 
ATOM   584 O O   . GLN A 1 75  ? 3.865   -4.777  5.942   1.00 15.14 ? 75   GLN A O   1 
ATOM   585 C CB  . GLN A 1 75  ? 5.896   -6.853  5.185   1.00 15.61 ? 75   GLN A CB  1 
ATOM   586 C CG  . GLN A 1 75  ? 7.280   -7.447  5.162   1.00 18.45 ? 75   GLN A CG  1 
ATOM   587 C CD  . GLN A 1 75  ? 7.303   -8.851  5.707   1.00 20.81 ? 75   GLN A CD  1 
ATOM   588 O OE1 . GLN A 1 75  ? 6.358   -9.307  6.329   1.00 24.61 ? 75   GLN A OE1 1 
ATOM   589 N NE2 . GLN A 1 75  ? 8.385   -9.549  5.444   1.00 26.25 ? 75   GLN A NE2 1 
ATOM   590 N N   . ILE A 1 76  ? 3.849   -4.606  3.684   1.00 14.21 ? 76   ILE A N   1 
ATOM   591 C CA  . ILE A 1 76  ? 2.532   -3.993  3.624   1.00 13.35 ? 76   ILE A CA  1 
ATOM   592 C C   . ILE A 1 76  ? 1.626   -4.817  2.740   1.00 14.86 ? 76   ILE A C   1 
ATOM   593 O O   . ILE A 1 76  ? 1.998   -5.115  1.585   1.00 14.94 ? 76   ILE A O   1 
ATOM   594 C CB  . ILE A 1 76  ? 2.580   -2.540  3.128   1.00 14.82 ? 76   ILE A CB  1 
ATOM   595 C CG1 . ILE A 1 76  ? 3.539   -1.722  3.968   1.00 14.81 ? 76   ILE A CG1 1 
ATOM   596 C CG2 . ILE A 1 76  ? 1.189   -1.912  3.080   1.00 15.23 ? 76   ILE A CG2 1 
ATOM   597 C CD1 . ILE A 1 76  ? 3.613   -0.253  3.627   1.00 15.31 ? 76   ILE A CD1 1 
ATOM   598 N N   . THR A 1 77  ? 0.431   -5.137  3.254   1.00 15.62 ? 77   THR A N   1 
ATOM   599 C CA  . THR A 1 77  ? -0.637  -5.749  2.485   1.00 14.47 ? 77   THR A CA  1 
ATOM   600 C C   . THR A 1 77  ? -1.816  -4.759  2.464   1.00 15.30 ? 77   THR A C   1 
ATOM   601 O O   . THR A 1 77  ? -2.232  -4.220  3.514   1.00 15.75 ? 77   THR A O   1 
ATOM   602 C CB  . THR A 1 77  ? -1.066  -7.088  3.064   1.00 16.59 ? 77   THR A CB  1 
ATOM   603 O OG1 . THR A 1 77  ? 0.051   -7.992  3.094   1.00 18.48 ? 77   THR A OG1 1 
ATOM   604 C CG2 . THR A 1 77  ? -2.204  -7.714  2.282   1.00 17.44 ? 77   THR A CG2 1 
ATOM   605 N N   . LEU A 1 78  ? -2.345  -4.511  1.268   1.00 15.45 ? 78   LEU A N   1 
ATOM   606 C CA  . LEU A 1 78  ? -3.484  -3.597  1.081   1.00 15.01 ? 78   LEU A CA  1 
ATOM   607 C C   . LEU A 1 78  ? -4.666  -4.310  0.458   1.00 16.43 ? 78   LEU A C   1 
ATOM   608 O O   . LEU A 1 78  ? -4.507  -5.044  -0.518  1.00 16.41 ? 78   LEU A O   1 
ATOM   609 C CB  . LEU A 1 78  ? -3.144  -2.406  0.210   1.00 16.37 ? 78   LEU A CB  1 
ATOM   610 C CG  . LEU A 1 78  ? -2.007  -1.504  0.639   1.00 16.39 ? 78   LEU A CG  1 
ATOM   611 C CD1 . LEU A 1 78  ? -1.809  -0.381  -0.357  1.00 17.26 ? 78   LEU A CD1 1 
ATOM   612 C CD2 . LEU A 1 78  ? -2.240  -0.952  2.038   1.00 18.82 ? 78   LEU A CD2 1 
ATOM   613 N N   . THR A 1 79  ? -5.831  -4.104  1.067   1.00 16.63 ? 79   THR A N   1 
ATOM   614 C CA  . THR A 1 79  ? -7.091  -4.511  0.501   1.00 17.55 ? 79   THR A CA  1 
ATOM   615 C C   . THR A 1 79  ? -8.187  -3.751  1.240   1.00 20.57 ? 79   THR A C   1 
ATOM   616 O O   . THR A 1 79  ? -7.951  -3.115  2.284   1.00 20.32 ? 79   THR A O   1 
ATOM   617 C CB  . THR A 1 79  ? -7.295  -6.049  0.556   1.00 20.76 ? 79   THR A CB  1 
ATOM   618 O OG1 . THR A 1 79  ? -8.459  -6.424  -0.204  1.00 22.12 ? 79   THR A OG1 1 
ATOM   619 C CG2 . THR A 1 79  ? -7.416  -6.569  1.997   1.00 22.52 ? 79   THR A CG2 1 
ATOM   620 N N   . SER A 1 80  ? -9.378  -3.765  0.669   1.00 22.38 ? 80   SER A N   1 
ATOM   621 C CA  . SER A 1 80  ? -10.441 -2.988  1.237   1.00 22.51 ? 80   SER A CA  1 
ATOM   622 C C   . SER A 1 80  ? -11.238 -3.977  2.040   1.00 26.33 ? 80   SER A C   1 
ATOM   623 O O   . SER A 1 80  ? -11.888 -4.866  1.481   1.00 28.38 ? 80   SER A O   1 
ATOM   624 C CB  . SER A 1 80  ? -11.223 -2.276  0.133   1.00 24.72 ? 80   SER A CB  1 
ATOM   625 O OG  . SER A 1 80  ? -10.389 -1.321  -0.531  1.00 20.76 ? 80   SER A OG  1 
ATOM   626 N N   . HIS A 1 81  ? -11.125 -3.830  3.369   1.00 28.46 ? 81   HIS A N   1 
ATOM   627 C CA  . HIS A 1 81  ? -11.573 -4.836  4.330   1.00 32.87 ? 81   HIS A CA  1 
ATOM   628 C C   . HIS A 1 81  ? -13.110 -5.053  4.318   1.00 37.78 ? 81   HIS A C   1 
ATOM   629 O O   . HIS A 1 81  ? -13.584 -6.192  4.419   1.00 47.00 ? 81   HIS A O   1 
ATOM   630 C CB  . HIS A 1 81  ? -11.017 -4.515  5.757   1.00 30.88 ? 81   HIS A CB  1 
ATOM   631 C CG  . HIS A 1 81  ? -9.509  -4.543  5.842   1.00 31.25 ? 81   HIS A CG  1 
ATOM   632 N ND1 . HIS A 1 81  ? -8.737  -3.403  5.976   1.00 39.82 ? 81   HIS A ND1 1 
ATOM   633 C CD2 . HIS A 1 81  ? -8.640  -5.578  5.781   1.00 26.44 ? 81   HIS A CD2 1 
ATOM   634 C CE1 . HIS A 1 81  ? -7.456  -3.738  5.995   1.00 33.43 ? 81   HIS A CE1 1 
ATOM   635 N NE2 . HIS A 1 81  ? -7.370  -5.056  5.874   1.00 25.07 ? 81   HIS A NE2 1 
ATOM   636 N N   . ASP A 1 82  ? -13.876 -3.978  4.144   1.00 35.11 ? 82   ASP A N   1 
ATOM   637 C CA  . ASP A 1 82  ? -15.359 -4.077  4.098   1.00 34.68 ? 82   ASP A CA  1 
ATOM   638 C C   . ASP A 1 82  ? -15.924 -4.736  2.791   1.00 22.86 ? 82   ASP A C   1 
ATOM   639 O O   . ASP A 1 82  ? -16.888 -5.375  2.801   1.00 41.84 ? 82   ASP A O   1 
ATOM   640 C CB  . ASP A 1 82  ? -15.993 -2.694  4.342   1.00 39.41 ? 82   ASP A CB  1 
ATOM   641 C CG  . ASP A 1 82  ? -15.652 -1.669  3.262   1.00 54.22 ? 82   ASP A CG  1 
ATOM   642 O OD1 . ASP A 1 82  ? -14.615 -1.816  2.554   1.00 53.02 ? 82   ASP A OD1 1 
ATOM   643 O OD2 . ASP A 1 82  ? -16.430 -0.694  3.142   1.00 64.07 ? 82   ASP A OD2 1 
ATOM   644 N N   . CYS A 1 83  ? -15.193 -4.454  1.695   1.00 39.93 ? 83   CYS A N   1 
ATOM   645 C CA  . CYS A 1 83  ? -15.524 -4.843  0.306   1.00 35.31 ? 83   CYS A CA  1 
ATOM   646 C C   . CYS A 1 83  ? -15.047 -6.266  -0.020  1.00 42.45 ? 83   CYS A C   1 
ATOM   647 O O   . CYS A 1 83  ? -15.621 -6.919  -0.874  1.00 45.12 ? 83   CYS A O   1 
ATOM   648 C CB  . CYS A 1 83  ? -14.850 -3.850  -0.708  1.00 32.76 ? 83   CYS A CB  1 
ATOM   649 S SG  . CYS A 1 83  ? -15.506 -2.139  -0.765  1.00 56.46 ? 83   CYS A SG  1 
ATOM   650 N N   . GLY A 1 84  ? -13.979 -6.741  0.625   1.00 44.87 ? 84   GLY A N   1 
ATOM   651 C CA  . GLY A 1 84  ? -13.388 -8.039  0.277   1.00 44.79 ? 84   GLY A CA  1 
ATOM   652 C C   . GLY A 1 84  ? -12.571 -8.019  -1.013  1.00 38.67 ? 84   GLY A C   1 
ATOM   653 O O   . GLY A 1 84  ? -12.160 -9.061  -1.528  1.00 38.54 ? 84   GLY A O   1 
ATOM   654 N N   . GLU A 1 85  ? -12.297 -6.832  -1.531  1.00 33.43 ? 85   GLU A N   1 
ATOM   655 C CA  . GLU A 1 85  ? -11.598 -6.711  -2.800  1.00 31.32 ? 85   GLU A CA  1 
ATOM   656 C C   . GLU A 1 85  ? -10.723 -5.465  -2.862  1.00 23.07 ? 85   GLU A C   1 
ATOM   657 O O   . GLU A 1 85  ? -10.827 -4.553  -2.044  1.00 27.11 ? 85   GLU A O   1 
ATOM   658 C CB  . GLU A 1 85  ? -12.585 -6.738  -3.973  1.00 39.45 ? 85   GLU A CB  1 
ATOM   659 C CG  . GLU A 1 85  ? -13.499 -5.533  -4.073  1.00 42.37 ? 85   GLU A CG  1 
ATOM   660 C CD  . GLU A 1 85  ? -14.478 -5.642  -5.240  1.00 50.78 ? 85   GLU A CD  1 
ATOM   661 O OE1 . GLU A 1 85  ? -15.017 -6.739  -5.478  1.00 53.84 ? 85   GLU A OE1 1 
ATOM   662 O OE2 . GLU A 1 85  ? -14.703 -4.628  -5.931  1.00 44.93 ? 85   GLU A OE2 1 
ATOM   663 N N   . LEU A 1 86  ? -9.861  -5.471  -3.856  1.00 24.11 ? 86   LEU A N   1 
ATOM   664 C CA  A LEU A 1 86  ? -9.023  -4.339  -4.149  0.50 22.65 ? 86   LEU A CA  1 
ATOM   665 C CA  B LEU A 1 86  ? -9.019  -4.322  -4.193  0.50 23.86 ? 86   LEU A CA  1 
ATOM   666 C C   . LEU A 1 86  ? -9.894  -3.238  -4.771  1.00 21.50 ? 86   LEU A C   1 
ATOM   667 O O   . LEU A 1 86  ? -10.700 -3.500  -5.672  1.00 25.30 ? 86   LEU A O   1 
ATOM   668 C CB  A LEU A 1 86  ? -7.903  -4.778  -5.085  0.50 20.64 ? 86   LEU A CB  1 
ATOM   669 C CB  B LEU A 1 86  ? -7.988  -4.660  -5.266  0.50 26.59 ? 86   LEU A CB  1 
ATOM   670 C CG  A LEU A 1 86  ? -6.714  -3.852  -5.215  0.50 21.49 ? 86   LEU A CG  1 
ATOM   671 C CG  B LEU A 1 86  ? -6.695  -5.370  -4.933  0.50 25.99 ? 86   LEU A CG  1 
ATOM   672 C CD1 A LEU A 1 86  ? -5.848  -3.994  -3.973  0.50 20.96 ? 86   LEU A CD1 1 
ATOM   673 C CD1 B LEU A 1 86  ? -5.863  -5.452  -6.205  0.50 26.73 ? 86   LEU A CD1 1 
ATOM   674 C CD2 A LEU A 1 86  ? -5.928  -4.185  -6.472  0.50 21.64 ? 86   LEU A CD2 1 
ATOM   675 C CD2 B LEU A 1 86  ? -5.955  -4.631  -3.826  0.50 22.69 ? 86   LEU A CD2 1 
ATOM   676 N N   . THR A 1 87  ? -9.733  -2.021  -4.285  1.00 19.82 ? 87   THR A N   1 
ATOM   677 C CA  . THR A 1 87  ? -10.498 -0.877  -4.766  1.00 18.76 ? 87   THR A CA  1 
ATOM   678 C C   . THR A 1 87  ? -9.593  0.301   -5.063  1.00 19.46 ? 87   THR A C   1 
ATOM   679 O O   . THR A 1 87  ? -8.372  0.223   -4.889  1.00 19.79 ? 87   THR A O   1 
ATOM   680 C CB  . THR A 1 87  ? -11.583 -0.415  -3.742  1.00 21.46 ? 87   THR A CB  1 
ATOM   681 O OG1 . THR A 1 87  ? -10.952 0.277   -2.661  1.00 19.68 ? 87   THR A OG1 1 
ATOM   682 C CG2 . THR A 1 87  ? -12.403 -1.574  -3.208  1.00 21.98 ? 87   THR A CG2 1 
ATOM   683 N N   . LYS A 1 88  ? -10.192 1.393   -5.544  1.00 18.82 ? 88   LYS A N   1 
ATOM   684 C CA  . LYS A 1 88  ? -9.462  2.596   -5.795  1.00 19.85 ? 88   LYS A CA  1 
ATOM   685 C C   . LYS A 1 88  ? -8.758  3.128   -4.530  1.00 20.30 ? 88   LYS A C   1 
ATOM   686 O O   . LYS A 1 88  ? -7.744  3.803   -4.640  1.00 20.39 ? 88   LYS A O   1 
ATOM   687 C CB  . LYS A 1 88  ? -10.366 3.693   -6.374  1.00 23.40 ? 88   LYS A CB  1 
ATOM   688 C CG  . LYS A 1 88  ? -10.849 3.457   -7.812  1.00 25.31 ? 88   LYS A CG  1 
ATOM   689 C CD  . LYS A 1 88  ? -11.712 4.630   -8.325  1.00 28.18 ? 88   LYS A CD  1 
ATOM   690 N N   . LYS A 1 89  ? -9.294  2.822   -3.355  1.00 19.80 ? 89   LYS A N   1 
ATOM   691 C CA  . LYS A 1 89  ? -8.639  3.244   -2.106  1.00 18.57 ? 89   LYS A CA  1 
ATOM   692 C C   . LYS A 1 89  ? -7.283  2.590   -1.925  1.00 16.78 ? 89   LYS A C   1 
ATOM   693 O O   . LYS A 1 89  ? -6.316  3.244   -1.520  1.00 19.21 ? 89   LYS A O   1 
ATOM   694 C CB  . LYS A 1 89  ? -9.517  2.949   -0.865  1.00 20.62 ? 89   LYS A CB  1 
ATOM   695 C CG  . LYS A 1 89  ? -10.847 3.700   -0.841  1.00 26.42 ? 89   LYS A CG  1 
ATOM   696 C CD  . LYS A 1 89  ? -11.507 3.650   0.527   1.00 35.86 ? 89   LYS A CD  1 
ATOM   697 N N   . ASP A 1 90  ? -7.208  1.311   -2.286  1.00 17.34 ? 90   ASP A N   1 
ATOM   698 C CA  . ASP A 1 90  ? -5.945  0.568   -2.216  1.00 16.92 ? 90   ASP A CA  1 
ATOM   699 C C   . ASP A 1 90  ? -4.951  1.107   -3.221  1.00 18.18 ? 90   ASP A C   1 
ATOM   700 O O   . ASP A 1 90  ? -3.770  1.238   -2.925  1.00 17.57 ? 90   ASP A O   1 
ATOM   701 C CB  . ASP A 1 90  ? -6.165  -0.925  -2.465  1.00 18.31 ? 90   ASP A CB  1 
ATOM   702 C CG  . ASP A 1 90  ? -7.121  -1.522  -1.489  1.00 20.26 ? 90   ASP A CG  1 
ATOM   703 O OD1 . ASP A 1 90  ? -6.788  -1.513  -0.281  1.00 20.35 ? 90   ASP A OD1 1 
ATOM   704 O OD2 . ASP A 1 90  ? -8.231  -1.945  -1.899  1.00 21.06 ? 90   ASP A OD2 1 
ATOM   705 N N   . VAL A 1 91  ? -5.420  1.432   -4.432  1.00 17.85 ? 91   VAL A N   1 
ATOM   706 C CA  . VAL A 1 91  ? -4.516  1.956   -5.443  1.00 18.28 ? 91   VAL A CA  1 
ATOM   707 C C   . VAL A 1 91  ? -3.969  3.316   -5.018  1.00 17.31 ? 91   VAL A C   1 
ATOM   708 O O   . VAL A 1 91  ? -2.764  3.580   -5.132  1.00 18.72 ? 91   VAL A O   1 
ATOM   709 C CB  . VAL A 1 91  ? -5.217  2.061   -6.799  1.00 19.63 ? 91   VAL A CB  1 
ATOM   710 C CG1 . VAL A 1 91  ? -4.281  2.655   -7.828  1.00 22.14 ? 91   VAL A CG1 1 
ATOM   711 C CG2 . VAL A 1 91  ? -5.709  0.681   -7.232  1.00 21.15 ? 91   VAL A CG2 1 
ATOM   712 N N   . LYS A 1 92  ? -4.848  4.168   -4.507  1.00 17.43 ? 92   LYS A N   1 
ATOM   713 C CA  . LYS A 1 92  ? -4.442  5.501   -4.071  1.00 17.76 ? 92   LYS A CA  1 
ATOM   714 C C   . LYS A 1 92  ? -3.461  5.408   -2.903  1.00 17.30 ? 92   LYS A C   1 
ATOM   715 O O   . LYS A 1 92  ? -2.475  6.128   -2.864  1.00 17.24 ? 92   LYS A O   1 
ATOM   716 C CB  . LYS A 1 92  ? -5.655  6.335   -3.651  1.00 19.23 ? 92   LYS A CB  1 
ATOM   717 C CG  . LYS A 1 92  ? -5.325  7.688   -3.055  1.00 24.65 ? 92   LYS A CG  1 
ATOM   718 C CD  . LYS A 1 92  ? -6.575  8.543   -2.879  1.00 32.20 ? 92   LYS A CD  1 
ATOM   719 C CE  . LYS A 1 92  ? -6.176  10.000  -2.625  1.00 40.77 ? 92   LYS A CE  1 
ATOM   720 N NZ  . LYS A 1 92  ? -7.309  10.784  -2.081  1.00 54.72 ? 92   LYS A NZ  1 
ATOM   721 N N   . LEU A 1 93  ? -3.758  4.551   -1.932  1.00 17.11 ? 93   LEU A N   1 
ATOM   722 C CA  . LEU A 1 93  ? -2.839  4.442   -0.800  1.00 16.09 ? 93   LEU A CA  1 
ATOM   723 C C   . LEU A 1 93  ? -1.495  3.879   -1.239  1.00 15.35 ? 93   LEU A C   1 
ATOM   724 O O   . LEU A 1 93  ? -0.435  4.327   -0.769  1.00 16.86 ? 93   LEU A O   1 
ATOM   725 C CB  . LEU A 1 93  ? -3.461  3.650   0.336   1.00 16.22 ? 93   LEU A CB  1 
ATOM   726 C CG  . LEU A 1 93  ? -2.634  3.557   1.641   1.00 16.78 ? 93   LEU A CG  1 
ATOM   727 C CD1 . LEU A 1 93  ? -2.275  4.933   2.166   1.00 17.67 ? 93   LEU A CD1 1 
ATOM   728 C CD2 . LEU A 1 93  ? -3.357  2.714   2.682   1.00 17.76 ? 93   LEU A CD2 1 
ATOM   729 N N   . ALA A 1 94  ? -1.507  2.858   -2.112  1.00 15.05 ? 94   ALA A N   1 
ATOM   730 C CA  . ALA A 1 94  ? -0.245  2.328   -2.642  1.00 15.73 ? 94   ALA A CA  1 
ATOM   731 C C   . ALA A 1 94  ? 0.599   3.388   -3.342  1.00 16.26 ? 94   ALA A C   1 
ATOM   732 O O   . ALA A 1 94  ? 1.838   3.458   -3.157  1.00 16.12 ? 94   ALA A O   1 
ATOM   733 C CB  . ALA A 1 94  ? -0.506  1.128   -3.562  1.00 16.47 ? 94   ALA A CB  1 
ATOM   734 N N   . LYS A 1 95  ? -0.059  4.239   -4.136  1.00 17.70 ? 95   LYS A N   1 
ATOM   735 C CA  . LYS A 1 95  ? 0.666   5.292   -4.837  1.00 17.96 ? 95   LYS A CA  1 
ATOM   736 C C   . LYS A 1 95  ? 1.256   6.313   -3.850  1.00 17.28 ? 95   LYS A C   1 
ATOM   737 O O   . LYS A 1 95  ? 2.375   6.804   -4.037  1.00 17.37 ? 95   LYS A O   1 
ATOM   738 C CB  . LYS A 1 95  ? -0.209  5.956   -5.912  1.00 21.38 ? 95   LYS A CB  1 
ATOM   739 C CG  . LYS A 1 95  ? -0.435  5.000   -7.090  1.00 28.36 ? 95   LYS A CG  1 
ATOM   740 C CD  . LYS A 1 95  ? -1.301  5.584   -8.194  1.00 29.28 ? 95   LYS A CD  1 
ATOM   741 C CE  . LYS A 1 95  ? -1.448  4.567   -9.334  1.00 34.59 ? 95   LYS A CE  1 
ATOM   742 N NZ  . LYS A 1 95  ? -2.438  5.049   -10.334 1.00 40.28 ? 95   LYS A NZ  1 
ATOM   743 N N   . PHE A 1 96  ? 0.510   6.599   -2.782  1.00 16.75 ? 96   PHE A N   1 
ATOM   744 C CA  . PHE A 1 96  ? 1.024   7.484   -1.751  1.00 16.12 ? 96   PHE A CA  1 
ATOM   745 C C   . PHE A 1 96  ? 2.228   6.827   -1.046  1.00 16.00 ? 96   PHE A C   1 
ATOM   746 O O   . PHE A 1 96  ? 3.258   7.443   -0.840  1.00 15.64 ? 96   PHE A O   1 
ATOM   747 C CB  . PHE A 1 96  ? -0.028  7.810   -0.690  1.00 16.00 ? 96   PHE A CB  1 
ATOM   748 C CG  . PHE A 1 96  ? 0.571   8.561   0.452   1.00 16.60 ? 96   PHE A CG  1 
ATOM   749 C CD1 . PHE A 1 96  ? 0.714   9.928   0.389   1.00 17.89 ? 96   PHE A CD1 1 
ATOM   750 C CD2 . PHE A 1 96  ? 1.086   7.904   1.548   1.00 17.22 ? 96   PHE A CD2 1 
ATOM   751 C CE1 . PHE A 1 96  ? 1.345   10.627  1.393   1.00 18.75 ? 96   PHE A CE1 1 
ATOM   752 C CE2 . PHE A 1 96  ? 1.720   8.611   2.538   1.00 15.84 ? 96   PHE A CE2 1 
ATOM   753 C CZ  . PHE A 1 96  ? 1.837   9.969   2.480   1.00 15.65 ? 96   PHE A CZ  1 
ATOM   754 N N   . ILE A 1 97  ? 2.100   5.545   -0.722  1.00 14.81 ? 97   ILE A N   1 
ATOM   755 C CA  . ILE A 1 97  ? 3.183   4.819   -0.083  1.00 15.25 ? 97   ILE A CA  1 
ATOM   756 C C   . ILE A 1 97  ? 4.451   4.833   -0.937  1.00 14.17 ? 97   ILE A C   1 
ATOM   757 O O   . ILE A 1 97  ? 5.562   5.014   -0.424  1.00 16.01 ? 97   ILE A O   1 
ATOM   758 C CB  . ILE A 1 97  ? 2.736   3.379   0.176   1.00 13.87 ? 97   ILE A CB  1 
ATOM   759 C CG1 . ILE A 1 97  ? 1.725   3.338   1.339   1.00 14.77 ? 97   ILE A CG1 1 
ATOM   760 C CG2 . ILE A 1 97  ? 3.887   2.442   0.440   1.00 15.48 ? 97   ILE A CG2 1 
ATOM   761 C CD1 . ILE A 1 97  ? 1.006   2.013   1.462   1.00 15.79 ? 97   ILE A CD1 1 
ATOM   762 N N   . GLU A 1 98  ? 4.287   4.650   -2.249  1.00 15.65 ? 98   GLU A N   1 
ATOM   763 C CA  . GLU A 1 98  ? 5.462   4.763   -3.118  1.00 15.81 ? 98   GLU A CA  1 
ATOM   764 C C   . GLU A 1 98  ? 6.143   6.131   -3.016  1.00 16.58 ? 98   GLU A C   1 
ATOM   765 O O   . GLU A 1 98  ? 7.380   6.221   -3.017  1.00 19.39 ? 98   GLU A O   1 
ATOM   766 C CB  . GLU A 1 98  ? 5.063   4.468   -4.572  1.00 16.28 ? 98   GLU A CB  1 
ATOM   767 C CG  . GLU A 1 98  ? 4.764   3.007   -4.791  1.00 15.31 ? 98   GLU A CG  1 
ATOM   768 C CD  . GLU A 1 98  ? 5.974   2.147   -4.586  1.00 16.94 ? 98   GLU A CD  1 
ATOM   769 O OE1 . GLU A 1 98  ? 7.077   2.485   -5.106  1.00 20.80 ? 98   GLU A OE1 1 
ATOM   770 O OE2 . GLU A 1 98  ? 5.834   1.135   -3.871  1.00 17.19 ? 98   GLU A OE2 1 
ATOM   771 N N   . LYS A 1 99  ? 5.347   7.191   -2.983  1.00 16.04 ? 99   LYS A N   1 
ATOM   772 C CA  . LYS A 1 99  ? 5.901   8.542   -2.846  1.00 19.27 ? 99   LYS A CA  1 
ATOM   773 C C   . LYS A 1 99  ? 6.644   8.690   -1.512  1.00 20.47 ? 99   LYS A C   1 
ATOM   774 O O   . LYS A 1 99  ? 7.738   9.263   -1.464  1.00 21.98 ? 99   LYS A O   1 
ATOM   775 C CB  . LYS A 1 99  ? 4.798   9.587   -2.988  1.00 22.07 ? 99   LYS A CB  1 
ATOM   776 C CG  . LYS A 1 99  ? 5.270   11.026  -2.985  1.00 30.31 ? 99   LYS A CG  1 
ATOM   777 N N   . ALA A 1 100 ? 6.046   8.201   -0.434  1.00 18.82 ? 100  ALA A N   1 
ATOM   778 C CA  . ALA A 1 100 ? 6.629   8.344   0.905   1.00 20.04 ? 100  ALA A CA  1 
ATOM   779 C C   . ALA A 1 100 ? 7.920   7.542   1.039   1.00 20.09 ? 100  ALA A C   1 
ATOM   780 O O   . ALA A 1 100 ? 8.856   7.942   1.715   1.00 23.47 ? 100  ALA A O   1 
ATOM   781 C CB  . ALA A 1 100 ? 5.628   7.882   1.932   1.00 21.80 ? 100  ALA A CB  1 
ATOM   782 N N   . ALA A 1 101 ? 7.951   6.375   0.415   1.00 16.95 ? 101  ALA A N   1 
ATOM   783 C CA  . ALA A 1 101 ? 9.151   5.537   0.448   1.00 17.45 ? 101  ALA A CA  1 
ATOM   784 C C   . ALA A 1 101 ? 10.312  6.108   -0.340  1.00 21.14 ? 101  ALA A C   1 
ATOM   785 O O   . ALA A 1 101 ? 11.459  5.969   0.108   1.00 26.68 ? 101  ALA A O   1 
ATOM   786 C CB  . ALA A 1 101 ? 8.843   4.131   -0.036  1.00 16.32 ? 101  ALA A CB  1 
ATOM   787 N N   . ALA A 1 102 ? 10.020  6.761   -1.472  1.00 24.09 ? 102  ALA A N   1 
ATOM   788 C CA  . ALA A 1 102 ? 11.031  7.131   -2.534  1.00 32.25 ? 102  ALA A CA  1 
ATOM   789 C C   . ALA A 1 102 ? 11.872  8.319   -2.228  1.00 37.26 ? 102  ALA A C   1 
ATOM   790 O O   . ALA A 1 102 ? 12.923  8.543   -2.853  1.00 40.83 ? 102  ALA A O   1 
ATOM   791 C CB  . ALA A 1 102 ? 10.333  7.403   -3.860  1.00 36.76 ? 102  ALA A CB  1 
ATOM   792 N N   . SER A 1 103 ? 11.363  9.110   -1.308  1.00 28.86 ? 103  SER A N   1 
ATOM   793 C CA  . SER A 1 103 ? 11.951  10.325  -0.892  1.00 29.61 ? 103  SER A CA  1 
ATOM   794 C C   . SER A 1 103 ? 12.995  9.986   0.149   1.00 29.24 ? 103  SER A C   1 
ATOM   795 O O   . SER A 1 103 ? 13.875  10.808  0.419   1.00 34.60 ? 103  SER A O   1 
ATOM   796 C CB  . SER A 1 103 ? 10.831  11.198  -0.267  1.00 30.84 ? 103  SER A CB  1 
ATOM   797 O OG  . SER A 1 103 ? 10.318  10.633  0.913   1.00 39.65 ? 103  SER A OG  1 
ATOM   798 N N   . VAL A 1 104 ? 12.868  8.756   0.671   1.00 43.54 ? 104  VAL A N   1 
ATOM   799 C CA  . VAL A 1 104 ? 13.617  8.121   1.775   1.00 47.75 ? 104  VAL A CA  1 
ATOM   800 C C   . VAL A 1 104 ? 12.823  8.252   3.090   1.00 31.35 ? 104  VAL A C   1 
ATOM   801 O O   . VAL A 1 104 ? 12.003  7.473   3.375   1.00 53.79 ? 104  VAL A O   1 
ATOM   802 C CB  . VAL A 1 104 ? 15.083  8.566   1.921   1.00 46.42 ? 104  VAL A CB  1 
ATOM   803 C CG1 . VAL A 1 104 ? 15.720  7.840   3.109   1.00 54.21 ? 104  VAL A CG1 1 
ATOM   804 C CG2 . VAL A 1 104 ? 15.854  8.298   0.625   1.00 50.72 ? 104  VAL A CG2 1 
ATOM   805 O OXT . VAL A 1 104 ? 13.103  9.124   3.887   1.00 48.36 ? 104  VAL A OXT 1 
HETATM 806 C C1  . EDO B 2 .   ? 12.444  0.283   0.213   1.00 39.23 ? 1105 EDO A C1  1 
HETATM 807 O O1  . EDO B 2 .   ? 12.681  -0.958  -0.497  1.00 32.50 ? 1105 EDO A O1  1 
HETATM 808 C C2  . EDO B 2 .   ? 12.147  1.509   -0.637  1.00 35.80 ? 1105 EDO A C2  1 
HETATM 809 O O2  . EDO B 2 .   ? 13.027  2.553   -0.203  1.00 50.16 ? 1105 EDO A O2  1 
HETATM 810 O O   . HOH C 3 .   ? -14.510 3.376   -11.060 1.00 34.40 ? 2001 HOH A O   1 
HETATM 811 O O   . HOH C 3 .   ? -11.509 -7.159  -13.268 1.00 41.80 ? 2002 HOH A O   1 
HETATM 812 O O   . HOH C 3 .   ? -12.976 -2.651  -6.829  1.00 28.26 ? 2003 HOH A O   1 
HETATM 813 O O   . HOH C 3 .   ? -6.578  4.005   -14.872 1.00 38.43 ? 2004 HOH A O   1 
HETATM 814 O O   . HOH C 3 .   ? -7.492  3.714   -10.021 1.00 44.34 ? 2005 HOH A O   1 
HETATM 815 O O   . HOH C 3 .   ? -12.666 2.088   -17.103 1.00 56.14 ? 2006 HOH A O   1 
HETATM 816 O O   . HOH C 3 .   ? -13.581 -1.809  -17.918 1.00 43.39 ? 2007 HOH A O   1 
HETATM 817 O O   . HOH C 3 .   ? -9.422  -6.414  -14.781 1.00 29.51 ? 2008 HOH A O   1 
HETATM 818 O O   . HOH C 3 .   ? 3.807   -6.194  -15.979 0.50 37.00 ? 2009 HOH A O   1 
HETATM 819 O O   . HOH C 3 .   ? -6.578  -1.303  -18.812 1.00 41.69 ? 2010 HOH A O   1 
HETATM 820 O O   . HOH C 3 .   ? -7.776  2.808   -16.603 1.00 48.48 ? 2011 HOH A O   1 
HETATM 821 O O   . HOH C 3 .   ? -6.049  2.375   -12.639 1.00 35.64 ? 2012 HOH A O   1 
HETATM 822 O O   . HOH C 3 .   ? 7.894   -8.731  -6.425  1.00 52.56 ? 2013 HOH A O   1 
HETATM 823 O O   . HOH C 3 .   ? -7.151  -7.129  -13.471 1.00 48.99 ? 2014 HOH A O   1 
HETATM 824 O O   . HOH C 3 .   ? -10.794 -5.751  -7.505  1.00 41.21 ? 2015 HOH A O   1 
HETATM 825 O O   . HOH C 3 .   ? -5.272  -9.860  -5.964  1.00 36.09 ? 2016 HOH A O   1 
HETATM 826 O O   . HOH C 3 .   ? 4.167   -10.059 -9.552  1.00 42.31 ? 2017 HOH A O   1 
HETATM 827 O O   . HOH C 3 .   ? -2.847  -6.186  -15.407 1.00 36.77 ? 2018 HOH A O   1 
HETATM 828 O O   . HOH C 3 .   ? -1.352  0.464   -20.311 1.00 37.47 ? 2019 HOH A O   1 
HETATM 829 O O   . HOH C 3 .   ? 8.924   -9.748  -1.114  1.00 35.07 ? 2020 HOH A O   1 
HETATM 830 O O   . HOH C 3 .   ? 4.036   -3.591  -15.432 0.50 20.19 ? 2021 HOH A O   1 
HETATM 831 O O   . HOH C 3 .   ? 4.572   2.246   -11.554 1.00 29.50 ? 2022 HOH A O   1 
HETATM 832 O O   . HOH C 3 .   ? 1.644   3.735   -16.390 1.00 42.85 ? 2023 HOH A O   1 
HETATM 833 O O   . HOH C 3 .   ? 3.437   3.013   -13.903 1.00 39.93 ? 2024 HOH A O   1 
HETATM 834 O O   . HOH C 3 .   ? -1.673  4.842   -14.921 1.00 36.73 ? 2025 HOH A O   1 
HETATM 835 O O   . HOH C 3 .   ? -3.143  2.836   -11.756 1.00 34.42 ? 2026 HOH A O   1 
HETATM 836 O O   . HOH C 3 .   ? 20.612  3.164   2.427   1.00 52.24 ? 2027 HOH A O   1 
HETATM 837 O O   . HOH C 3 .   ? 7.078   -6.519  -10.193 1.00 36.53 ? 2028 HOH A O   1 
HETATM 838 O O   . HOH C 3 .   ? 9.094   1.958   -9.498  1.00 45.21 ? 2029 HOH A O   1 
HETATM 839 O O   . HOH C 3 .   ? 10.285  -1.681  -6.439  1.00 41.27 ? 2030 HOH A O   1 
HETATM 840 O O   . HOH C 3 .   ? 9.293   1.437   -6.455  1.00 35.12 ? 2031 HOH A O   1 
HETATM 841 O O   . HOH C 3 .   ? 6.062   -7.570  -3.984  1.00 25.10 ? 2032 HOH A O   1 
HETATM 842 O O   . HOH C 3 .   ? 9.364   -5.104  -4.739  1.00 29.89 ? 2033 HOH A O   1 
HETATM 843 O O   . HOH C 3 .   ? 5.504   -7.986  -8.703  1.00 32.85 ? 2034 HOH A O   1 
HETATM 844 O O   . HOH C 3 .   ? -12.407 9.852   7.902   1.00 33.81 ? 2035 HOH A O   1 
HETATM 845 O O   . HOH C 3 .   ? 1.794   -10.553 -8.660  1.00 31.88 ? 2036 HOH A O   1 
HETATM 846 O O   . HOH C 3 .   ? -4.583  -9.527  -12.133 1.00 39.74 ? 2037 HOH A O   1 
HETATM 847 O O   . HOH C 3 .   ? -4.608  -12.989 -7.723  1.00 39.75 ? 2038 HOH A O   1 
HETATM 848 O O   . HOH C 3 .   ? -0.332  -9.930  -10.845 1.00 61.18 ? 2039 HOH A O   1 
HETATM 849 O O   . HOH C 3 .   ? -5.425  -12.168 -5.499  1.00 21.87 ? 2040 HOH A O   1 
HETATM 850 O O   . HOH C 3 .   ? -0.003  -15.405 -2.201  1.00 42.20 ? 2041 HOH A O   1 
HETATM 851 O O   . HOH C 3 .   ? 0.394   -15.328 1.032   1.00 54.41 ? 2042 HOH A O   1 
HETATM 852 O O   . HOH C 3 .   ? -3.624  -14.432 2.948   1.00 46.25 ? 2043 HOH A O   1 
HETATM 853 O O   . HOH C 3 .   ? 3.119   -10.392 9.457   1.00 43.95 ? 2044 HOH A O   1 
HETATM 854 O O   . HOH C 3 .   ? -2.722  -12.122 3.909   1.00 32.74 ? 2045 HOH A O   1 
HETATM 855 O O   . HOH C 3 .   ? -10.052 -11.128 -0.637  1.00 30.86 ? 2046 HOH A O   1 
HETATM 856 O O   . HOH C 3 .   ? -12.401 -9.425  -5.642  1.00 48.91 ? 2047 HOH A O   1 
HETATM 857 O O   . HOH C 3 .   ? 8.464   -10.383 1.493   1.00 30.02 ? 2048 HOH A O   1 
HETATM 858 O O   . HOH C 3 .   ? 10.523  0.850   -3.358  1.00 41.40 ? 2049 HOH A O   1 
HETATM 859 O O   . HOH C 3 .   ? 7.975   -7.275  -2.039  1.00 21.82 ? 2050 HOH A O   1 
HETATM 860 O O   . HOH C 3 .   ? 10.142  -5.761  -2.320  1.00 35.27 ? 2051 HOH A O   1 
HETATM 861 O O   . HOH C 3 .   ? 11.393  -2.423  -2.066  1.00 43.74 ? 2052 HOH A O   1 
HETATM 862 O O   . HOH C 3 .   ? 18.085  -2.133  2.655   1.00 50.11 ? 2053 HOH A O   1 
HETATM 863 O O   . HOH C 3 .   ? 17.430  1.191   1.623   1.00 43.01 ? 2054 HOH A O   1 
HETATM 864 O O   . HOH C 3 .   ? 15.461  -1.222  -0.706  1.00 41.78 ? 2055 HOH A O   1 
HETATM 865 O O   . HOH C 3 .   ? 16.600  3.913   2.410   1.00 43.03 ? 2056 HOH A O   1 
HETATM 866 O O   . HOH C 3 .   ? 21.390  0.419   10.213  1.00 39.37 ? 2057 HOH A O   1 
HETATM 867 O O   . HOH C 3 .   ? 20.697  -1.633  6.969   1.00 45.42 ? 2058 HOH A O   1 
HETATM 868 O O   . HOH C 3 .   ? 18.573  7.966   9.408   1.00 32.03 ? 2059 HOH A O   1 
HETATM 869 O O   . HOH C 3 .   ? 21.655  3.930   11.495  1.00 43.00 ? 2060 HOH A O   1 
HETATM 870 O O   . HOH C 3 .   ? 16.737  7.862   15.541  1.00 18.21 ? 2061 HOH A O   1 
HETATM 871 O O   . HOH C 3 .   ? 21.504  6.409   5.796   1.00 57.40 ? 2062 HOH A O   1 
HETATM 872 O O   . HOH C 3 .   ? 19.796  5.769   3.350   1.00 48.18 ? 2063 HOH A O   1 
HETATM 873 O O   . HOH C 3 .   ? 9.207   10.732  7.323   0.50 25.14 ? 2064 HOH A O   1 
HETATM 874 O O   . HOH C 3 .   ? 7.538   13.056  -0.341  1.00 29.87 ? 2065 HOH A O   1 
HETATM 875 O O   . HOH C 3 .   ? 9.204   10.353  2.728   1.00 23.71 ? 2066 HOH A O   1 
HETATM 876 O O   . HOH C 3 .   ? 5.015   13.688  -0.735  1.00 40.15 ? 2067 HOH A O   1 
HETATM 877 O O   . HOH C 3 .   ? -4.564  12.572  -0.467  1.00 39.67 ? 2068 HOH A O   1 
HETATM 878 O O   . HOH C 3 .   ? -0.852  13.686  1.825   1.00 31.22 ? 2069 HOH A O   1 
HETATM 879 O O   . HOH C 3 .   ? -10.400 8.281   8.980   1.00 24.99 ? 2070 HOH A O   1 
HETATM 880 O O   . HOH C 3 .   ? -11.038 11.947  6.809   1.00 37.85 ? 2071 HOH A O   1 
HETATM 881 O O   . HOH C 3 .   ? -8.567  5.691   14.012  1.00 19.91 ? 2072 HOH A O   1 
HETATM 882 O O   . HOH C 3 .   ? -10.449 7.295   11.544  1.00 36.02 ? 2073 HOH A O   1 
HETATM 883 O O   . HOH C 3 .   ? -10.284 7.628   14.606  1.00 42.04 ? 2074 HOH A O   1 
HETATM 884 O O   . HOH C 3 .   ? -10.077 1.309   7.471   1.00 38.98 ? 2075 HOH A O   1 
HETATM 885 O O   . HOH C 3 .   ? -11.641 1.775   3.423   1.00 40.39 ? 2076 HOH A O   1 
HETATM 886 O O   . HOH C 3 .   ? -5.589  -1.821  3.185   1.00 33.30 ? 2077 HOH A O   1 
HETATM 887 O O   . HOH C 3 .   ? -9.051  -0.259  5.916   1.00 30.20 ? 2078 HOH A O   1 
HETATM 888 O O   . HOH C 3 .   ? 1.416   -7.440  5.602   1.00 30.81 ? 2079 HOH A O   1 
HETATM 889 O O   . HOH C 3 .   ? -1.206  -9.242  6.430   1.00 28.15 ? 2080 HOH A O   1 
HETATM 890 O O   . HOH C 3 .   ? 11.124  -2.517  14.699  1.00 14.50 ? 2081 HOH A O   1 
HETATM 891 O O   . HOH C 3 .   ? 20.315  1.704   14.736  1.00 34.38 ? 2082 HOH A O   1 
HETATM 892 O O   . HOH C 3 .   ? 18.219  -5.140  5.426   1.00 42.09 ? 2083 HOH A O   1 
HETATM 893 O O   . HOH C 3 .   ? 6.444   -11.229 8.601   1.00 48.45 ? 2084 HOH A O   1 
HETATM 894 O O   . HOH C 3 .   ? 3.349   -9.047  6.326   1.00 32.29 ? 2085 HOH A O   1 
HETATM 895 O O   . HOH C 3 .   ? -0.100  -10.796 3.422   1.00 36.02 ? 2086 HOH A O   1 
HETATM 896 O O   . HOH C 3 .   ? -10.427 -7.916  0.986   1.00 38.52 ? 2087 HOH A O   1 
HETATM 897 O O   . HOH C 3 .   ? -2.177  8.619   -4.089  1.00 29.41 ? 2088 HOH A O   1 
HETATM 898 O O   . HOH C 3 .   ? -4.784  6.380   -7.618  1.00 43.38 ? 2089 HOH A O   1 
HETATM 899 O O   . HOH C 3 .   ? 3.448   7.145   -6.581  1.00 28.05 ? 2090 HOH A O   1 
HETATM 900 O O   . HOH C 3 .   ? 0.261   9.971   -3.886  1.00 38.17 ? 2091 HOH A O   1 
HETATM 901 O O   . HOH C 3 .   ? 8.938   4.121   -3.927  1.00 24.57 ? 2092 HOH A O   1 
HETATM 902 O O   . HOH C 3 .   ? 6.924   3.856   -7.561  1.00 29.55 ? 2093 HOH A O   1 
HETATM 903 O O   . HOH C 3 .   ? 8.619   11.026  -3.001  1.00 40.30 ? 2094 HOH A O   1 
HETATM 904 O O   . HOH C 3 .   ? 14.143  5.895   -0.790  1.00 37.68 ? 2095 HOH A O   1 
HETATM 905 O O   . HOH C 3 .   ? 13.774  11.498  -1.883  1.00 33.80 ? 2096 HOH A O   1 
HETATM 906 O O   . HOH C 3 .   ? 10.995  12.528  -2.562  1.00 43.01 ? 2097 HOH A O   1 
HETATM 907 O O   . HOH C 3 .   ? 11.914  11.450  2.776   0.50 21.27 ? 2098 HOH A O   1 
HETATM 908 O O   . HOH C 3 .   ? 11.275  3.240   -2.835  1.00 40.66 ? 2099 HOH A O   1 
# 
loop_
_atom_site_anisotrop.id 
_atom_site_anisotrop.type_symbol 
_atom_site_anisotrop.pdbx_label_atom_id 
_atom_site_anisotrop.pdbx_label_alt_id 
_atom_site_anisotrop.pdbx_label_comp_id 
_atom_site_anisotrop.pdbx_label_asym_id 
_atom_site_anisotrop.pdbx_label_seq_id 
_atom_site_anisotrop.pdbx_PDB_ins_code 
_atom_site_anisotrop.U[1][1] 
_atom_site_anisotrop.U[2][2] 
_atom_site_anisotrop.U[3][3] 
_atom_site_anisotrop.U[1][2] 
_atom_site_anisotrop.U[1][3] 
_atom_site_anisotrop.U[2][3] 
_atom_site_anisotrop.pdbx_auth_seq_id 
_atom_site_anisotrop.pdbx_auth_comp_id 
_atom_site_anisotrop.pdbx_auth_asym_id 
_atom_site_anisotrop.pdbx_auth_atom_id 
1   N N   . THR A 6   ? 0.6867 0.6504 0.6781 0.0896  -0.0700 0.0644  6    THR A N   
2   C CA  . THR A 6   ? 0.4605 0.5724 0.5654 0.0614  -0.0534 -0.0210 6    THR A CA  
3   C C   . THR A 6   ? 0.4345 0.4229 0.4614 0.0301  -0.0269 0.0396  6    THR A C   
4   O O   . THR A 6   ? 0.4442 0.5443 0.4531 0.0309  -0.1228 0.0886  6    THR A O   
5   C CB  . THR A 6   ? 0.4980 0.5988 0.5947 0.0641  -0.0355 -0.0406 6    THR A CB  
6   O OG1 . THR A 6   ? 0.4157 0.6456 0.5760 0.0989  -0.0236 -0.0510 6    THR A OG1 
7   C CG2 . THR A 6   ? 0.5232 0.5822 0.4958 0.0685  -0.1358 -0.0141 6    THR A CG2 
8   N N   . HIS A 7   ? 0.3609 0.4804 0.4263 0.1034  -0.0237 -0.0016 7    HIS A N   
9   C CA  . HIS A 7   ? 0.3241 0.3978 0.3265 0.0739  -0.0315 0.0009  7    HIS A CA  
10  C C   . HIS A 7   ? 0.3702 0.3848 0.3819 0.0268  -0.0146 -0.0399 7    HIS A C   
11  O O   . HIS A 7   ? 0.3522 0.4872 0.3516 0.0303  -0.0520 0.0558  7    HIS A O   
12  C CB  . HIS A 7   ? 0.5079 0.5025 0.3400 0.0399  -0.0967 -0.0140 7    HIS A CB  
13  C CG  . HIS A 7   ? 0.5209 0.4793 0.3709 0.0465  -0.0542 0.0035  7    HIS A CG  
14  N ND1 . HIS A 7   ? 0.5612 0.5329 0.5025 0.0247  -0.0956 0.0424  7    HIS A ND1 
15  C CD2 . HIS A 7   ? 0.5460 0.6659 0.6647 0.0174  0.0949  -0.0864 7    HIS A CD2 
16  C CE1 . HIS A 7   ? 0.5812 0.6581 0.5590 -0.0627 0.0159  -0.0569 7    HIS A CE1 
17  N NE2 . HIS A 7   ? 0.4889 0.7037 0.6608 -0.0731 0.0488  -0.1442 7    HIS A NE2 
18  N N   . ARG A 8   ? 0.3338 0.4050 0.3835 0.0531  -0.0249 0.0045  8    ARG A N   
19  C CA  . ARG A 8   ? 0.3340 0.3719 0.3782 0.0141  -0.0058 0.0097  8    ARG A CA  
20  C C   . ARG A 8   ? 0.3385 0.3578 0.3491 -0.0313 -0.0491 -0.0121 8    ARG A C   
21  O O   . ARG A 8   ? 0.4648 0.3891 0.4405 0.0849  -0.0811 0.0039  8    ARG A O   
22  C CB  . ARG A 8   ? 0.3487 0.3899 0.5007 -0.0044 0.0144  -0.0027 8    ARG A CB  
23  C CG  . ARG A 8   ? 0.4526 0.5449 0.4780 -0.0260 0.0486  0.0113  8    ARG A CG  
24  C CD  . ARG A 8   ? 0.5579 0.6662 0.6633 0.0450  -0.0081 0.0530  8    ARG A CD  
25  N NE  . ARG A 8   ? 0.8092 0.7786 0.9402 -0.0172 0.1159  0.0805  8    ARG A NE  
26  C CZ  . ARG A 8   ? 0.7463 0.8619 0.8095 -0.1073 0.0502  0.0495  8    ARG A CZ  
27  N NH1 . ARG A 8   ? 0.8455 0.9527 0.7873 -0.1054 -0.0301 -0.0602 8    ARG A NH1 
28  N NH2 . ARG A 8   ? 0.6285 0.6750 0.6921 -0.0754 -0.1193 -0.0625 8    ARG A NH2 
29  N N   . LEU A 9   ? 0.3488 0.3834 0.3225 0.0227  -0.0171 0.0266  9    LEU A N   
30  C CA  . LEU A 9   ? 0.3230 0.2926 0.2946 0.0140  -0.0487 -0.0177 9    LEU A CA  
31  C C   . LEU A 9   ? 0.3196 0.3762 0.2993 -0.0027 -0.0593 -0.0156 9    LEU A C   
32  O O   . LEU A 9   ? 0.3613 0.4349 0.3410 -0.0434 -0.0854 0.0162  9    LEU A O   
33  C CB  . LEU A 9   ? 0.2918 0.3808 0.2954 0.0312  -0.0231 -0.0428 9    LEU A CB  
34  C CG  . LEU A 9   ? 0.3083 0.3311 0.2465 0.0444  -0.0254 -0.0421 9    LEU A CG  
35  C CD1 . LEU A 9   ? 0.3244 0.3013 0.2557 0.0140  -0.0405 -0.0080 9    LEU A CD1 
36  C CD2 . LEU A 9   ? 0.3247 0.4015 0.3186 -0.0074 -0.0449 -0.0335 9    LEU A CD2 
37  N N   . THR A 10  ? 0.3444 0.3729 0.3208 0.0265  -0.0625 0.0019  10   THR A N   
38  C CA  . THR A 10  ? 0.3977 0.3768 0.3302 0.0229  -0.0655 -0.0252 10   THR A CA  
39  C C   . THR A 10  ? 0.3874 0.3752 0.3690 0.0037  -0.0809 -0.0515 10   THR A C   
40  O O   . THR A 10  ? 0.3653 0.3898 0.2952 -0.0479 -0.0754 -0.0025 10   THR A O   
41  C CB  . THR A 10  ? 0.4516 0.4683 0.3320 0.0117  -0.0346 0.0224  10   THR A CB  
42  O OG1 . THR A 10  ? 0.3655 0.5143 0.3570 0.0605  -0.0779 0.1005  10   THR A OG1 
43  C CG2 . THR A 10  ? 0.4517 0.5046 0.4475 0.0524  -0.0903 0.0149  10   THR A CG2 
44  N N   . ALA A 11  ? 0.4132 0.4314 0.3308 -0.0720 -0.0791 -0.0344 11   ALA A N   
45  C CA  . ALA A 11  ? 0.3810 0.4287 0.3183 -0.0618 -0.0814 -0.0234 11   ALA A CA  
46  C C   . ALA A 11  ? 0.4121 0.3828 0.3550 -0.0144 0.0018  0.0165  11   ALA A C   
47  O O   . ALA A 11  ? 0.3897 0.3975 0.3068 -0.0392 -0.0393 -0.0315 11   ALA A O   
48  C CB  . ALA A 11  ? 0.4059 0.3941 0.3943 -0.0646 -0.0280 -0.0808 11   ALA A CB  
49  N N   . GLU A 12  ? 0.4159 0.4104 0.3212 -0.0293 -0.0891 -0.0223 12   GLU A N   
50  C CA  . GLU A 12  ? 0.4676 0.4018 0.3274 -0.0299 -0.0855 -0.0020 12   GLU A CA  
51  C C   . GLU A 12  ? 0.3675 0.3182 0.2900 0.0106  -0.0391 0.0102  12   GLU A C   
52  O O   . GLU A 12  ? 0.3526 0.3915 0.2340 -0.0140 -0.0231 -0.0059 12   GLU A O   
53  C CB  . GLU A 12  ? 0.5878 0.5538 0.3259 0.0320  -0.1223 0.0363  12   GLU A CB  
54  N N   . GLU A 13  ? 0.3222 0.4206 0.2669 0.0279  -0.0550 -0.0090 13   GLU A N   
55  C CA  . GLU A 13  ? 0.3510 0.2912 0.2880 0.0148  -0.0565 0.0096  13   GLU A CA  
56  C C   . GLU A 13  ? 0.3235 0.2767 0.3216 0.0149  -0.0229 0.0349  13   GLU A C   
57  O O   . GLU A 13  ? 0.3231 0.3099 0.2568 0.0041  -0.0023 -0.0128 13   GLU A O   
58  C CB  . GLU A 13  ? 0.3454 0.3348 0.3507 0.0400  -0.0219 0.0332  13   GLU A CB  
59  C CG  . GLU A 13  ? 0.3774 0.3266 0.3236 -0.0021 -0.0540 0.0344  13   GLU A CG  
60  C CD  . GLU A 13  ? 0.3870 0.4223 0.4357 0.0359  -0.0235 0.0357  13   GLU A CD  
61  O OE1 . GLU A 13  ? 0.3921 0.3781 0.4192 0.0811  -0.0513 0.0583  13   GLU A OE1 
62  O OE2 . GLU A 13  ? 0.4540 0.3743 0.5345 0.0533  -0.0563 0.0179  13   GLU A OE2 
63  N N   . ARG A 14  ? 0.3104 0.2866 0.2506 -0.0237 -0.0515 -0.0153 14   ARG A N   
64  C CA  . ARG A 14  ? 0.3257 0.2898 0.2588 -0.0143 -0.0197 -0.0080 14   ARG A CA  
65  C C   . ARG A 14  ? 0.2976 0.2835 0.2573 -0.0238 -0.0322 0.0069  14   ARG A C   
66  O O   . ARG A 14  ? 0.3175 0.2704 0.2451 -0.0359 -0.0266 -0.0030 14   ARG A O   
67  C CB  . ARG A 14  ? 0.3458 0.3242 0.2810 -0.0215 -0.0082 0.0261  14   ARG A CB  
68  C CG  . ARG A 14  ? 0.3183 0.2685 0.3552 0.0056  0.0005  0.0282  14   ARG A CG  
69  C CD  . ARG A 14  ? 0.4596 0.3457 0.3964 -0.0791 -0.0367 0.0517  14   ARG A CD  
70  N NE  . ARG A 14  ? 0.6360 0.5161 0.4822 -0.0138 -0.0289 0.1053  14   ARG A NE  
71  C CZ  . ARG A 14  ? 0.4810 0.4008 0.4076 -0.0860 -0.0650 -0.0750 14   ARG A CZ  
72  N NH1 . ARG A 14  ? 0.4594 0.3503 0.4680 -0.0684 -0.0809 -0.0521 14   ARG A NH1 
73  N NH2 . ARG A 14  ? 0.4847 0.4999 0.5603 0.0446  0.0110  -0.0132 14   ARG A NH2 
74  N N   . ASN A 15  ? 0.3657 0.3253 0.2333 -0.0184 -0.0329 0.0233  15   ASN A N   
75  C CA  . ASN A 15  ? 0.3476 0.3481 0.2949 -0.0398 -0.0485 -0.0237 15   ASN A CA  
76  C C   . ASN A 15  ? 0.3305 0.2761 0.2091 0.0062  -0.0181 -0.0238 15   ASN A C   
77  O O   . ASN A 15  ? 0.3319 0.2720 0.2510 -0.0103 0.0020  -0.0058 15   ASN A O   
78  C CB  . ASN A 15  ? 0.4261 0.3770 0.2810 -0.0428 -0.0284 -0.0236 15   ASN A CB  
79  C CG  . ASN A 15  ? 0.4677 0.4680 0.3035 -0.0288 -0.0190 -0.0865 15   ASN A CG  
80  O OD1 . ASN A 15  ? 0.7792 0.5455 0.5086 0.0758  0.0098  -0.0842 15   ASN A OD1 
81  N ND2 . ASN A 15  ? 0.5646 0.5571 0.3999 -0.1089 0.0159  -0.0514 15   ASN A ND2 
82  N N   . GLN A 16  ? 0.3125 0.2791 0.2215 -0.0049 -0.0062 -0.0009 16   GLN A N   
83  C CA  . GLN A 16  ? 0.3150 0.2653 0.2046 -0.0093 -0.0168 -0.0283 16   GLN A CA  
84  C C   . GLN A 16  ? 0.2720 0.2797 0.2086 0.0099  -0.0153 0.0011  16   GLN A C   
85  O O   . GLN A 16  ? 0.2845 0.2677 0.1739 0.0037  -0.0097 0.0206  16   GLN A O   
86  C CB  . GLN A 16  ? 0.3143 0.3017 0.2755 0.0189  -0.0332 -0.0073 16   GLN A CB  
87  C CG  . GLN A 16  ? 0.3085 0.3235 0.2274 0.0291  -0.0162 0.0506  16   GLN A CG  
88  C CD  . GLN A 16  ? 0.2945 0.3253 0.2554 -0.0081 0.0049  0.0185  16   GLN A CD  
89  O OE1 . GLN A 16  ? 0.4054 0.4834 0.2139 0.0344  -0.0236 0.0289  16   GLN A OE1 
90  N NE2 . GLN A 16  ? 0.3127 0.2937 0.2016 0.0008  0.0121  0.0318  16   GLN A NE2 
91  N N   . ALA A 17  ? 0.2786 0.2846 0.2193 0.0106  -0.0016 0.0080  17   ALA A N   
92  C CA  . ALA A 17  ? 0.2860 0.2702 0.2262 -0.0094 0.0005  -0.0218 17   ALA A CA  
93  C C   . ALA A 17  ? 0.2511 0.2961 0.1833 -0.0099 0.0346  0.0098  17   ALA A C   
94  O O   . ALA A 17  ? 0.2698 0.2727 0.2226 -0.0244 0.0067  0.0066  17   ALA A O   
95  C CB  . ALA A 17  ? 0.2912 0.3204 0.2169 0.0246  -0.0043 -0.0335 17   ALA A CB  
96  N N   . ILE A 18  ? 0.2981 0.2880 0.2158 -0.0120 0.0244  0.0171  18   ILE A N   
97  C CA  . ILE A 18  ? 0.2830 0.2873 0.2209 -0.0048 0.0038  0.0298  18   ILE A CA  
98  C C   . ILE A 18  ? 0.2449 0.2338 0.2213 0.0212  -0.0141 0.0298  18   ILE A C   
99  O O   . ILE A 18  ? 0.2676 0.2056 0.1894 -0.0176 -0.0146 0.0244  18   ILE A O   
100 C CB  . ILE A 18  ? 0.3007 0.3034 0.2582 -0.0088 -0.0055 -0.0081 18   ILE A CB  
101 C CG1 . ILE A 18  ? 0.3153 0.3432 0.2996 0.0045  0.0181  0.0302  18   ILE A CG1 
102 C CG2 . ILE A 18  ? 0.3014 0.2805 0.3075 -0.0255 -0.0017 0.0066  18   ILE A CG2 
103 C CD1 . ILE A 18  ? 0.3458 0.3595 0.3348 0.0000  -0.0017 0.0691  18   ILE A CD1 
104 N N   . LEU A 19  ? 0.2845 0.2418 0.2012 -0.0060 -0.0222 0.0140  19   LEU A N   
105 C CA  . LEU A 19  ? 0.2967 0.2103 0.1962 -0.0211 -0.0110 0.0095  19   LEU A CA  
106 C C   . LEU A 19  ? 0.2372 0.2222 0.1649 -0.0061 0.0007  0.0104  19   LEU A C   
107 O O   . LEU A 19  ? 0.2720 0.2191 0.1460 -0.0034 0.0015  0.0057  19   LEU A O   
108 C CB  . LEU A 19  ? 0.2994 0.2503 0.1821 -0.0406 -0.0134 0.0077  19   LEU A CB  
109 C CG  . LEU A 19  ? 0.3192 0.2401 0.2588 -0.0491 -0.0325 -0.0029 19   LEU A CG  
110 C CD1 . LEU A 19  ? 0.3502 0.3677 0.1983 -0.0280 -0.0156 -0.0297 19   LEU A CD1 
111 C CD2 . LEU A 19  ? 0.3673 0.3439 0.2565 0.0056  -0.0322 -0.0659 19   LEU A CD2 
112 N N   . ASP A 20  ? 0.2575 0.2172 0.1580 -0.0142 0.0117  0.0296  20   ASP A N   
113 C CA  . ASP A 20  ? 0.2502 0.2464 0.1978 -0.0299 -0.0134 0.0200  20   ASP A CA  
114 C C   . ASP A 20  ? 0.2347 0.2388 0.1922 0.0101  0.0039  0.0022  20   ASP A C   
115 O O   . ASP A 20  ? 0.2818 0.2422 0.1597 -0.0050 -0.0046 0.0137  20   ASP A O   
116 C CB  . ASP A 20  ? 0.2915 0.2339 0.1916 -0.0130 -0.0261 0.0004  20   ASP A CB  
117 C CG  . ASP A 20  ? 0.3391 0.2503 0.2541 0.0198  -0.0074 0.0368  20   ASP A CG  
118 O OD1 . ASP A 20  ? 0.4460 0.3035 0.2356 0.0395  0.0375  0.0681  20   ASP A OD1 
119 O OD2 . ASP A 20  ? 0.3297 0.3067 0.3205 0.0166  -0.0311 0.0187  20   ASP A OD2 
120 N N   . LEU A 21  ? 0.2608 0.2146 0.1869 0.0074  -0.0099 0.0000  21   LEU A N   
121 C CA  . LEU A 21  ? 0.2587 0.2572 0.2014 0.0217  -0.0160 0.0262  21   LEU A CA  
122 C C   . LEU A 21  ? 0.2412 0.2073 0.1918 -0.0082 -0.0031 0.0125  21   LEU A C   
123 O O   . LEU A 21  ? 0.2766 0.2238 0.1691 -0.0004 0.0036  0.0168  21   LEU A O   
124 C CB  . LEU A 21  ? 0.3266 0.3420 0.2053 0.0464  0.0272  0.0592  21   LEU A CB  
125 C CG  . LEU A 21  ? 0.3525 0.3635 0.3259 0.0713  -0.0135 0.0527  21   LEU A CG  
126 C CD1 . LEU A 21  ? 0.4024 0.5430 0.2999 0.1004  0.0521  0.1377  21   LEU A CD1 
127 C CD2 . LEU A 21  ? 0.4550 0.5321 0.3454 0.0672  -0.0050 -0.0732 21   LEU A CD2 
128 N N   . LYS A 22  ? 0.2940 0.2317 0.1892 -0.0128 -0.0140 0.0167  22   LYS A N   
129 C CA  . LYS A 22  ? 0.2860 0.2650 0.2003 -0.0072 -0.0132 0.0170  22   LYS A CA  
130 C C   . LYS A 22  ? 0.2743 0.2151 0.1681 0.0191  -0.0091 -0.0106 22   LYS A C   
131 O O   . LYS A 22  ? 0.2658 0.2461 0.1736 0.0002  0.0155  -0.0024 22   LYS A O   
132 C CB  . LYS A 22  ? 0.2957 0.2716 0.2595 0.0018  -0.0056 -0.0245 22   LYS A CB  
133 C CG  . LYS A 22  ? 0.3373 0.3442 0.3460 -0.0188 -0.0079 0.0115  22   LYS A CG  
134 C CD  . LYS A 22  ? 0.5242 0.4377 0.3720 0.0105  -0.0399 -0.0537 22   LYS A CD  
135 N N   . ALA A 23  ? 0.3090 0.2300 0.1542 0.0008  -0.0137 -0.0058 23   ALA A N   
136 C CA  . ALA A 23  ? 0.2829 0.2847 0.2075 -0.0005 0.0107  -0.0129 23   ALA A CA  
137 C C   . ALA A 23  ? 0.2756 0.3085 0.2214 -0.0090 0.0045  -0.0129 23   ALA A C   
138 O O   . ALA A 23  ? 0.3117 0.3305 0.1974 -0.0435 -0.0029 0.0284  23   ALA A O   
139 C CB  . ALA A 23  ? 0.3052 0.2514 0.1911 0.0119  0.0329  -0.0168 23   ALA A CB  
140 N N   . ALA A 24  ? 0.2875 0.2893 0.1726 -0.0366 -0.0067 0.0006  24   ALA A N   
141 C CA  . ALA A 24  ? 0.2640 0.2375 0.2150 -0.0581 -0.0289 0.0157  24   ALA A CA  
142 C C   . ALA A 24  ? 0.3211 0.2236 0.2047 -0.0321 0.0085  0.0211  24   ALA A C   
143 O O   . ALA A 24  ? 0.4049 0.3270 0.2195 -0.0312 -0.0348 0.0175  24   ALA A O   
144 C CB  . ALA A 24  ? 0.3511 0.2759 0.2052 0.0007  -0.0045 0.0091  24   ALA A CB  
145 N N   . GLY A 25  ? 0.2757 0.2502 0.1727 -0.0177 0.0096  0.0038  25   GLY A N   
146 C CA  . GLY A 25  ? 0.2525 0.2552 0.2215 -0.0282 -0.0092 0.0106  25   GLY A CA  
147 C C   . GLY A 25  ? 0.2334 0.2560 0.2032 0.0015  0.0013  -0.0028 25   GLY A C   
148 O O   . GLY A 25  ? 0.2588 0.2631 0.1956 -0.0203 0.0075  0.0203  25   GLY A O   
149 N N   . TRP A 26  ? 0.2437 0.2083 0.1453 0.0023  0.0070  0.0054  26   TRP A N   
150 C CA  . TRP A 26  ? 0.2428 0.2343 0.1524 -0.0157 -0.0075 -0.0042 26   TRP A CA  
151 C C   . TRP A 26  ? 0.3140 0.2310 0.1839 -0.0420 0.0047  0.0010  26   TRP A C   
152 O O   . TRP A 26  ? 0.3918 0.2545 0.1763 -0.0377 0.0223  -0.0001 26   TRP A O   
153 C CB  . TRP A 26  ? 0.2280 0.2273 0.1507 -0.0163 -0.0043 0.0063  26   TRP A CB  
154 C CG  . TRP A 26  ? 0.2448 0.2128 0.1627 0.0057  0.0043  0.0071  26   TRP A CG  
155 C CD1 . TRP A 26  ? 0.2544 0.2162 0.1854 -0.0101 0.0101  -0.0094 26   TRP A CD1 
156 C CD2 . TRP A 26  ? 0.2129 0.2090 0.1481 -0.0103 -0.0122 0.0055  26   TRP A CD2 
157 N NE1 . TRP A 26  ? 0.2394 0.2059 0.1830 -0.0478 0.0029  -0.0013 26   TRP A NE1 
158 C CE2 . TRP A 26  ? 0.2100 0.1965 0.1675 -0.0076 0.0027  0.0106  26   TRP A CE2 
159 C CE3 . TRP A 26  ? 0.2267 0.2081 0.1722 -0.0250 -0.0075 0.0086  26   TRP A CE3 
160 C CZ2 . TRP A 26  ? 0.2269 0.1978 0.1980 -0.0033 -0.0062 -0.0139 26   TRP A CZ2 
161 C CZ3 . TRP A 26  ? 0.2221 0.1958 0.1750 0.0025  0.0103  0.0165  26   TRP A CZ3 
162 C CH2 . TRP A 26  ? 0.2259 0.2116 0.1781 0.0116  -0.0049 -0.0087 26   TRP A CH2 
163 N N   . SER A 27  ? 0.2677 0.2059 0.1618 -0.0341 0.0006  -0.0276 27   SER A N   
164 C CA  . SER A 27  ? 0.2480 0.1904 0.1910 -0.0238 0.0308  -0.0470 27   SER A CA  
165 C C   . SER A 27  ? 0.2305 0.1957 0.2160 -0.0217 0.0117  -0.0008 27   SER A C   
166 O O   . SER A 27  ? 0.2827 0.2620 0.2050 -0.0055 0.0082  -0.0381 27   SER A O   
167 C CB  . SER A 27  ? 0.3375 0.3035 0.3263 0.0476  0.0048  -0.0037 27   SER A CB  
168 O OG  . SER A 27  ? 0.4760 0.2850 0.3555 -0.0102 -0.0144 0.0129  27   SER A OG  
169 N N   . GLU A 28  ? 0.3012 0.2840 0.2190 -0.0647 0.0006  -0.0415 28   GLU A N   
170 C CA  . GLU A 28  ? 0.2720 0.2894 0.2509 -0.0080 0.0201  -0.0223 28   GLU A CA  
171 C C   . GLU A 28  ? 0.2762 0.2815 0.3023 -0.0175 0.0299  -0.0022 28   GLU A C   
172 O O   . GLU A 28  ? 0.3644 0.2409 0.3809 -0.0005 0.0806  0.0102  28   GLU A O   
173 C CB  . GLU A 28  ? 0.3714 0.2983 0.2858 -0.0228 -0.0272 -0.0074 28   GLU A CB  
174 C CG  . GLU A 28  ? 0.3856 0.3155 0.2558 -0.0084 -0.0452 -0.0053 28   GLU A CG  
175 C CD  . GLU A 28  ? 0.3975 0.4106 0.3213 -0.0206 -0.0620 -0.0118 28   GLU A CD  
176 O OE1 . GLU A 28  ? 0.4076 0.4203 0.3607 -0.0318 -0.0327 0.0307  28   GLU A OE1 
177 O OE2 . GLU A 28  ? 0.4685 0.3452 0.3105 -0.0639 -0.0264 -0.0100 28   GLU A OE2 
178 N N   . LEU A 29  ? 0.2849 0.2168 0.2880 -0.0064 0.0227  -0.0344 29   LEU A N   
179 C CA  . LEU A 29  ? 0.2858 0.2862 0.2894 -0.0199 -0.0064 0.0286  29   LEU A CA  
180 C C   . LEU A 29  ? 0.3057 0.2816 0.2672 -0.0058 0.0352  -0.0040 29   LEU A C   
181 O O   . LEU A 29  ? 0.3243 0.2714 0.3112 -0.0343 0.0263  -0.0472 29   LEU A O   
182 C CB  . LEU A 29  ? 0.3417 0.2498 0.2798 0.0310  -0.0020 0.0154  29   LEU A CB  
183 C CG  . LEU A 29  ? 0.3489 0.3560 0.3285 0.0091  -0.0343 0.0123  29   LEU A CG  
184 C CD1 . LEU A 29  ? 0.3577 0.3838 0.3448 0.0150  -0.0105 -0.0003 29   LEU A CD1 
185 C CD2 . LEU A 29  ? 0.3717 0.3303 0.4117 -0.0305 0.0215  0.0154  29   LEU A CD2 
186 N N   . SER A 30  ? 0.3725 0.2635 0.3815 -0.0209 0.0579  0.0170  30   SER A N   
187 C CA  . SER A 30  ? 0.3102 0.3758 0.3642 -0.0217 0.0220  -0.0038 30   SER A CA  
188 C C   . SER A 30  ? 0.3222 0.3336 0.4043 -0.0003 0.0383  0.0010  30   SER A C   
189 O O   . SER A 30  ? 0.4397 0.4836 0.3955 -0.1045 -0.0018 0.0733  30   SER A O   
190 C CB  . SER A 30  ? 0.3891 0.3526 0.4916 -0.0185 0.0389  -0.0235 30   SER A CB  
191 O OG  . SER A 30  ? 0.5850 0.4178 0.6300 0.0908  -0.0365 -0.0173 30   SER A OG  
192 N N   . GLU A 31  ? 0.3636 0.2824 0.3914 -0.0029 0.0317  0.0862  31   GLU A N   
193 C CA  . GLU A 31  ? 0.3829 0.3537 0.4101 0.0115  0.0639  0.0693  31   GLU A CA  
194 C C   . GLU A 31  ? 0.2949 0.2769 0.3836 -0.0253 -0.0041 0.0788  31   GLU A C   
195 O O   . GLU A 31  ? 0.3762 0.3314 0.4161 -0.0976 0.0146  0.0196  31   GLU A O   
196 C CB  . GLU A 31  ? 0.4188 0.3464 0.4127 0.0272  0.0655  0.1048  31   GLU A CB  
197 C CG  . GLU A 31  ? 0.4207 0.3922 0.5358 -0.0152 0.0047  0.0780  31   GLU A CG  
198 C CD  . GLU A 31  ? 0.4229 0.2778 0.4617 -0.0194 0.0080  -0.0743 31   GLU A CD  
199 O OE1 . GLU A 31  ? 0.4821 0.4905 0.4406 -0.0370 0.0423  0.1603  31   GLU A OE1 
200 O OE2 . GLU A 31  ? 0.6071 0.6284 0.5883 -0.1766 -0.1271 -0.0031 31   GLU A OE2 
201 N N   . ARG A 32  ? 0.3458 0.2753 0.2974 -0.0514 -0.0233 0.0465  32   ARG A N   
202 C CA  . ARG A 32  ? 0.2924 0.3576 0.2921 -0.0541 -0.0211 0.0073  32   ARG A CA  
203 C C   . ARG A 32  ? 0.2673 0.2407 0.2942 -0.0334 0.0046  -0.0157 32   ARG A C   
204 O O   . ARG A 32  ? 0.2609 0.2918 0.2481 -0.0352 0.0017  -0.0107 32   ARG A O   
205 C CB  . ARG A 32  ? 0.3305 0.3454 0.3190 -0.0821 -0.0308 -0.0024 32   ARG A CB  
206 C CG  . ARG A 32  ? 0.3277 0.3964 0.3448 -0.0778 -0.0595 0.0015  32   ARG A CG  
207 C CD  . ARG A 32  ? 0.3226 0.3024 0.2596 -0.0219 0.0058  -0.0023 32   ARG A CD  
208 N NE  . ARG A 32  ? 0.3628 0.2829 0.2328 -0.0397 -0.0103 0.0004  32   ARG A NE  
209 C CZ  . ARG A 32  ? 0.2960 0.2672 0.2166 -0.0407 -0.0217 0.0219  32   ARG A CZ  
210 N NH1 . ARG A 32  ? 0.2862 0.2453 0.2807 -0.0345 -0.0136 0.0168  32   ARG A NH1 
211 N NH2 . ARG A 32  ? 0.3275 0.2938 0.3251 -0.0231 -0.0532 0.0330  32   ARG A NH2 
212 N N   . ASP A 33  ? 0.2274 0.2453 0.2568 -0.0422 -0.0120 0.0033  33   ASP A N   
213 C CA  . ASP A 33  ? 0.3004 0.2679 0.2569 -0.0618 -0.0058 0.0143  33   ASP A CA  
214 C C   . ASP A 33  ? 0.2817 0.2731 0.2466 -0.0012 -0.0460 -0.0237 33   ASP A C   
215 O O   . ASP A 33  ? 0.2664 0.2757 0.2827 -0.0380 -0.0204 -0.0084 33   ASP A O   
216 C CB  . ASP A 33  ? 0.2976 0.2739 0.3063 -0.0427 -0.0087 -0.0022 33   ASP A CB  
217 C CG  . ASP A 33  ? 0.3502 0.3318 0.2605 -0.0079 -0.0500 -0.0167 33   ASP A CG  
218 O OD1 . ASP A 33  ? 0.4305 0.3652 0.2857 -0.0609 -0.0118 0.0528  33   ASP A OD1 
219 O OD2 . ASP A 33  ? 0.3942 0.3395 0.3164 -0.0071 -0.0551 0.0388  33   ASP A OD2 
220 N N   . ALA A 34  ? 0.2741 0.2187 0.2427 -0.0518 0.0091  -0.0368 34   ALA A N   
221 C CA  . ALA A 34  ? 0.2139 0.2326 0.1777 -0.0293 -0.0095 -0.0093 34   ALA A CA  
222 C C   . ALA A 34  ? 0.2047 0.1887 0.1960 -0.0304 -0.0110 0.0008  34   ALA A C   
223 O O   . ALA A 34  ? 0.2499 0.2481 0.2436 -0.0138 0.0157  0.0044  34   ALA A O   
224 C CB  . ALA A 34  ? 0.2315 0.2400 0.2177 -0.0183 0.0029  0.0225  34   ALA A CB  
225 N N   . ILE A 35  ? 0.2166 0.2009 0.1548 -0.0414 -0.0011 -0.0053 35   ILE A N   
226 C CA  . ILE A 35  ? 0.2006 0.1973 0.1758 0.0016  -0.0061 -0.0014 35   ILE A CA  
227 C C   . ILE A 35  ? 0.1977 0.1985 0.1776 -0.0165 0.0010  -0.0075 35   ILE A C   
228 O O   . ILE A 35  ? 0.1917 0.2315 0.1596 -0.0057 0.0151  -0.0081 35   ILE A O   
229 C CB  . ILE A 35  ? 0.2226 0.2045 0.1802 -0.0297 -0.0117 0.0089  35   ILE A CB  
230 C CG1 . ILE A 35  ? 0.2274 0.2048 0.1867 -0.0254 -0.0015 0.0250  35   ILE A CG1 
231 C CG2 . ILE A 35  ? 0.2527 0.2649 0.1942 -0.0291 -0.0267 -0.0045 35   ILE A CG2 
232 C CD1 . ILE A 35  ? 0.2841 0.2031 0.2018 -0.0446 -0.0458 0.0271  35   ILE A CD1 
233 N N   . TYR A 36  ? 0.1966 0.2031 0.1534 -0.0195 -0.0030 0.0178  36   TYR A N   
234 C CA  . TYR A 36  ? 0.1799 0.2230 0.1726 -0.0120 -0.0027 0.0076  36   TYR A CA  
235 C C   . TYR A 36  ? 0.1795 0.1990 0.1703 -0.0246 -0.0049 -0.0007 36   TYR A C   
236 O O   . TYR A 36  ? 0.2394 0.2187 0.1596 -0.0214 0.0093  -0.0033 36   TYR A O   
237 C CB  . TYR A 36  ? 0.2213 0.2264 0.2028 -0.0141 0.0097  0.0131  36   TYR A CB  
238 C CG  . TYR A 36  ? 0.2313 0.2364 0.2047 0.0021  0.0151  0.0253  36   TYR A CG  
239 C CD1 . TYR A 36  ? 0.2696 0.2869 0.2065 0.0280  0.0013  -0.0036 36   TYR A CD1 
240 C CD2 . TYR A 36  ? 0.2389 0.2535 0.2222 0.0152  0.0238  0.0008  36   TYR A CD2 
241 C CE1 . TYR A 36  ? 0.2831 0.3051 0.2306 0.0426  -0.0154 0.0134  36   TYR A CE1 
242 C CE2 . TYR A 36  ? 0.2450 0.2918 0.2592 0.0474  0.0091  -0.0003 36   TYR A CE2 
243 C CZ  . TYR A 36  ? 0.2940 0.2917 0.2475 0.0644  -0.0212 -0.0168 36   TYR A CZ  
244 O OH  . TYR A 36  ? 0.3222 0.2647 0.2813 0.0434  -0.0639 -0.0261 36   TYR A OH  
245 N N   . LYS A 37  ? 0.2107 0.1756 0.1470 -0.0100 0.0065  -0.0051 37   LYS A N   
246 C CA  . LYS A 37  ? 0.1827 0.1911 0.1806 0.0167  -0.0033 -0.0095 37   LYS A CA  
247 C C   . LYS A 37  ? 0.1976 0.2221 0.1799 0.0210  -0.0037 -0.0010 37   LYS A C   
248 O O   . LYS A 37  ? 0.2157 0.2382 0.1563 -0.0040 -0.0042 -0.0206 37   LYS A O   
249 C CB  . LYS A 37  ? 0.2087 0.1811 0.1789 -0.0155 -0.0045 -0.0149 37   LYS A CB  
250 C CG  . LYS A 37  ? 0.1927 0.2159 0.1645 0.0078  -0.0017 -0.0020 37   LYS A CG  
251 C CD  . LYS A 37  ? 0.2508 0.2061 0.1557 -0.0163 -0.0109 -0.0173 37   LYS A CD  
252 C CE  . LYS A 37  ? 0.2523 0.2507 0.1912 -0.0027 0.0071  0.0065  37   LYS A CE  
253 N NZ  . LYS A 37  ? 0.2375 0.2236 0.2112 -0.0318 0.0222  -0.0020 37   LYS A NZ  
254 N N   . GLU A 38  ? 0.1923 0.2242 0.1625 0.0086  0.0104  -0.0217 38   GLU A N   
255 C CA  . GLU A 38  ? 0.2015 0.2344 0.1684 -0.0047 0.0073  -0.0133 38   GLU A CA  
256 C C   . GLU A 38  ? 0.1952 0.2362 0.2114 -0.0180 -0.0054 -0.0187 38   GLU A C   
257 O O   . GLU A 38  ? 0.2433 0.2937 0.2057 -0.0138 0.0356  -0.0159 38   GLU A O   
258 C CB  . GLU A 38  ? 0.2430 0.2610 0.2231 0.0301  0.0118  -0.0066 38   GLU A CB  
259 C CG  . GLU A 38  ? 0.3103 0.3253 0.2429 0.0118  -0.0163 0.0188  38   GLU A CG  
260 C CD  . GLU A 38  ? 0.3316 0.4131 0.4206 0.0625  -0.0596 0.0852  38   GLU A CD  
261 O OE1 . GLU A 38  ? 0.4016 0.4498 0.5573 0.1139  -0.0111 0.1724  38   GLU A OE1 
262 O OE2 . GLU A 38  ? 0.4679 0.5687 0.4377 0.1334  0.0151  -0.0014 38   GLU A OE2 
263 N N   . PHE A 39  ? 0.2257 0.2291 0.1662 -0.0064 0.0268  -0.0133 39   PHE A N   
264 C CA  . PHE A 39  ? 0.2199 0.2517 0.1753 -0.0151 0.0219  -0.0146 39   PHE A CA  
265 C C   . PHE A 39  ? 0.2179 0.2522 0.2273 -0.0131 0.0098  0.0207  39   PHE A C   
266 O O   . PHE A 39  ? 0.2229 0.2631 0.2014 0.0040  0.0176  0.0193  39   PHE A O   
267 C CB  . PHE A 39  ? 0.2360 0.2303 0.1788 -0.0047 -0.0026 -0.0115 39   PHE A CB  
268 C CG  . PHE A 39  ? 0.2287 0.2187 0.1580 0.0044  0.0173  -0.0075 39   PHE A CG  
269 C CD1 . PHE A 39  ? 0.2197 0.2216 0.1918 0.0255  0.0185  -0.0100 39   PHE A CD1 
270 C CD2 . PHE A 39  ? 0.2461 0.1976 0.2021 -0.0178 -0.0043 0.0117  39   PHE A CD2 
271 C CE1 . PHE A 39  ? 0.2058 0.2540 0.2313 -0.0003 0.0087  -0.0351 39   PHE A CE1 
272 C CE2 . PHE A 39  ? 0.2560 0.2178 0.1813 0.0247  0.0186  0.0023  39   PHE A CE2 
273 C CZ  . PHE A 39  ? 0.2323 0.2625 0.1902 0.0228  -0.0267 -0.0375 39   PHE A CZ  
274 N N   . SER A 40  ? 0.2208 0.2540 0.1888 -0.0219 0.0199  -0.0066 40   SER A N   
275 C CA  . SER A 40  ? 0.2318 0.2208 0.1993 0.0017  0.0232  0.0023  40   SER A CA  
276 C C   . SER A 40  ? 0.2484 0.2361 0.2054 -0.0188 0.0027  0.0016  40   SER A C   
277 O O   . SER A 40  ? 0.3196 0.3588 0.2236 -0.0405 0.0551  0.0172  40   SER A O   
278 C CB  . SER A 40  ? 0.2745 0.3293 0.2668 0.0556  0.0519  -0.0199 40   SER A CB  
279 O OG  . SER A 40  ? 0.3541 0.4429 0.3214 0.0521  0.0033  -0.0453 40   SER A OG  
280 N N   . PHE A 41  ? 0.2021 0.2342 0.1980 0.0160  0.0320  0.0001  41   PHE A N   
281 C CA  . PHE A 41  ? 0.2055 0.2408 0.1940 -0.0063 0.0387  0.0004  41   PHE A CA  
282 C C   . PHE A 41  ? 0.2153 0.2176 0.1841 0.0121  0.0387  0.0154  41   PHE A C   
283 O O   . PHE A 41  ? 0.2075 0.2567 0.2557 0.0331  0.0441  0.0457  41   PHE A O   
284 C CB  . PHE A 41  ? 0.2095 0.1825 0.2150 0.0069  0.0155  0.0301  41   PHE A CB  
285 C CG  . PHE A 41  ? 0.2041 0.2425 0.2171 0.0046  0.0116  -0.0002 41   PHE A CG  
286 C CD1 . PHE A 41  ? 0.2275 0.2775 0.2047 -0.0079 0.0170  0.0216  41   PHE A CD1 
287 C CD2 . PHE A 41  ? 0.2129 0.2247 0.1806 0.0027  0.0060  -0.0109 41   PHE A CD2 
288 C CE1 . PHE A 41  ? 0.2470 0.2728 0.2280 0.0076  0.0243  0.0381  41   PHE A CE1 
289 C CE2 . PHE A 41  ? 0.2190 0.1787 0.1827 -0.0079 0.0058  -0.0217 41   PHE A CE2 
290 C CZ  . PHE A 41  ? 0.2232 0.2279 0.2099 0.0206  0.0046  0.0151  41   PHE A CZ  
291 N N   . HIS A 42  ? 0.2640 0.2965 0.1740 -0.0093 0.0247  -0.0087 42   HIS A N   
292 C CA  . HIS A 42  ? 0.2600 0.3046 0.2327 0.0176  0.0068  -0.0135 42   HIS A CA  
293 C C   . HIS A 42  ? 0.2060 0.3151 0.2430 0.0399  0.0423  0.0103  42   HIS A C   
294 O O   . HIS A 42  ? 0.2398 0.3583 0.2709 0.0769  0.0718  -0.0026 42   HIS A O   
295 C CB  . HIS A 42  ? 0.3341 0.3539 0.2735 -0.0506 0.0195  0.0113  42   HIS A CB  
296 C CG  . HIS A 42  ? 0.3398 0.5289 0.4438 0.0139  0.0161  0.0306  42   HIS A CG  
297 N ND1 . HIS A 42  ? 0.4034 0.7062 0.4936 0.0467  0.0599  -0.0772 42   HIS A ND1 
298 C CD2 . HIS A 42  ? 0.4461 0.5545 0.5446 0.0019  0.0533  -0.0492 42   HIS A CD2 
299 C CE1 . HIS A 42  ? 0.4242 0.7483 0.6090 -0.0773 0.0314  -0.0892 42   HIS A CE1 
300 N NE2 . HIS A 42  ? 0.5031 0.8193 0.6112 0.0863  -0.0488 -0.0815 42   HIS A NE2 
301 N N   . ASN A 43  ? 0.2024 0.2384 0.2140 0.0380  0.0232  0.0145  43   ASN A N   
302 C CA  . ASN A 43  ? 0.1666 0.2171 0.2101 0.0018  0.0255  0.0062  43   ASN A CA  
303 C C   . ASN A 43  ? 0.1729 0.1786 0.1772 0.0184  0.0166  0.0162  43   ASN A C   
304 O O   . ASN A 43  ? 0.1891 0.2222 0.1887 0.0103  0.0140  -0.0022 43   ASN A O   
305 C CB  . ASN A 43  ? 0.1728 0.2191 0.2205 0.0250  0.0329  -0.0077 43   ASN A CB  
306 C CG  . ASN A 43  ? 0.2036 0.2308 0.2846 0.0223  0.0111  0.0080  43   ASN A CG  
307 O OD1 . ASN A 43  ? 0.1818 0.2419 0.2505 0.0179  0.0191  0.0249  43   ASN A OD1 
308 N ND2 . ASN A 43  ? 0.2747 0.2536 0.5399 -0.0305 -0.0112 0.0857  43   ASN A ND2 
309 N N   . PHE A 44  ? 0.1859 0.1895 0.1678 0.0347  0.0050  0.0069  44   PHE A N   
310 C CA  . PHE A 44  ? 0.1736 0.1899 0.1726 0.0036  0.0040  0.0090  44   PHE A CA  
311 C C   . PHE A 44  ? 0.1741 0.1848 0.1651 0.0029  0.0003  0.0188  44   PHE A C   
312 O O   . PHE A 44  ? 0.1700 0.2040 0.1790 0.0172  -0.0005 0.0205  44   PHE A O   
313 C CB  . PHE A 44  ? 0.1811 0.1810 0.1922 0.0143  0.0194  0.0234  44   PHE A CB  
314 C CG  . PHE A 44  ? 0.1653 0.1547 0.1674 0.0202  -0.0038 0.0122  44   PHE A CG  
315 C CD1 . PHE A 44  ? 0.1810 0.1691 0.2055 0.0026  0.0140  0.0054  44   PHE A CD1 
316 C CD2 . PHE A 44  ? 0.1772 0.1627 0.1754 0.0028  0.0010  0.0039  44   PHE A CD2 
317 C CE1 . PHE A 44  ? 0.1656 0.1741 0.1833 -0.0069 -0.0117 -0.0019 44   PHE A CE1 
318 C CE2 . PHE A 44  ? 0.1746 0.1776 0.1862 -0.0004 -0.0003 0.0121  44   PHE A CE2 
319 C CZ  . PHE A 44  ? 0.1576 0.1960 0.1782 0.0118  0.0096  -0.0094 44   PHE A CZ  
320 N N   . ASN A 45  ? 0.1552 0.1845 0.1980 0.0133  0.0045  0.0114  45   ASN A N   
321 C CA  . ASN A 45  ? 0.1538 0.1769 0.1633 -0.0074 0.0105  -0.0013 45   ASN A CA  
322 C C   . ASN A 45  ? 0.1738 0.1961 0.1669 0.0101  0.0049  -0.0054 45   ASN A C   
323 O O   . ASN A 45  ? 0.1847 0.1708 0.1946 0.0145  0.0183  0.0074  45   ASN A O   
324 C CB  . ASN A 45  ? 0.1725 0.1727 0.2254 -0.0123 0.0061  0.0033  45   ASN A CB  
325 C CG  . ASN A 45  ? 0.1453 0.1844 0.2213 -0.0059 -0.0075 -0.0113 45   ASN A CG  
326 O OD1 . ASN A 45  ? 0.2051 0.1882 0.2553 -0.0065 -0.0100 0.0189  45   ASN A OD1 
327 N ND2 . ASN A 45  ? 0.2022 0.1763 0.2006 0.0128  0.0025  0.0233  45   ASN A ND2 
328 N N   . GLN A 46  ? 0.1722 0.2004 0.1754 0.0021  0.0230  -0.0088 46   GLN A N   
329 C CA  . GLN A 46  ? 0.1866 0.1888 0.1841 0.0064  0.0057  0.0064  46   GLN A CA  
330 C C   . GLN A 46  ? 0.1669 0.1756 0.1658 0.0125  0.0151  -0.0082 46   GLN A C   
331 O O   . GLN A 46  ? 0.1749 0.2286 0.1828 0.0265  0.0195  0.0160  46   GLN A O   
332 C CB  . GLN A 46  ? 0.2090 0.2430 0.1989 0.0139  0.0112  -0.0119 46   GLN A CB  
333 C CG  . GLN A 46  ? 0.2317 0.2429 0.2393 0.0047  0.0094  -0.0040 46   GLN A CG  
334 C CD  . GLN A 46  ? 0.3108 0.3037 0.2906 0.0078  0.0582  -0.0236 46   GLN A CD  
335 O OE1 . GLN A 46  ? 0.2513 0.3278 0.2799 -0.0346 0.0799  -0.0515 46   GLN A OE1 
336 N NE2 . GLN A 46  ? 0.2862 0.3886 0.4285 0.0004  0.0981  -0.0276 46   GLN A NE2 
337 N N   . ALA A 47  ? 0.1768 0.1873 0.1946 0.0200  0.0069  0.0052  47   ALA A N   
338 C CA  . ALA A 47  ? 0.1856 0.2080 0.1623 0.0184  0.0079  0.0010  47   ALA A CA  
339 C C   . ALA A 47  ? 0.1744 0.2085 0.1408 0.0186  -0.0006 -0.0006 47   ALA A C   
340 O O   . ALA A 47  ? 0.1857 0.2019 0.1586 0.0062  -0.0027 0.0131  47   ALA A O   
341 C CB  . ALA A 47  ? 0.1802 0.1964 0.1804 0.0042  -0.0082 -0.0058 47   ALA A CB  
342 N N   . PHE A 48  ? 0.1527 0.1913 0.1464 0.0284  0.0054  -0.0138 48   PHE A N   
343 C CA  . PHE A 48  ? 0.1510 0.2005 0.1495 0.0218  0.0068  -0.0080 48   PHE A CA  
344 C C   . PHE A 48  ? 0.1719 0.1781 0.1493 -0.0058 0.0017  -0.0059 48   PHE A C   
345 O O   . PHE A 48  ? 0.1581 0.2001 0.1674 0.0017  0.0080  0.0105  48   PHE A O   
346 C CB  . PHE A 48  ? 0.1720 0.1924 0.1559 0.0131  -0.0081 0.0051  48   PHE A CB  
347 C CG  . PHE A 48  ? 0.1850 0.2040 0.1626 -0.0004 -0.0085 -0.0064 48   PHE A CG  
348 C CD1 . PHE A 48  ? 0.1732 0.2450 0.1693 -0.0086 -0.0080 0.0230  48   PHE A CD1 
349 C CD2 . PHE A 48  ? 0.1884 0.2202 0.1508 0.0227  -0.0062 -0.0051 48   PHE A CD2 
350 C CE1 . PHE A 48  ? 0.2019 0.2411 0.1807 -0.0027 0.0137  -0.0156 48   PHE A CE1 
351 C CE2 . PHE A 48  ? 0.2034 0.2455 0.1708 0.0122  0.0032  0.0110  48   PHE A CE2 
352 C CZ  . PHE A 48  ? 0.1686 0.2282 0.1824 0.0192  -0.0039 -0.0041 48   PHE A CZ  
353 N N   . GLY A 49  ? 0.1697 0.1999 0.1962 -0.0077 0.0042  0.0112  49   GLY A N   
354 C CA  . GLY A 49  ? 0.1840 0.1979 0.1602 -0.0079 0.0064  0.0021  49   GLY A CA  
355 C C   . GLY A 49  ? 0.1917 0.1788 0.1627 0.0016  0.0007  -0.0128 49   GLY A C   
356 O O   . GLY A 49  ? 0.1940 0.2046 0.1649 0.0035  -0.0061 -0.0028 49   GLY A O   
357 N N   . PHE A 50  ? 0.1570 0.1611 0.1621 0.0008  0.0076  0.0003  50   PHE A N   
358 C CA  . PHE A 50  ? 0.1682 0.1765 0.1732 0.0152  -0.0111 0.0058  50   PHE A CA  
359 C C   . PHE A 50  ? 0.1668 0.1547 0.1525 0.0110  -0.0037 -0.0076 50   PHE A C   
360 O O   . PHE A 50  ? 0.1772 0.1754 0.1495 0.0078  -0.0071 0.0078  50   PHE A O   
361 C CB  . PHE A 50  ? 0.1915 0.1935 0.1649 -0.0020 0.0012  0.0025  50   PHE A CB  
362 C CG  . PHE A 50  ? 0.1671 0.1971 0.1685 0.0257  0.0070  -0.0204 50   PHE A CG  
363 C CD1 . PHE A 50  ? 0.1967 0.1861 0.1708 0.0051  0.0112  0.0069  50   PHE A CD1 
364 C CD2 . PHE A 50  ? 0.1865 0.2421 0.2082 -0.0034 -0.0006 0.0119  50   PHE A CD2 
365 C CE1 . PHE A 50  ? 0.2024 0.2335 0.1475 0.0106  -0.0128 -0.0061 50   PHE A CE1 
366 C CE2 . PHE A 50  ? 0.2214 0.2008 0.1757 0.0150  0.0027  0.0153  50   PHE A CE2 
367 C CZ  . PHE A 50  ? 0.2406 0.2435 0.1645 0.0007  -0.0334 -0.0018 50   PHE A CZ  
368 N N   . MET A 51  ? 0.1636 0.1846 0.1576 -0.0131 0.0013  0.0124  51   MET A N   
369 C CA  . MET A 51  ? 0.1797 0.1776 0.1514 -0.0063 0.0102  0.0104  51   MET A CA  
370 C C   . MET A 51  ? 0.1675 0.1745 0.1451 -0.0004 -0.0023 0.0128  51   MET A C   
371 O O   . MET A 51  ? 0.1633 0.1726 0.1665 0.0123  -0.0004 0.0107  51   MET A O   
372 C CB  . MET A 51  ? 0.1657 0.1657 0.1487 -0.0156 -0.0032 0.0096  51   MET A CB  
373 C CG  . MET A 51  ? 0.1744 0.1648 0.1754 -0.0010 -0.0039 0.0177  51   MET A CG  
374 S SD  . MET A 51  ? 0.2026 0.1928 0.1856 0.0194  0.0100  0.0178  51   MET A SD  
375 C CE  . MET A 51  ? 0.2290 0.2248 0.1944 -0.0039 0.0338  0.0261  51   MET A CE  
376 N N   . SER A 52  ? 0.1547 0.1713 0.1697 -0.0022 0.0072  0.0095  52   SER A N   
377 C CA  A SER A 52  ? 0.1663 0.1768 0.1460 0.0075  0.0047  0.0077  52   SER A CA  
378 C CA  B SER A 52  ? 0.1784 0.1855 0.1560 0.0182  0.0070  0.0124  52   SER A CA  
379 C C   . SER A 52  ? 0.1707 0.1789 0.1496 0.0154  0.0070  0.0022  52   SER A C   
380 O O   . SER A 52  ? 0.1727 0.1738 0.1548 0.0132  -0.0004 0.0010  52   SER A O   
381 C CB  A SER A 52  ? 0.1827 0.1629 0.1401 0.0067  -0.0051 0.0144  52   SER A CB  
382 C CB  B SER A 52  ? 0.2221 0.2252 0.1867 -0.0003 -0.0192 -0.0021 52   SER A CB  
383 O OG  A SER A 52  ? 0.1827 0.1930 0.1336 -0.0084 -0.0176 0.0196  52   SER A OG  
384 O OG  B SER A 52  ? 0.2438 0.2671 0.1978 -0.0482 -0.0348 -0.0074 52   SER A OG  
385 N N   . ARG A 53  ? 0.1601 0.1596 0.1465 0.0052  0.0043  -0.0001 53   ARG A N   
386 C CA  . ARG A 53  ? 0.1768 0.1734 0.1475 0.0032  -0.0050 0.0163  53   ARG A CA  
387 C C   . ARG A 53  ? 0.1948 0.1774 0.1437 0.0050  -0.0036 -0.0023 53   ARG A C   
388 O O   . ARG A 53  ? 0.1772 0.1970 0.1425 0.0232  0.0045  0.0075  53   ARG A O   
389 C CB  . ARG A 53  ? 0.1834 0.1739 0.1701 0.0055  0.0036  0.0306  53   ARG A CB  
390 C CG  . ARG A 53  ? 0.1783 0.2012 0.1617 -0.0003 0.0117  0.0019  53   ARG A CG  
391 C CD  . ARG A 53  ? 0.1864 0.2017 0.1940 0.0075  0.0267  0.0239  53   ARG A CD  
392 N NE  . ARG A 53  ? 0.2441 0.2039 0.2030 0.0346  0.0276  0.0225  53   ARG A NE  
393 C CZ  . ARG A 53  ? 0.2517 0.2021 0.1947 -0.0039 -0.0127 -0.0166 53   ARG A CZ  
394 N NH1 . ARG A 53  ? 0.2784 0.2467 0.2282 -0.0203 0.0360  0.0186  53   ARG A NH1 
395 N NH2 . ARG A 53  ? 0.2930 0.2485 0.2171 0.0145  -0.0064 0.0397  53   ARG A NH2 
396 N N   . VAL A 54  ? 0.1836 0.1711 0.1536 0.0013  0.0061  0.0053  54   VAL A N   
397 C CA  . VAL A 54  ? 0.1756 0.1818 0.1362 -0.0003 -0.0019 0.0055  54   VAL A CA  
398 C C   . VAL A 54  ? 0.1761 0.1715 0.1580 0.0002  0.0062  0.0100  54   VAL A C   
399 O O   . VAL A 54  ? 0.1823 0.1911 0.1687 0.0019  -0.0170 -0.0018 54   VAL A O   
400 C CB  . VAL A 54  ? 0.1736 0.1836 0.1674 0.0039  -0.0011 0.0002  54   VAL A CB  
401 C CG1 . VAL A 54  ? 0.1677 0.2103 0.1549 -0.0017 0.0020  -0.0037 54   VAL A CG1 
402 C CG2 . VAL A 54  ? 0.1838 0.2231 0.1739 -0.0030 0.0128  -0.0335 54   VAL A CG2 
403 N N   . ALA A 55  ? 0.1747 0.1961 0.1493 0.0153  -0.0027 0.0026  55   ALA A N   
404 C CA  . ALA A 55  ? 0.1601 0.1662 0.1508 0.0027  -0.0088 0.0036  55   ALA A CA  
405 C C   . ALA A 55  ? 0.1623 0.1821 0.1533 0.0014  -0.0063 0.0028  55   ALA A C   
406 O O   . ALA A 55  ? 0.1512 0.2019 0.1665 0.0001  -0.0060 -0.0150 55   ALA A O   
407 C CB  . ALA A 55  ? 0.1745 0.1746 0.1499 -0.0004 -0.0101 -0.0026 55   ALA A CB  
408 N N   . LEU A 56  ? 0.1808 0.1850 0.1610 0.0053  -0.0006 -0.0045 56   LEU A N   
409 C CA  A LEU A 56  ? 0.1883 0.1966 0.1527 0.0220  -0.0004 -0.0045 56   LEU A CA  
410 C CA  B LEU A 56  ? 0.1925 0.2032 0.1570 0.0261  -0.0016 -0.0052 56   LEU A CA  
411 C C   . LEU A 56  ? 0.1734 0.2129 0.1826 0.0002  0.0009  -0.0179 56   LEU A C   
412 O O   . LEU A 56  ? 0.1782 0.2141 0.1679 0.0248  -0.0125 -0.0243 56   LEU A O   
413 C CB  A LEU A 56  ? 0.2055 0.2043 0.1783 0.0102  -0.0368 0.0013  56   LEU A CB  
414 C CB  B LEU A 56  ? 0.2230 0.2276 0.2090 0.0023  -0.0267 0.0015  56   LEU A CB  
415 C CG  A LEU A 56  ? 0.1900 0.1666 0.1576 0.0208  -0.0161 -0.0025 56   LEU A CG  
416 C CG  B LEU A 56  ? 0.2643 0.2730 0.1916 0.0165  -0.0230 -0.0068 56   LEU A CG  
417 C CD1 A LEU A 56  ? 0.2106 0.1745 0.1989 0.0230  0.0099  -0.0097 56   LEU A CD1 
418 C CD1 B LEU A 56  ? 0.2397 0.2150 0.2237 0.0028  -0.0064 -0.0108 56   LEU A CD1 
419 C CD2 A LEU A 56  ? 0.1943 0.1885 0.1846 0.0313  -0.0170 -0.0142 56   LEU A CD2 
420 C CD2 B LEU A 56  ? 0.3488 0.2855 0.2259 -0.0317 -0.0166 0.0068  56   LEU A CD2 
421 N N   . GLN A 57  ? 0.1800 0.1962 0.1645 0.0206  -0.0119 -0.0071 57   GLN A N   
422 C CA  . GLN A 57  ? 0.1980 0.2025 0.1636 0.0305  -0.0141 -0.0114 57   GLN A CA  
423 C C   . GLN A 57  ? 0.2042 0.1762 0.1862 0.0301  -0.0080 -0.0224 57   GLN A C   
424 O O   . GLN A 57  ? 0.2085 0.2159 0.1716 0.0224  -0.0312 0.0017  57   GLN A O   
425 C CB  . GLN A 57  ? 0.1957 0.2007 0.1811 -0.0084 -0.0072 -0.0325 57   GLN A CB  
426 C CG  . GLN A 57  ? 0.2158 0.2457 0.1699 0.0170  -0.0117 -0.0197 57   GLN A CG  
427 C CD  . GLN A 57  ? 0.2846 0.2700 0.2354 0.0126  -0.0251 0.0289  57   GLN A CD  
428 O OE1 . GLN A 57  ? 0.3257 0.2701 0.1980 0.0363  -0.0080 0.0216  57   GLN A OE1 
429 N NE2 . GLN A 57  ? 0.4128 0.3746 0.2588 0.0667  -0.0935 0.0009  57   GLN A NE2 
430 N N   . ALA A 58  ? 0.1945 0.1959 0.1713 0.0092  -0.0183 0.0017  58   ALA A N   
431 C CA  . ALA A 58  ? 0.1921 0.1999 0.1876 0.0104  -0.0181 0.0057  58   ALA A CA  
432 C C   . ALA A 58  ? 0.2094 0.1845 0.1882 0.0027  -0.0032 0.0055  58   ALA A C   
433 O O   . ALA A 58  ? 0.1983 0.2408 0.1993 0.0161  -0.0075 -0.0131 58   ALA A O   
434 C CB  . ALA A 58  ? 0.1884 0.1972 0.1808 -0.0089 -0.0191 -0.0030 58   ALA A CB  
435 N N   . GLU A 59  ? 0.1845 0.2267 0.1826 0.0061  -0.0103 -0.0176 59   GLU A N   
436 C CA  . GLU A 59  ? 0.2041 0.2343 0.1823 0.0155  -0.0005 -0.0074 59   GLU A CA  
437 C C   . GLU A 59  ? 0.2213 0.2298 0.2146 0.0022  -0.0082 0.0102  59   GLU A C   
438 O O   . GLU A 59  ? 0.2158 0.2987 0.2183 0.0266  -0.0081 -0.0103 59   GLU A O   
439 C CB  . GLU A 59  ? 0.2008 0.2399 0.2069 0.0121  -0.0067 -0.0183 59   GLU A CB  
440 C CG  . GLU A 59  ? 0.1828 0.2257 0.2121 0.0084  0.0054  -0.0135 59   GLU A CG  
441 C CD  . GLU A 59  ? 0.1960 0.2071 0.2143 -0.0126 -0.0019 -0.0066 59   GLU A CD  
442 O OE1 . GLU A 59  ? 0.2173 0.2643 0.2884 -0.0197 0.0199  -0.0451 59   GLU A OE1 
443 O OE2 . GLU A 59  ? 0.2026 0.2156 0.2181 -0.0022 0.0147  -0.0012 59   GLU A OE2 
444 N N   . LYS A 60  ? 0.2148 0.2418 0.1920 0.0263  -0.0075 0.0154  60   LYS A N   
445 C CA  . LYS A 60  ? 0.2312 0.2073 0.2109 0.0216  -0.0146 0.0145  60   LYS A CA  
446 C C   . LYS A 60  ? 0.2392 0.2393 0.2203 0.0326  -0.0161 -0.0290 60   LYS A C   
447 O O   . LYS A 60  ? 0.2313 0.3085 0.2218 0.0467  -0.0409 -0.0150 60   LYS A O   
448 C CB  . LYS A 60  ? 0.2315 0.1993 0.2010 0.0005  -0.0275 -0.0061 60   LYS A CB  
449 C CG  . LYS A 60  ? 0.2441 0.2495 0.2142 0.0469  -0.0354 0.0004  60   LYS A CG  
450 C CD  . LYS A 60  ? 0.2998 0.2988 0.2505 0.0269  -0.0311 0.0475  60   LYS A CD  
451 C CE  . LYS A 60  ? 0.3524 0.3348 0.2996 0.0435  -0.0524 0.0729  60   LYS A CE  
452 N NZ  . LYS A 60  ? 0.4072 0.4084 0.4355 0.0249  -0.0143 0.0602  60   LYS A NZ  
453 N N   . MET A 61  ? 0.2108 0.2026 0.1940 0.0055  -0.0394 -0.0121 61   MET A N   
454 C CA  . MET A 61  ? 0.1920 0.2420 0.2447 0.0097  -0.0541 -0.0408 61   MET A CA  
455 C C   . MET A 61  ? 0.2208 0.2993 0.2241 0.0149  -0.0183 -0.0272 61   MET A C   
456 O O   . MET A 61  ? 0.2295 0.3392 0.2676 0.0016  -0.0430 -0.0603 61   MET A O   
457 C CB  . MET A 61  ? 0.2510 0.3324 0.2242 -0.0222 -0.0207 -0.0670 61   MET A CB  
458 C CG  . MET A 61  ? 0.2961 0.3274 0.2431 0.0131  -0.0374 -0.0202 61   MET A CG  
459 S SD  . MET A 61  ? 0.2802 0.3421 0.2398 0.0479  -0.0418 -0.0471 61   MET A SD  
460 C CE  . MET A 61  ? 0.2773 0.2717 0.2291 0.0185  -0.0156 -0.0140 61   MET A CE  
461 N N   . ASN A 62  ? 0.2074 0.2868 0.2253 0.0345  -0.0156 -0.0368 62   ASN A N   
462 C CA  . ASN A 62  ? 0.1976 0.3140 0.2659 0.0212  -0.0251 0.0022  62   ASN A CA  
463 C C   . ASN A 62  ? 0.1854 0.2672 0.3071 -0.0121 -0.0020 -0.0047 62   ASN A C   
464 O O   . ASN A 62  ? 0.2069 0.2988 0.3803 -0.0301 -0.0356 -0.0277 62   ASN A O   
465 C CB  . ASN A 62  ? 0.2053 0.3187 0.2951 0.0379  -0.0294 0.0113  62   ASN A CB  
466 C CG  . ASN A 62  ? 0.2805 0.4010 0.4340 0.0001  0.0091  0.0680  62   ASN A CG  
467 O OD1 . ASN A 62  ? 0.2458 0.4868 0.4973 0.0235  0.0359  0.1147  62   ASN A OD1 
468 N ND2 . ASN A 62  ? 0.2811 0.6862 0.5708 0.0458  0.0480  0.1313  62   ASN A ND2 
469 N N   . HIS A 63  ? 0.1915 0.2351 0.2178 0.0052  -0.0226 -0.0115 63   HIS A N   
470 C CA  . HIS A 63  ? 0.2134 0.2316 0.1913 0.0315  -0.0192 0.0068  63   HIS A CA  
471 C C   . HIS A 63  ? 0.1949 0.2162 0.1942 0.0160  0.0031  -0.0009 63   HIS A C   
472 O O   . HIS A 63  ? 0.2085 0.2506 0.1986 -0.0046 -0.0261 0.0119  63   HIS A O   
473 C CB  . HIS A 63  ? 0.2262 0.2355 0.2053 0.0108  -0.0233 0.0218  63   HIS A CB  
474 C CG  . HIS A 63  ? 0.2899 0.2930 0.2110 0.0006  -0.0122 0.0005  63   HIS A CG  
475 N ND1 . HIS A 63  ? 0.3290 0.3871 0.3234 -0.0449 -0.0056 -0.0599 63   HIS A ND1 
476 C CD2 . HIS A 63  ? 0.2950 0.2765 0.2396 0.0109  -0.0186 -0.0130 63   HIS A CD2 
477 C CE1 . HIS A 63  ? 0.3123 0.3569 0.2874 -0.0571 -0.0311 -0.0679 63   HIS A CE1 
478 N NE2 . HIS A 63  ? 0.3147 0.3117 0.2171 -0.0161 -0.0240 -0.0424 63   HIS A NE2 
479 N N   . HIS A 64  ? 0.1706 0.2106 0.2015 -0.0079 -0.0191 -0.0069 64   HIS A N   
480 C CA  . HIS A 64  ? 0.1811 0.1970 0.1818 0.0005  -0.0257 -0.0224 64   HIS A CA  
481 C C   . HIS A 64  ? 0.1741 0.2056 0.1860 0.0140  0.0021  -0.0018 64   HIS A C   
482 O O   . HIS A 64  ? 0.2302 0.2413 0.2212 -0.0084 -0.0214 -0.0109 64   HIS A O   
483 C CB  . HIS A 64  ? 0.2116 0.2116 0.1954 0.0302  -0.0269 -0.0060 64   HIS A CB  
484 C CG  . HIS A 64  ? 0.1931 0.1906 0.2223 0.0231  -0.0155 -0.0046 64   HIS A CG  
485 N ND1 . HIS A 64  ? 0.1920 0.2520 0.2066 0.0145  -0.0139 -0.0251 64   HIS A ND1 
486 C CD2 . HIS A 64  ? 0.1796 0.2367 0.1885 0.0246  -0.0072 -0.0080 64   HIS A CD2 
487 C CE1 . HIS A 64  ? 0.2187 0.2689 0.2223 0.0103  -0.0103 -0.0388 64   HIS A CE1 
488 N NE2 . HIS A 64  ? 0.2097 0.2090 0.1972 0.0097  0.0061  -0.0233 64   HIS A NE2 
489 N N   . PRO A 65  ? 0.1810 0.2013 0.1693 0.0075  -0.0204 -0.0116 65   PRO A N   
490 C CA  . PRO A 65  ? 0.1963 0.2029 0.1743 0.0201  -0.0203 -0.0021 65   PRO A CA  
491 C C   . PRO A 65  ? 0.2112 0.1871 0.1736 0.0121  -0.0003 -0.0036 65   PRO A C   
492 O O   . PRO A 65  ? 0.2080 0.2254 0.1543 0.0057  -0.0023 -0.0174 65   PRO A O   
493 C CB  . PRO A 65  ? 0.2169 0.1793 0.1975 0.0030  0.0123  0.0177  65   PRO A CB  
494 C CG  . PRO A 65  ? 0.2143 0.2174 0.2130 0.0229  -0.0045 -0.0010 65   PRO A CG  
495 C CD  . PRO A 65  ? 0.1890 0.1952 0.1653 0.0082  -0.0058 -0.0052 65   PRO A CD  
496 N N   . GLU A 66  ? 0.2012 0.2056 0.1579 0.0041  -0.0132 -0.0228 66   GLU A N   
497 C CA  . GLU A 66  ? 0.1894 0.2172 0.1843 0.0024  0.0088  0.0143  66   GLU A CA  
498 C C   . GLU A 66  ? 0.1846 0.2635 0.1640 0.0228  -0.0277 -0.0311 66   GLU A C   
499 O O   . GLU A 66  ? 0.2114 0.3182 0.1555 0.0104  -0.0084 -0.0129 66   GLU A O   
500 C CB  . GLU A 66  ? 0.2157 0.2296 0.1704 0.0228  0.0013  -0.0175 66   GLU A CB  
501 C CG  . GLU A 66  ? 0.2251 0.2816 0.2561 0.0040  -0.0193 -0.0223 66   GLU A CG  
502 C CD  . GLU A 66  ? 0.2808 0.3060 0.3243 -0.0162 -0.0118 -0.0765 66   GLU A CD  
503 O OE1 . GLU A 66  ? 0.3074 0.2842 0.3596 -0.0002 -0.0443 -0.0488 66   GLU A OE1 
504 O OE2 . GLU A 66  ? 0.2806 0.4020 0.4478 -0.0220 -0.0167 -0.0624 66   GLU A OE2 
505 N N   . TRP A 67  ? 0.1722 0.1831 0.1385 0.0057  -0.0109 -0.0132 67   TRP A N   
506 C CA  . TRP A 67  ? 0.1600 0.1570 0.1540 0.0065  -0.0026 -0.0068 67   TRP A CA  
507 C C   . TRP A 67  ? 0.1579 0.1802 0.1448 -0.0110 -0.0108 -0.0039 67   TRP A C   
508 O O   . TRP A 67  ? 0.1889 0.2073 0.1472 0.0188  0.0108  0.0078  67   TRP A O   
509 C CB  . TRP A 67  ? 0.1777 0.1636 0.1555 -0.0035 -0.0182 0.0015  67   TRP A CB  
510 C CG  . TRP A 67  ? 0.1591 0.1695 0.1440 -0.0080 -0.0120 -0.0023 67   TRP A CG  
511 C CD1 . TRP A 67  ? 0.2002 0.1727 0.1673 0.0062  0.0142  0.0031  67   TRP A CD1 
512 C CD2 . TRP A 67  ? 0.1552 0.1796 0.1552 -0.0052 -0.0100 0.0119  67   TRP A CD2 
513 N NE1 . TRP A 67  ? 0.1955 0.1909 0.1552 0.0050  0.0025  -0.0040 67   TRP A NE1 
514 C CE2 . TRP A 67  ? 0.1583 0.1712 0.1621 0.0056  -0.0156 0.0025  67   TRP A CE2 
515 C CE3 . TRP A 67  ? 0.1744 0.1458 0.1561 -0.0133 0.0055  0.0036  67   TRP A CE3 
516 C CZ2 . TRP A 67  ? 0.1734 0.1921 0.1574 -0.0296 -0.0168 -0.0216 67   TRP A CZ2 
517 C CZ3 . TRP A 67  ? 0.1829 0.1452 0.1735 -0.0108 -0.0018 0.0209  67   TRP A CZ3 
518 C CH2 . TRP A 67  ? 0.1968 0.1911 0.1737 -0.0044 0.0015  -0.0004 67   TRP A CH2 
519 N N   . PHE A 68  ? 0.1711 0.1942 0.1622 0.0028  -0.0025 0.0089  68   PHE A N   
520 C CA  . PHE A 68  ? 0.1830 0.1923 0.1400 0.0056  -0.0054 0.0071  68   PHE A CA  
521 C C   . PHE A 68  ? 0.1775 0.2082 0.1565 -0.0101 -0.0086 -0.0094 68   PHE A C   
522 O O   . PHE A 68  ? 0.1833 0.2350 0.1626 -0.0058 0.0046  0.0205  68   PHE A O   
523 C CB  . PHE A 68  ? 0.1968 0.1980 0.1688 -0.0003 0.0025  -0.0049 68   PHE A CB  
524 C CG  . PHE A 68  ? 0.2352 0.2270 0.2147 0.0053  -0.0243 0.0164  68   PHE A CG  
525 C CD1 . PHE A 68  ? 0.2501 0.2450 0.2262 0.0138  -0.0053 0.0150  68   PHE A CD1 
526 C CD2 . PHE A 68  ? 0.2618 0.2710 0.2623 0.0239  -0.0020 0.0324  68   PHE A CD2 
527 C CE1 . PHE A 68  ? 0.2946 0.2743 0.2400 0.0051  -0.0527 0.0162  68   PHE A CE1 
528 C CE2 . PHE A 68  ? 0.2437 0.3190 0.3017 0.0167  -0.0225 -0.0002 68   PHE A CE2 
529 C CZ  . PHE A 68  ? 0.3040 0.2863 0.2904 0.0553  -0.0380 0.0166  68   PHE A CZ  
530 N N   . ASN A 69  ? 0.1677 0.2076 0.1319 0.0019  0.0034  0.0160  69   ASN A N   
531 C CA  . ASN A 69  ? 0.1754 0.1645 0.1432 0.0025  0.0011  0.0065  69   ASN A CA  
532 C C   . ASN A 69  ? 0.1668 0.1598 0.1573 -0.0025 0.0049  0.0134  69   ASN A C   
533 O O   . ASN A 69  ? 0.1783 0.1750 0.1614 -0.0034 0.0034  0.0233  69   ASN A O   
534 C CB  . ASN A 69  ? 0.1951 0.1567 0.1060 -0.0068 0.0069  0.0254  69   ASN A CB  
535 C CG  . ASN A 69  ? 0.1797 0.1851 0.1656 0.0081  0.0147  0.0101  69   ASN A CG  
536 O OD1 . ASN A 69  ? 0.1875 0.1673 0.1691 -0.0082 -0.0049 0.0008  69   ASN A OD1 
537 N ND2 . ASN A 69  ? 0.1604 0.1756 0.1494 -0.0158 0.0049  0.0072  69   ASN A ND2 
538 N N   . VAL A 70  ? 0.1628 0.1938 0.1826 0.0029  -0.0003 0.0058  70   VAL A N   
539 C CA  . VAL A 70  ? 0.1850 0.1957 0.1866 -0.0031 -0.0086 0.0233  70   VAL A CA  
540 C C   . VAL A 70  ? 0.1587 0.1859 0.2083 0.0127  -0.0116 0.0156  70   VAL A C   
541 O O   . VAL A 70  ? 0.1959 0.2081 0.1991 0.0133  0.0067  0.0270  70   VAL A O   
542 C CB  . VAL A 70  ? 0.2079 0.1924 0.2309 0.0011  -0.0115 0.0125  70   VAL A CB  
543 C CG1 . VAL A 70  ? 0.2394 0.2259 0.2528 -0.0169 0.0189  0.0018  70   VAL A CG1 
544 C CG2 . VAL A 70  ? 0.2264 0.2333 0.2127 0.0342  -0.0075 0.0265  70   VAL A CG2 
545 N N   . TYR A 71  ? 0.1798 0.2008 0.1917 0.0156  0.0021  0.0135  71   TYR A N   
546 C CA  . TYR A 71  ? 0.1923 0.1750 0.1925 0.0247  -0.0023 0.0126  71   TYR A CA  
547 C C   . TYR A 71  ? 0.1877 0.1971 0.1797 0.0105  0.0089  -0.0027 71   TYR A C   
548 O O   . TYR A 71  ? 0.1864 0.1843 0.1958 0.0206  0.0101  0.0096  71   TYR A O   
549 C CB  . TYR A 71  ? 0.1828 0.2113 0.2012 0.0285  -0.0083 0.0314  71   TYR A CB  
550 C CG  . TYR A 71  ? 0.1855 0.2004 0.2251 0.0253  0.0043  0.0254  71   TYR A CG  
551 C CD1 . TYR A 71  ? 0.1821 0.2562 0.2397 0.0170  -0.0207 0.0127  71   TYR A CD1 
552 C CD2 . TYR A 71  ? 0.2048 0.2088 0.2250 0.0156  0.0231  0.0031  71   TYR A CD2 
553 C CE1 . TYR A 71  ? 0.2307 0.2190 0.1984 0.0071  -0.0205 -0.0101 71   TYR A CE1 
554 C CE2 . TYR A 71  ? 0.2061 0.2422 0.2303 0.0000  0.0381  0.0047  71   TYR A CE2 
555 C CZ  . TYR A 71  ? 0.2076 0.2297 0.2400 0.0003  -0.0035 0.0284  71   TYR A CZ  
556 O OH  . TYR A 71  ? 0.2123 0.2660 0.3118 -0.0154 -0.0021 0.0406  71   TYR A OH  
557 N N   . ASN A 72  ? 0.1697 0.1862 0.1731 0.0166  0.0069  0.0000  72   ASN A N   
558 C CA  . ASN A 72  ? 0.1744 0.2047 0.1786 0.0039  0.0080  -0.0091 72   ASN A CA  
559 C C   . ASN A 72  ? 0.1782 0.1885 0.1797 0.0105  0.0022  -0.0163 72   ASN A C   
560 O O   . ASN A 72  ? 0.2234 0.2233 0.1973 -0.0021 0.0065  0.0185  72   ASN A O   
561 C CB  . ASN A 72  ? 0.1665 0.2150 0.2167 -0.0147 0.0112  0.0101  72   ASN A CB  
562 C CG  . ASN A 72  ? 0.2072 0.2072 0.2191 -0.0043 0.0119  0.0141  72   ASN A CG  
563 O OD1 . ASN A 72  ? 0.2125 0.2145 0.2414 0.0224  0.0244  0.0018  72   ASN A OD1 
564 N ND2 . ASN A 72  ? 0.3160 0.2606 0.2448 0.0488  0.0570  0.0142  72   ASN A ND2 
565 N N   . LYS A 73  ? 0.1826 0.2122 0.1813 0.0001  0.0075  0.0028  73   LYS A N   
566 C CA  . LYS A 73  ? 0.1720 0.2188 0.1537 0.0075  0.0178  0.0076  73   LYS A CA  
567 C C   . LYS A 73  ? 0.1549 0.1984 0.1694 -0.0102 0.0074  0.0039  73   LYS A C   
568 O O   . LYS A 73  ? 0.2068 0.2171 0.1507 0.0019  0.0077  0.0156  73   LYS A O   
569 C CB  . LYS A 73  ? 0.2364 0.2181 0.2400 -0.0045 0.0216  -0.0069 73   LYS A CB  
570 C CG  . LYS A 73  ? 0.2189 0.3639 0.3987 -0.0017 -0.0078 -0.0128 73   LYS A CG  
571 C CD  . LYS A 73  ? 0.4064 0.4786 0.4747 0.0789  0.0328  -0.0673 73   LYS A CD  
572 C CE  . LYS A 73  ? 0.4057 0.5545 0.5385 0.0602  0.0811  -0.0054 73   LYS A CE  
573 N NZ  . LYS A 73  ? 0.5156 0.5490 0.6225 0.0641  0.0357  0.0684  73   LYS A NZ  
574 N N   . VAL A 74  ? 0.1879 0.2179 0.1643 0.0220  0.0120  0.0027  74   VAL A N   
575 C CA  . VAL A 74  ? 0.1845 0.1874 0.1609 -0.0160 0.0085  0.0138  74   VAL A CA  
576 C C   . VAL A 74  ? 0.1970 0.2294 0.1649 -0.0113 -0.0012 -0.0061 74   VAL A C   
577 O O   . VAL A 74  ? 0.2328 0.2522 0.1628 -0.0214 0.0152  0.0086  74   VAL A O   
578 C CB  . VAL A 74  ? 0.1906 0.1907 0.1495 0.0004  0.0132  0.0265  74   VAL A CB  
579 C CG1 . VAL A 74  ? 0.1932 0.2297 0.1603 0.0129  -0.0028 0.0064  74   VAL A CG1 
580 C CG2 . VAL A 74  ? 0.1839 0.2128 0.1965 0.0135  0.0011  0.0146  74   VAL A CG2 
581 N N   . GLN A 75  ? 0.1981 0.2093 0.1315 0.0090  0.0088  0.0039  75   GLN A N   
582 C CA  . GLN A 75  ? 0.2018 0.1985 0.1546 0.0014  0.0197  0.0030  75   GLN A CA  
583 C C   . GLN A 75  ? 0.1893 0.2196 0.1541 0.0145  -0.0069 0.0011  75   GLN A C   
584 O O   . GLN A 75  ? 0.1962 0.2201 0.1587 0.0192  0.0052  0.0241  75   GLN A O   
585 C CB  . GLN A 75  ? 0.2044 0.2004 0.1880 -0.0204 0.0061  -0.0041 75   GLN A CB  
586 C CG  . GLN A 75  ? 0.2400 0.2285 0.2323 0.0142  0.0032  -0.0229 75   GLN A CG  
587 C CD  . GLN A 75  ? 0.2889 0.2519 0.2496 0.0194  -0.0094 -0.0133 75   GLN A CD  
588 O OE1 . GLN A 75  ? 0.3574 0.2399 0.3376 0.0316  0.0370  0.0293  75   GLN A OE1 
589 N NE2 . GLN A 75  ? 0.3386 0.3412 0.3175 0.0767  0.0137  0.0266  75   GLN A NE2 
590 N N   . ILE A 76  ? 0.1875 0.2016 0.1506 0.0018  0.0015  -0.0035 76   ILE A N   
591 C CA  . ILE A 76  ? 0.1933 0.1929 0.1209 0.0160  0.0003  -0.0044 76   ILE A CA  
592 C C   . ILE A 76  ? 0.1946 0.2201 0.1499 -0.0069 -0.0096 0.0058  76   ILE A C   
593 O O   . ILE A 76  ? 0.1931 0.2116 0.1629 0.0008  0.0057  -0.0136 76   ILE A O   
594 C CB  . ILE A 76  ? 0.2054 0.2101 0.1475 -0.0025 0.0026  -0.0031 76   ILE A CB  
595 C CG1 . ILE A 76  ? 0.1986 0.1967 0.1673 0.0192  0.0001  -0.0189 76   ILE A CG1 
596 C CG2 . ILE A 76  ? 0.2118 0.2060 0.1609 -0.0013 0.0048  0.0041  76   ILE A CG2 
597 C CD1 . ILE A 76  ? 0.2288 0.1980 0.1547 0.0022  -0.0108 -0.0161 76   ILE A CD1 
598 N N   . THR A 77  ? 0.2054 0.2383 0.1498 -0.0054 -0.0093 -0.0010 77   THR A N   
599 C CA  . THR A 77  ? 0.2109 0.1936 0.1452 -0.0068 -0.0032 -0.0027 77   THR A CA  
600 C C   . THR A 77  ? 0.2109 0.2019 0.1683 0.0027  -0.0118 0.0063  77   THR A C   
601 O O   . THR A 77  ? 0.2127 0.2282 0.1572 0.0118  -0.0192 0.0001  77   THR A O   
602 C CB  . THR A 77  ? 0.2270 0.2165 0.1867 -0.0070 -0.0054 0.0262  77   THR A CB  
603 O OG1 . THR A 77  ? 0.2315 0.2572 0.2132 0.0177  0.0234  0.0222  77   THR A OG1 
604 C CG2 . THR A 77  ? 0.2477 0.1999 0.2147 -0.0062 -0.0158 0.0135  77   THR A CG2 
605 N N   . LEU A 78  ? 0.2151 0.2149 0.1570 0.0083  -0.0128 0.0065  78   LEU A N   
606 C CA  . LEU A 78  ? 0.2060 0.2140 0.1500 0.0105  0.0016  0.0054  78   LEU A CA  
607 C C   . LEU A 78  ? 0.2139 0.2258 0.1845 -0.0049 -0.0042 -0.0011 78   LEU A C   
608 O O   . LEU A 78  ? 0.2083 0.2250 0.1900 0.0174  -0.0093 0.0033  78   LEU A O   
609 C CB  . LEU A 78  ? 0.2201 0.2177 0.1837 -0.0107 -0.0183 0.0180  78   LEU A CB  
610 C CG  . LEU A 78  ? 0.2137 0.2213 0.1879 -0.0138 -0.0114 -0.0024 78   LEU A CG  
611 C CD1 . LEU A 78  ? 0.2333 0.2209 0.2014 -0.0140 -0.0197 -0.0012 78   LEU A CD1 
612 C CD2 . LEU A 78  ? 0.2687 0.2630 0.1833 0.0068  -0.0210 -0.0072 78   LEU A CD2 
613 N N   . THR A 79  ? 0.2080 0.2333 0.1907 -0.0091 -0.0098 0.0029  79   THR A N   
614 C CA  . THR A 79  ? 0.2207 0.2639 0.1820 -0.0039 -0.0194 -0.0078 79   THR A CA  
615 C C   . THR A 79  ? 0.2323 0.2952 0.2537 -0.0026 -0.0060 -0.0283 79   THR A C   
616 O O   . THR A 79  ? 0.2269 0.3078 0.2375 0.0312  -0.0051 -0.0167 79   THR A O   
617 C CB  . THR A 79  ? 0.2724 0.2739 0.2421 0.0060  -0.0199 0.0164  79   THR A CB  
618 O OG1 . THR A 79  ? 0.2548 0.3011 0.2845 -0.0166 -0.0107 -0.0064 79   THR A OG1 
619 C CG2 . THR A 79  ? 0.2818 0.3205 0.2533 -0.0409 0.0000  0.0253  79   THR A CG2 
620 N N   . SER A 80  ? 0.2459 0.3342 0.2703 0.0241  -0.0381 -0.0382 80   SER A N   
621 C CA  . SER A 80  ? 0.2830 0.3402 0.2318 0.0202  -0.0310 -0.0222 80   SER A CA  
622 C C   . SER A 80  ? 0.3394 0.3154 0.3456 0.0139  -0.0315 0.0320  80   SER A C   
623 O O   . SER A 80  ? 0.2931 0.3658 0.4190 0.0018  0.0198  0.0077  80   SER A O   
624 C CB  . SER A 80  ? 0.2866 0.3620 0.2907 0.0180  -0.0240 0.0490  80   SER A CB  
625 O OG  . SER A 80  ? 0.2548 0.3121 0.2216 -0.0197 -0.0530 0.0107  80   SER A OG  
626 N N   . HIS A 81  ? 0.2988 0.4246 0.3578 0.0015  -0.0128 0.0129  81   HIS A N   
627 C CA  . HIS A 81  ? 0.2964 0.4615 0.4909 -0.0022 -0.0561 0.0647  81   HIS A CA  
628 C C   . HIS A 81  ? 0.3040 0.4869 0.6444 -0.0170 -0.0013 0.0885  81   HIS A C   
629 O O   . HIS A 81  ? 0.3622 0.4924 0.9312 0.0399  0.1346  0.1003  81   HIS A O   
630 C CB  . HIS A 81  ? 0.3231 0.4336 0.4163 0.0274  0.0162  0.0427  81   HIS A CB  
631 C CG  . HIS A 81  ? 0.3331 0.4270 0.4274 0.0143  0.0549  0.0580  81   HIS A CG  
632 N ND1 . HIS A 81  ? 0.4023 0.5061 0.6043 0.0152  0.0020  -0.0725 81   HIS A ND1 
633 C CD2 . HIS A 81  ? 0.3175 0.3656 0.3212 -0.0122 -0.0145 0.0279  81   HIS A CD2 
634 C CE1 . HIS A 81  ? 0.3966 0.3235 0.5502 -0.0168 -0.0213 0.0078  81   HIS A CE1 
635 N NE2 . HIS A 81  ? 0.2943 0.3240 0.3344 0.0247  -0.0240 -0.0129 81   HIS A NE2 
636 N N   . ASP A 82  ? 0.3053 0.4913 0.5373 0.0403  0.0718  0.0239  82   ASP A N   
637 C CA  . ASP A 82  ? 0.3474 0.4167 0.5535 -0.0152 -0.0363 -0.0743 82   ASP A CA  
638 C C   . ASP A 82  ? 0.0854 0.2762 0.5069 -0.1227 0.0156  -0.0361 82   ASP A C   
639 O O   . ASP A 82  ? 0.2649 0.4473 0.8775 -0.1941 0.0515  -0.0955 82   ASP A O   
640 C CB  . ASP A 82  ? 0.3336 0.5190 0.6446 0.0608  0.0454  -0.0506 82   ASP A CB  
641 C CG  . ASP A 82  ? 0.6811 0.7017 0.6773 0.0841  -0.0679 0.0867  82   ASP A CG  
642 O OD1 . ASP A 82  ? 0.6291 0.7802 0.6051 0.0145  -0.1564 -0.0174 82   ASP A OD1 
643 O OD2 . ASP A 82  ? 0.6958 0.7602 0.9783 0.1116  -0.2569 0.1776  82   ASP A OD2 
644 N N   . CYS A 83  ? 0.3718 0.6292 0.5161 -0.0307 0.0536  0.0194  83   CYS A N   
645 C CA  . CYS A 83  ? 0.3124 0.5261 0.5030 0.0353  0.0045  0.0034  83   CYS A CA  
646 C C   . CYS A 83  ? 0.4971 0.5082 0.6075 -0.1039 -0.0318 -0.0119 83   CYS A C   
647 O O   . CYS A 83  ? 0.4060 0.6023 0.7058 -0.1439 0.0201  -0.0973 83   CYS A O   
648 C CB  . CYS A 83  ? 0.3626 0.5454 0.3366 0.0817  -0.1266 0.0026  83   CYS A CB  
649 S SG  . CYS A 83  ? 0.6971 0.7199 0.7281 0.1115  0.0439  0.1456  83   CYS A SG  
650 N N   . GLY A 84  ? 0.5222 0.5167 0.6659 -0.0135 0.0254  0.0241  84   GLY A N   
651 C CA  . GLY A 84  ? 0.5919 0.5518 0.5581 0.0055  0.0617  0.0923  84   GLY A CA  
652 C C   . GLY A 84  ? 0.4885 0.4452 0.5353 0.0466  0.0157  0.0337  84   GLY A C   
653 O O   . GLY A 84  ? 0.5738 0.4258 0.4646 -0.0755 0.0401  -0.0077 84   GLY A O   
654 N N   . GLU A 85  ? 0.3268 0.4593 0.4841 0.0569  0.0252  0.0147  85   GLU A N   
655 C CA  . GLU A 85  ? 0.3573 0.3790 0.4535 -0.0276 0.0113  0.0314  85   GLU A CA  
656 C C   . GLU A 85  ? 0.2901 0.3098 0.2766 0.0404  -0.0508 0.0121  85   GLU A C   
657 O O   . GLU A 85  ? 0.3422 0.3423 0.3455 0.0340  -0.0398 -0.0257 85   GLU A O   
658 C CB  . GLU A 85  ? 0.4492 0.5501 0.4998 -0.0020 -0.0297 0.0237  85   GLU A CB  
659 C CG  . GLU A 85  ? 0.4442 0.5249 0.6407 -0.0119 -0.0329 0.0306  85   GLU A CG  
660 C CD  . GLU A 85  ? 0.6898 0.6129 0.6267 -0.0836 -0.1151 0.0840  85   GLU A CD  
661 O OE1 . GLU A 85  ? 0.5018 0.7528 0.7910 -0.1676 -0.0906 0.0784  85   GLU A OE1 
662 O OE2 . GLU A 85  ? 0.3982 0.6054 0.7034 -0.0628 -0.1001 0.0740  85   GLU A OE2 
663 N N   . LEU A 86  ? 0.2808 0.3228 0.3125 0.0155  -0.0410 -0.0134 86   LEU A N   
664 C CA  A LEU A 86  ? 0.2935 0.3210 0.2459 0.0193  -0.0217 -0.0048 86   LEU A CA  
665 C CA  B LEU A 86  ? 0.3109 0.3268 0.2687 0.0176  -0.0304 0.0031  86   LEU A CA  
666 C C   . LEU A 86  ? 0.3083 0.2733 0.2350 -0.0028 -0.0477 -0.0208 86   LEU A C   
667 O O   . LEU A 86  ? 0.3347 0.3349 0.2917 -0.0182 -0.1053 -0.0653 86   LEU A O   
668 C CB  A LEU A 86  ? 0.2709 0.3177 0.1956 0.0152  -0.0651 -0.0282 86   LEU A CB  
669 C CB  B LEU A 86  ? 0.3395 0.3914 0.2793 0.0220  -0.0233 -0.0261 86   LEU A CB  
670 C CG  A LEU A 86  ? 0.2775 0.3056 0.2334 0.0151  -0.0260 0.0117  86   LEU A CG  
671 C CG  B LEU A 86  ? 0.3029 0.3485 0.3361 -0.0036 0.0020  -0.0304 86   LEU A CG  
672 C CD1 A LEU A 86  ? 0.2446 0.3009 0.2507 0.0066  -0.0303 0.0206  86   LEU A CD1 
673 C CD1 B LEU A 86  ? 0.3576 0.3704 0.2876 -0.0300 -0.0221 -0.0181 86   LEU A CD1 
674 C CD2 A LEU A 86  ? 0.3010 0.3011 0.2199 0.0072  -0.0375 -0.0015 86   LEU A CD2 
675 C CD2 B LEU A 86  ? 0.2891 0.3079 0.2647 0.0155  -0.0176 0.0194  86   LEU A CD2 
676 N N   . THR A 87  ? 0.2450 0.2597 0.2484 0.0345  -0.0244 -0.0212 87   THR A N   
677 C CA  . THR A 87  ? 0.2355 0.2687 0.2082 0.0190  -0.0645 -0.0174 87   THR A CA  
678 C C   . THR A 87  ? 0.2402 0.2613 0.2379 0.0319  -0.0107 -0.0101 87   THR A C   
679 O O   . THR A 87  ? 0.2375 0.2829 0.2314 0.0122  -0.0422 -0.0139 87   THR A O   
680 C CB  . THR A 87  ? 0.2442 0.3173 0.2538 -0.0151 -0.0286 -0.0359 87   THR A CB  
681 O OG1 . THR A 87  ? 0.2547 0.2742 0.2188 0.0154  -0.0300 -0.0354 87   THR A OG1 
682 C CG2 . THR A 87  ? 0.2512 0.3321 0.2517 -0.0053 -0.0473 0.0139  87   THR A CG2 
683 N N   . LYS A 88  ? 0.2392 0.2489 0.2267 0.0177  -0.0488 0.0063  88   LYS A N   
684 C CA  . LYS A 88  ? 0.2651 0.2725 0.2165 0.0039  -0.0269 -0.0040 88   LYS A CA  
685 C C   . LYS A 88  ? 0.2643 0.2888 0.2182 0.0141  -0.0350 -0.0065 88   LYS A C   
686 O O   . LYS A 88  ? 0.2859 0.2685 0.2200 0.0209  -0.0233 0.0138  88   LYS A O   
687 C CB  . LYS A 88  ? 0.3025 0.3055 0.2809 0.0289  -0.0336 0.0224  88   LYS A CB  
688 C CG  . LYS A 88  ? 0.3168 0.3525 0.2923 0.0311  -0.0449 0.0017  88   LYS A CG  
689 C CD  . LYS A 88  ? 0.4042 0.3298 0.3368 0.0295  -0.0844 0.0503  88   LYS A CD  
690 N N   . LYS A 89  ? 0.2626 0.2615 0.2283 0.0044  -0.0395 -0.0141 89   LYS A N   
691 C CA  . LYS A 89  ? 0.2450 0.2405 0.2197 0.0110  -0.0346 -0.0133 89   LYS A CA  
692 C C   . LYS A 89  ? 0.2136 0.2114 0.2126 -0.0066 0.0026  -0.0081 89   LYS A C   
693 O O   . LYS A 89  ? 0.2510 0.2773 0.2015 -0.0226 -0.0203 -0.0172 89   LYS A O   
694 C CB  . LYS A 89  ? 0.2408 0.3161 0.2267 -0.0162 -0.0234 -0.0309 89   LYS A CB  
695 C CG  . LYS A 89  ? 0.3071 0.4008 0.2959 0.0464  -0.0228 -0.0500 89   LYS A CG  
696 C CD  . LYS A 89  ? 0.3580 0.6181 0.3863 0.1548  0.0929  0.0434  89   LYS A CD  
697 N N   . ASP A 90  ? 0.2368 0.2286 0.1933 0.0092  -0.0199 -0.0286 90   ASP A N   
698 C CA  . ASP A 90  ? 0.2358 0.2386 0.1684 0.0094  -0.0326 -0.0113 90   ASP A CA  
699 C C   . ASP A 90  ? 0.2227 0.2763 0.1918 0.0125  -0.0124 -0.0103 90   ASP A C   
700 O O   . ASP A 90  ? 0.2317 0.2547 0.1812 0.0136  -0.0307 -0.0240 90   ASP A O   
701 C CB  . ASP A 90  ? 0.2432 0.2479 0.2043 0.0126  -0.0402 0.0081  90   ASP A CB  
702 C CG  . ASP A 90  ? 0.2525 0.2726 0.2444 -0.0036 -0.0252 0.0139  90   ASP A CG  
703 O OD1 . ASP A 90  ? 0.2537 0.2974 0.2222 -0.0091 -0.0416 0.0107  90   ASP A OD1 
704 O OD2 . ASP A 90  ? 0.2509 0.3125 0.2366 -0.0214 -0.0249 0.0011  90   ASP A OD2 
705 N N   . VAL A 91  ? 0.2285 0.2467 0.2030 0.0005  -0.0325 0.0033  91   VAL A N   
706 C CA  . VAL A 91  ? 0.2409 0.2513 0.2021 -0.0024 -0.0239 -0.0240 91   VAL A CA  
707 C C   . VAL A 91  ? 0.2547 0.2279 0.1750 0.0164  -0.0155 0.0085  91   VAL A C   
708 O O   . VAL A 91  ? 0.2699 0.2596 0.1817 -0.0016 -0.0177 -0.0040 91   VAL A O   
709 C CB  . VAL A 91  ? 0.2517 0.2739 0.2201 -0.0026 -0.0340 -0.0215 91   VAL A CB  
710 C CG1 . VAL A 91  ? 0.3082 0.3011 0.2317 -0.0029 -0.0199 0.0089  91   VAL A CG1 
711 C CG2 . VAL A 91  ? 0.2806 0.3009 0.2220 -0.0222 -0.0258 -0.0399 91   VAL A CG2 
712 N N   . LYS A 92  ? 0.2347 0.2452 0.1824 0.0197  -0.0129 0.0120  92   LYS A N   
713 C CA  . LYS A 92  ? 0.2459 0.2473 0.1814 0.0045  -0.0384 0.0211  92   LYS A CA  
714 C C   . LYS A 92  ? 0.2442 0.2459 0.1671 -0.0199 -0.0265 -0.0037 92   LYS A C   
715 O O   . LYS A 92  ? 0.2402 0.2405 0.1741 0.0089  -0.0351 -0.0019 92   LYS A O   
716 C CB  . LYS A 92  ? 0.2688 0.2630 0.1986 0.0194  -0.0504 -0.0007 92   LYS A CB  
717 C CG  . LYS A 92  ? 0.3384 0.2887 0.3093 -0.0311 -0.0301 -0.0218 92   LYS A CG  
718 C CD  . LYS A 92  ? 0.3836 0.3875 0.4522 0.0385  -0.0335 0.0308  92   LYS A CD  
719 C CE  . LYS A 92  ? 0.5446 0.4109 0.5935 0.0379  -0.0560 -0.0483 92   LYS A CE  
720 N NZ  . LYS A 92  ? 0.6910 0.6836 0.7044 0.1017  0.0177  -0.1260 92   LYS A NZ  
721 N N   . LEU A 93  ? 0.2175 0.2437 0.1889 -0.0027 -0.0340 -0.0016 93   LEU A N   
722 C CA  . LEU A 93  ? 0.2143 0.2295 0.1676 -0.0005 -0.0290 -0.0079 93   LEU A CA  
723 C C   . LEU A 93  ? 0.2293 0.1776 0.1761 0.0024  -0.0058 0.0104  93   LEU A C   
724 O O   . LEU A 93  ? 0.2352 0.2328 0.1726 -0.0123 -0.0078 -0.0029 93   LEU A O   
725 C CB  . LEU A 93  ? 0.2133 0.2214 0.1813 0.0157  -0.0069 -0.0003 93   LEU A CB  
726 C CG  . LEU A 93  ? 0.2075 0.2428 0.1872 0.0047  -0.0057 0.0024  93   LEU A CG  
727 C CD1 . LEU A 93  ? 0.2212 0.2627 0.1871 -0.0007 0.0041  -0.0099 93   LEU A CD1 
728 C CD2 . LEU A 93  ? 0.2309 0.2581 0.1855 -0.0019 -0.0020 0.0070  93   LEU A CD2 
729 N N   . ALA A 94  ? 0.2066 0.1927 0.1724 0.0019  -0.0093 -0.0049 94   ALA A N   
730 C CA  . ALA A 94  ? 0.2210 0.1989 0.1777 0.0130  -0.0077 -0.0088 94   ALA A CA  
731 C C   . ALA A 94  ? 0.2104 0.2289 0.1783 0.0046  0.0141  -0.0323 94   ALA A C   
732 O O   . ALA A 94  ? 0.2370 0.2293 0.1460 0.0019  -0.0179 -0.0153 94   ALA A O   
733 C CB  . ALA A 94  ? 0.2249 0.2031 0.1975 0.0040  -0.0235 -0.0005 94   ALA A CB  
734 N N   . LYS A 95  ? 0.2431 0.2524 0.1769 -0.0100 -0.0139 -0.0107 95   LYS A N   
735 C CA  . LYS A 95  ? 0.2528 0.2231 0.2062 0.0015  -0.0176 -0.0111 95   LYS A CA  
736 C C   . LYS A 95  ? 0.2516 0.2161 0.1889 -0.0161 0.0049  0.0051  95   LYS A C   
737 O O   . LYS A 95  ? 0.2582 0.2255 0.1760 -0.0116 -0.0232 0.0129  95   LYS A O   
738 C CB  . LYS A 95  ? 0.3182 0.2754 0.2185 0.0151  -0.0109 0.0402  95   LYS A CB  
739 C CG  . LYS A 95  ? 0.3747 0.4026 0.2999 -0.0460 -0.0371 -0.0165 95   LYS A CG  
740 C CD  . LYS A 95  ? 0.4641 0.3736 0.2746 -0.0776 -0.0420 0.0028  95   LYS A CD  
741 C CE  . LYS A 95  ? 0.5540 0.4426 0.3176 -0.1060 -0.0831 -0.0606 95   LYS A CE  
742 N NZ  . LYS A 95  ? 0.6811 0.5140 0.3353 -0.0739 -0.1080 0.0110  95   LYS A NZ  
743 N N   . PHE A 96  ? 0.2513 0.2236 0.1613 0.0004  -0.0040 -0.0070 96   PHE A N   
744 C CA  . PHE A 96  ? 0.2176 0.1949 0.1999 -0.0033 -0.0162 0.0064  96   PHE A CA  
745 C C   . PHE A 96  ? 0.2238 0.2024 0.1815 -0.0002 -0.0057 0.0194  96   PHE A C   
746 O O   . PHE A 96  ? 0.2314 0.2093 0.1535 0.0094  -0.0087 -0.0004 96   PHE A O   
747 C CB  . PHE A 96  ? 0.2135 0.1973 0.1969 0.0074  -0.0155 0.0235  96   PHE A CB  
748 C CG  . PHE A 96  ? 0.2358 0.2136 0.1811 0.0022  -0.0065 0.0095  96   PHE A CG  
749 C CD1 . PHE A 96  ? 0.2559 0.2107 0.2130 0.0378  -0.0221 0.0046  96   PHE A CD1 
750 C CD2 . PHE A 96  ? 0.2268 0.2357 0.1916 0.0403  -0.0068 -0.0126 96   PHE A CD2 
751 C CE1 . PHE A 96  ? 0.2794 0.2020 0.2310 0.0067  -0.0203 0.0072  96   PHE A CE1 
752 C CE2 . PHE A 96  ? 0.2198 0.2012 0.1806 0.0045  0.0069  0.0101  96   PHE A CE2 
753 C CZ  . PHE A 96  ? 0.2255 0.2025 0.1666 0.0057  0.0009  -0.0284 96   PHE A CZ  
754 N N   . ILE A 97  ? 0.2207 0.1861 0.1558 0.0105  0.0043  -0.0083 97   ILE A N   
755 C CA  . ILE A 97  ? 0.2003 0.2046 0.1745 -0.0114 -0.0047 -0.0114 97   ILE A CA  
756 C C   . ILE A 97  ? 0.2042 0.1767 0.1574 0.0082  -0.0054 0.0035  97   ILE A C   
757 O O   . ILE A 97  ? 0.2218 0.2148 0.1717 -0.0136 -0.0075 -0.0050 97   ILE A O   
758 C CB  . ILE A 97  ? 0.1964 0.1915 0.1389 -0.0209 -0.0256 -0.0118 97   ILE A CB  
759 C CG1 . ILE A 97  ? 0.2129 0.1978 0.1506 0.0012  -0.0126 -0.0127 97   ILE A CG1 
760 C CG2 . ILE A 97  ? 0.2057 0.1929 0.1893 -0.0230 -0.0113 0.0114  97   ILE A CG2 
761 C CD1 . ILE A 97  ? 0.2177 0.2092 0.1729 -0.0012 -0.0204 0.0059  97   ILE A CD1 
762 N N   . GLU A 98  ? 0.2233 0.2112 0.1601 -0.0095 -0.0045 -0.0070 98   GLU A N   
763 C CA  . GLU A 98  ? 0.2224 0.2137 0.1644 0.0060  -0.0020 0.0140  98   GLU A CA  
764 C C   . GLU A 98  ? 0.2372 0.2306 0.1623 -0.0028 0.0007  0.0031  98   GLU A C   
765 O O   . GLU A 98  ? 0.2463 0.2406 0.2495 -0.0197 0.0048  0.0015  98   GLU A O   
766 C CB  . GLU A 98  ? 0.2269 0.2083 0.1834 -0.0152 -0.0123 -0.0034 98   GLU A CB  
767 C CG  . GLU A 98  ? 0.2252 0.2004 0.1560 -0.0125 0.0009  0.0074  98   GLU A CG  
768 C CD  . GLU A 98  ? 0.2478 0.2088 0.1868 0.0058  0.0021  -0.0006 98   GLU A CD  
769 O OE1 . GLU A 98  ? 0.2615 0.2641 0.2647 0.0036  0.0172  0.0156  98   GLU A OE1 
770 O OE2 . GLU A 98  ? 0.2544 0.1982 0.2003 -0.0220 0.0044  0.0073  98   GLU A OE2 
771 N N   . LYS A 99  ? 0.2179 0.2122 0.1793 -0.0270 0.0068  0.0031  99   LYS A N   
772 C CA  . LYS A 99  ? 0.2718 0.2328 0.2273 -0.0561 0.0086  0.0191  99   LYS A CA  
773 C C   . LYS A 99  ? 0.2451 0.2648 0.2677 -0.0334 -0.0095 -0.0126 99   LYS A C   
774 O O   . LYS A 99  ? 0.2398 0.2515 0.3437 -0.0472 -0.0033 -0.0250 99   LYS A O   
775 C CB  . LYS A 99  ? 0.2648 0.2869 0.2869 -0.0182 -0.0011 0.0040  99   LYS A CB  
776 C CG  . LYS A 99  ? 0.4710 0.3290 0.3515 -0.0768 -0.0350 -0.0509 99   LYS A CG  
777 N N   . ALA A 100 ? 0.2452 0.2390 0.2308 -0.0111 -0.0356 -0.0267 100  ALA A N   
778 C CA  . ALA A 100 ? 0.2836 0.2445 0.2333 0.0011  -0.0461 -0.0489 100  ALA A CA  
779 C C   . ALA A 100 ? 0.2766 0.2271 0.2593 0.0045  -0.0246 -0.0695 100  ALA A C   
780 O O   . ALA A 100 ? 0.2703 0.2893 0.3321 -0.0163 -0.0602 -0.0486 100  ALA A O   
781 C CB  . ALA A 100 ? 0.2947 0.3166 0.2167 0.0385  -0.0235 -0.0568 100  ALA A CB  
782 N N   . ALA A 101 ? 0.2120 0.2057 0.2263 -0.0128 -0.0259 -0.0437 101  ALA A N   
783 C CA  . ALA A 101 ? 0.2324 0.1976 0.2326 0.0023  -0.0233 -0.0206 101  ALA A CA  
784 C C   . ALA A 101 ? 0.2497 0.2316 0.3219 -0.0245 0.0112  -0.0173 101  ALA A C   
785 O O   . ALA A 101 ? 0.2507 0.2926 0.4701 -0.0030 -0.0215 -0.0015 101  ALA A O   
786 C CB  . ALA A 101 ? 0.2247 0.1906 0.2045 0.0127  0.0168  -0.0133 101  ALA A CB  
787 N N   . ALA A 102 ? 0.2677 0.3063 0.3409 0.0204  0.0358  0.0445  102  ALA A N   
788 C CA  . ALA A 102 ? 0.2891 0.4513 0.4848 -0.0478 0.0863  0.0552  102  ALA A CA  
789 C C   . ALA A 102 ? 0.4835 0.3705 0.5615 0.0596  0.0834  -0.0606 102  ALA A C   
790 O O   . ALA A 102 ? 0.5941 0.5310 0.4261 -0.0027 0.1135  -0.0786 102  ALA A O   
791 C CB  . ALA A 102 ? 0.3612 0.4966 0.5387 -0.0072 0.0846  0.1426  102  ALA A CB  
792 N N   . SER A 103 ? 0.4760 0.3037 0.3166 -0.0019 0.0190  -0.0350 103  SER A N   
793 C CA  . SER A 103 ? 0.3268 0.4001 0.3978 -0.1457 0.0402  0.1049  103  SER A CA  
794 C C   . SER A 103 ? 0.3602 0.4634 0.2874 -0.0859 -0.0061 -0.0968 103  SER A C   
795 O O   . SER A 103 ? 0.3868 0.4305 0.4970 -0.1655 0.0289  0.0169  103  SER A O   
796 C CB  . SER A 103 ? 0.4716 0.3277 0.3724 -0.0568 0.0275  0.0340  103  SER A CB  
797 O OG  . SER A 103 ? 0.6279 0.4793 0.3993 -0.2287 -0.0642 0.1711  103  SER A OG  
798 N N   . VAL A 104 ? 0.5670 0.4522 0.6350 0.0309  0.1112  0.0341  104  VAL A N   
799 C CA  . VAL A 104 ? 0.6345 0.7150 0.4646 0.0623  0.0758  -0.0885 104  VAL A CA  
800 C C   . VAL A 104 ? 0.1910 0.3223 0.6776 -0.1982 0.2419  -0.1559 104  VAL A C   
801 O O   . VAL A 104 ? 0.5884 0.4707 0.9846 -0.2533 0.3754  0.0037  104  VAL A O   
802 C CB  . VAL A 104 ? 0.6013 0.5571 0.6051 0.1894  -0.0257 -0.0383 104  VAL A CB  
803 C CG1 . VAL A 104 ? 0.7309 0.5882 0.7406 0.1590  -0.1193 0.0250  104  VAL A CG1 
804 C CG2 . VAL A 104 ? 0.6031 0.6327 0.6914 0.1647  0.0643  0.0631  104  VAL A CG2 
805 O OXT . VAL A 104 ? 0.5820 0.6269 0.6285 0.0494  -0.0547 -0.2128 104  VAL A OXT 
806 C C1  . EDO B .   ? 0.4974 0.5268 0.4663 0.0176  0.0629  0.0332  1105 EDO A C1  
807 O O1  . EDO B .   ? 0.4427 0.5634 0.2285 -0.0480 0.0948  0.0520  1105 EDO A O1  
808 C C2  . EDO B .   ? 0.4081 0.5108 0.4412 0.0292  0.1199  0.0390  1105 EDO A C2  
809 O O2  . EDO B .   ? 0.7055 0.6052 0.5950 -0.0023 0.0124  -0.1116 1105 EDO A O2  
810 O O   . HOH C .   ? 0.4083 0.4140 0.4847 0.0560  -0.0224 0.0440  2001 HOH A O   
811 O O   . HOH C .   ? 0.4886 0.5839 0.5157 -0.1575 -0.0181 -0.0003 2002 HOH A O   
812 O O   . HOH C .   ? 0.3313 0.3991 0.3431 0.0071  -0.0792 -0.0226 2003 HOH A O   
813 O O   . HOH C .   ? 0.5339 0.3254 0.6007 0.0356  0.0263  0.0671  2004 HOH A O   
814 O O   . HOH C .   ? 0.4974 0.6032 0.5839 0.0170  -0.0006 -0.0922 2005 HOH A O   
815 O O   . HOH C .   ? 0.7741 0.7833 0.5755 0.2542  -0.3316 0.4079  2006 HOH A O   
816 O O   . HOH C .   ? 0.5287 0.7536 0.3663 0.0043  -0.2229 -0.0413 2007 HOH A O   
817 O O   . HOH C .   ? 0.3764 0.3876 0.3571 -0.0861 -0.0018 -0.0716 2008 HOH A O   
818 O O   . HOH C .   ? 0.4994 0.1871 0.7193 -0.0344 0.0212  -0.1196 2009 HOH A O   
819 O O   . HOH C .   ? 0.5720 0.6861 0.3256 -0.0836 -0.0204 -0.1347 2010 HOH A O   
820 O O   . HOH C .   ? 0.6476 0.5685 0.6259 -0.0796 -0.1436 0.2145  2011 HOH A O   
821 O O   . HOH C .   ? 0.4684 0.4362 0.4495 0.0191  -0.0155 -0.0643 2012 HOH A O   
822 O O   . HOH C .   ? 0.9158 0.5521 0.5291 0.0794  0.0714  -0.0125 2013 HOH A O   
823 O O   . HOH C .   ? 0.7270 0.5222 0.6123 0.1188  0.0519  0.0666  2014 HOH A O   
824 O O   . HOH C .   ? 0.4368 0.6857 0.4434 -0.0420 -0.0107 -0.1535 2015 HOH A O   
825 O O   . HOH C .   ? 0.5532 0.4234 0.3945 0.0687  0.0289  0.0940  2016 HOH A O   
826 O O   . HOH C .   ? 0.5658 0.5244 0.5171 0.0135  0.0526  -0.0952 2017 HOH A O   
827 O O   . HOH C .   ? 0.5496 0.4089 0.4383 -0.0039 -0.0012 -0.0500 2018 HOH A O   
828 O O   . HOH C .   ? 0.4599 0.7170 0.2467 -0.0196 0.0412  -0.0205 2019 HOH A O   
829 O O   . HOH C .   ? 0.5455 0.4014 0.3854 0.1873  0.0503  0.0279  2020 HOH A O   
830 O O   . HOH C .   ? 0.3730 0.2063 0.1878 -0.0250 0.0483  -0.0009 2021 HOH A O   
831 O O   . HOH C .   ? 0.4813 0.3620 0.2773 -0.0670 0.0607  -0.0368 2022 HOH A O   
832 O O   . HOH C .   ? 0.6109 0.4533 0.5638 -0.1316 0.0461  0.1108  2023 HOH A O   
833 O O   . HOH C .   ? 0.6377 0.5254 0.3538 -0.0739 -0.0327 0.0868  2024 HOH A O   
834 O O   . HOH C .   ? 0.5964 0.2946 0.5046 0.0806  -0.0148 0.1208  2025 HOH A O   
835 O O   . HOH C .   ? 0.5645 0.3972 0.3460 0.0048  0.0080  -0.0106 2026 HOH A O   
836 O O   . HOH C .   ? 0.6420 0.8152 0.5274 -0.0309 0.1451  -0.0814 2027 HOH A O   
837 O O   . HOH C .   ? 0.4593 0.4365 0.4920 0.1007  0.0229  0.1372  2028 HOH A O   
838 O O   . HOH C .   ? 0.7556 0.4405 0.5216 0.1093  0.1647  0.0690  2029 HOH A O   
839 O O   . HOH C .   ? 0.4855 0.6308 0.4515 -0.0195 0.0295  -0.0758 2030 HOH A O   
840 O O   . HOH C .   ? 0.4147 0.4536 0.4661 -0.0125 0.0639  0.0215  2031 HOH A O   
841 O O   . HOH C .   ? 0.3914 0.3281 0.2339 -0.0033 0.0038  0.0124  2032 HOH A O   
842 O O   . HOH C .   ? 0.3133 0.5094 0.3130 0.0337  -0.0018 -0.0354 2033 HOH A O   
843 O O   . HOH C .   ? 0.5386 0.3510 0.3583 0.0455  0.1433  -0.0266 2034 HOH A O   
844 O O   . HOH C .   ? 0.3744 0.4662 0.4440 0.0150  -0.0685 -0.0501 2035 HOH A O   
845 O O   . HOH C .   ? 0.4405 0.4217 0.3489 -0.0323 0.0484  -0.1511 2036 HOH A O   
846 O O   . HOH C .   ? 0.6514 0.4577 0.4008 -0.1049 -0.1119 0.0415  2037 HOH A O   
847 O O   . HOH C .   ? 0.6880 0.4881 0.3340 -0.0213 -0.0417 0.0141  2038 HOH A O   
848 O O   . HOH C .   ? 1.1394 1.0530 0.1319 0.4820  -0.0278 -0.0487 2039 HOH A O   
849 O O   . HOH C .   ? 0.3433 0.2664 0.2209 -0.0289 0.0059  0.0097  2040 HOH A O   
850 O O   . HOH C .   ? 0.5044 0.4370 0.6617 -0.0196 0.0280  -0.0656 2041 HOH A O   
851 O O   . HOH C .   ? 0.3516 0.7719 0.9435 -0.1331 0.1664  0.1987  2042 HOH A O   
852 O O   . HOH C .   ? 0.4656 0.5286 0.7632 0.1982  -0.0442 -0.2033 2043 HOH A O   
853 O O   . HOH C .   ? 0.5371 0.5008 0.6319 -0.0839 0.1475  0.0432  2044 HOH A O   
854 O O   . HOH C .   ? 0.4217 0.4201 0.4022 0.0317  0.0008  -0.0286 2045 HOH A O   
855 O O   . HOH C .   ? 0.3048 0.4792 0.3883 0.0341  0.0524  0.0946  2046 HOH A O   
856 O O   . HOH C .   ? 0.3823 0.7541 0.7220 -0.0934 -0.1240 -0.1699 2047 HOH A O   
857 O O   . HOH C .   ? 0.3389 0.4459 0.3557 0.0551  -0.0227 0.0047  2048 HOH A O   
858 O O   . HOH C .   ? 0.4148 0.6726 0.4855 -0.2350 -0.0277 0.0672  2049 HOH A O   
859 O O   . HOH C .   ? 0.2777 0.3319 0.2193 0.0303  0.0369  -0.0424 2050 HOH A O   
860 O O   . HOH C .   ? 0.4741 0.5370 0.3288 -0.0328 0.0621  -0.0112 2051 HOH A O   
861 O O   . HOH C .   ? 0.5930 0.6038 0.4651 -0.0236 -0.1216 -0.0347 2052 HOH A O   
862 O O   . HOH C .   ? 0.3746 0.8268 0.7024 0.0971  -0.0235 -0.1027 2053 HOH A O   
863 O O   . HOH C .   ? 0.6119 0.6739 0.3483 -0.0583 0.2897  0.1031  2054 HOH A O   
864 O O   . HOH C .   ? 0.5306 0.6430 0.4138 -0.1054 0.0881  0.0343  2055 HOH A O   
865 O O   . HOH C .   ? 0.6841 0.6529 0.2978 -0.1046 0.0725  -0.0401 2056 HOH A O   
866 O O   . HOH C .   ? 0.3376 0.5599 0.5982 -0.0078 0.1323  0.1321  2057 HOH A O   
867 O O   . HOH C .   ? 0.6330 0.5636 0.5289 0.1892  0.0985  -0.0786 2058 HOH A O   
868 O O   . HOH C .   ? 0.3209 0.2450 0.6508 0.0758  -0.0023 -0.0542 2059 HOH A O   
869 O O   . HOH C .   ? 0.3346 0.5311 0.7679 -0.0239 -0.0657 0.0702  2060 HOH A O   
870 O O   . HOH C .   ? 0.2141 0.2156 0.2622 0.0049  0.0058  0.0064  2061 HOH A O   
871 O O   . HOH C .   ? 0.7311 0.6466 0.8031 0.1201  0.1588  0.0602  2062 HOH A O   
872 O O   . HOH C .   ? 0.4534 0.8462 0.5308 0.0674  0.2680  0.0156  2063 HOH A O   
873 O O   . HOH C .   ? 0.3022 0.3940 0.2589 -0.0344 0.0303  0.0029  2064 HOH A O   
874 O O   . HOH C .   ? 0.3951 0.4687 0.2711 -0.0295 0.0184  0.0399  2065 HOH A O   
875 O O   . HOH C .   ? 0.2512 0.2835 0.3661 -0.0052 0.0260  -0.0258 2066 HOH A O   
876 O O   . HOH C .   ? 0.6706 0.5534 0.3013 -0.0159 0.0479  0.1683  2067 HOH A O   
877 O O   . HOH C .   ? 0.6249 0.5206 0.3618 0.2072  -0.0124 0.0384  2068 HOH A O   
878 O O   . HOH C .   ? 0.3570 0.4239 0.4051 0.0029  0.0404  -0.0028 2069 HOH A O   
879 O O   . HOH C .   ? 0.2585 0.3809 0.3100 -0.0043 0.0247  -0.0030 2070 HOH A O   
880 O O   . HOH C .   ? 0.3233 0.6401 0.4744 0.0757  -0.0621 -0.0948 2071 HOH A O   
881 O O   . HOH C .   ? 0.2173 0.2933 0.2457 -0.0229 -0.0184 0.0350  2072 HOH A O   
882 O O   . HOH C .   ? 0.2390 0.6828 0.4465 -0.1051 -0.0600 0.1707  2073 HOH A O   
883 O O   . HOH C .   ? 0.3230 0.5197 0.7545 -0.1885 -0.0989 0.0487  2074 HOH A O   
884 O O   . HOH C .   ? 0.5187 0.4470 0.5154 -0.0663 -0.2213 -0.0654 2075 HOH A O   
885 O O   . HOH C .   ? 0.3063 0.7319 0.4963 -0.0179 0.0593  -0.1847 2076 HOH A O   
886 O O   . HOH C .   ? 0.3539 0.5233 0.3878 -0.0294 0.0110  -0.1966 2077 HOH A O   
887 O O   . HOH C .   ? 0.3510 0.3990 0.3974 -0.0945 0.0282  0.0151  2078 HOH A O   
888 O O   . HOH C .   ? 0.4882 0.3292 0.3532 0.0489  -0.0617 0.0242  2079 HOH A O   
889 O O   . HOH C .   ? 0.3612 0.3946 0.3138 0.0062  -0.0812 -0.0270 2080 HOH A O   
890 O O   . HOH C .   ? 0.1951 0.1886 0.1671 0.0061  -0.0016 0.0182  2081 HOH A O   
891 O O   . HOH C .   ? 0.2804 0.5015 0.5242 0.0109  -0.0516 -0.1183 2082 HOH A O   
892 O O   . HOH C .   ? 0.4961 0.4793 0.6236 0.1130  0.0822  -0.1620 2083 HOH A O   
893 O O   . HOH C .   ? 0.7892 0.3806 0.6711 -0.0436 0.0376  0.1359  2084 HOH A O   
894 O O   . HOH C .   ? 0.4501 0.3429 0.4336 -0.0281 -0.1080 0.0207  2085 HOH A O   
895 O O   . HOH C .   ? 0.5788 0.3201 0.4695 -0.0211 -0.1183 -0.0070 2086 HOH A O   
896 O O   . HOH C .   ? 0.4225 0.5825 0.4585 -0.1508 -0.0354 0.1500  2087 HOH A O   
897 O O   . HOH C .   ? 0.4345 0.3500 0.3328 0.0026  -0.0255 0.0777  2088 HOH A O   
898 O O   . HOH C .   ? 0.5864 0.6088 0.4529 -0.0228 -0.0491 0.1485  2089 HOH A O   
899 O O   . HOH C .   ? 0.4459 0.4154 0.2041 -0.0007 0.0384  0.0568  2090 HOH A O   
900 O O   . HOH C .   ? 0.4841 0.4553 0.5107 0.0025  -0.1053 0.2220  2091 HOH A O   
901 O O   . HOH C .   ? 0.2898 0.3313 0.3124 -0.0097 0.0192  -0.0407 2092 HOH A O   
902 O O   . HOH C .   ? 0.4697 0.3975 0.2555 -0.1102 0.0895  -0.0193 2093 HOH A O   
903 O O   . HOH C .   ? 0.4200 0.3815 0.7296 -0.0256 0.0359  0.1655  2094 HOH A O   
904 O O   . HOH C .   ? 0.3824 0.4350 0.6141 0.0208  0.0072  0.0069  2095 HOH A O   
905 O O   . HOH C .   ? 0.5084 0.4597 0.3160 -0.1187 0.0586  -0.0321 2096 HOH A O   
906 O O   . HOH C .   ? 0.6418 0.5853 0.4070 0.0083  -0.0933 -0.1922 2097 HOH A O   
907 O O   . HOH C .   ? 0.2628 0.3103 0.2348 0.0191  0.0339  0.0273  2098 HOH A O   
908 O O   . HOH C .   ? 0.3923 0.6570 0.4956 0.1137  0.0116  -0.0490 2099 HOH A O   
# 
loop_
_pdbx_poly_seq_scheme.asym_id 
_pdbx_poly_seq_scheme.entity_id 
_pdbx_poly_seq_scheme.seq_id 
_pdbx_poly_seq_scheme.mon_id 
_pdbx_poly_seq_scheme.ndb_seq_num 
_pdbx_poly_seq_scheme.pdb_seq_num 
_pdbx_poly_seq_scheme.auth_seq_num 
_pdbx_poly_seq_scheme.pdb_mon_id 
_pdbx_poly_seq_scheme.auth_mon_id 
_pdbx_poly_seq_scheme.pdb_strand_id 
_pdbx_poly_seq_scheme.pdb_ins_code 
_pdbx_poly_seq_scheme.hetero 
A 1 1   SER 1   1   ?   ?   ?   A . n 
A 1 2   MET 2   2   ?   ?   ?   A . n 
A 1 3   SER 3   3   ?   ?   ?   A . n 
A 1 4   SER 4   4   ?   ?   ?   A . n 
A 1 5   GLY 5   5   ?   ?   ?   A . n 
A 1 6   THR 6   6   6   THR THR A . n 
A 1 7   HIS 7   7   7   HIS HIS A . n 
A 1 8   ARG 8   8   8   ARG ARG A . n 
A 1 9   LEU 9   9   9   LEU LEU A . n 
A 1 10  THR 10  10  10  THR THR A . n 
A 1 11  ALA 11  11  11  ALA ALA A . n 
A 1 12  GLU 12  12  12  GLU GLU A . n 
A 1 13  GLU 13  13  13  GLU GLU A . n 
A 1 14  ARG 14  14  14  ARG ARG A . n 
A 1 15  ASN 15  15  15  ASN ASN A . n 
A 1 16  GLN 16  16  16  GLN GLN A . n 
A 1 17  ALA 17  17  17  ALA ALA A . n 
A 1 18  ILE 18  18  18  ILE ILE A . n 
A 1 19  LEU 19  19  19  LEU LEU A . n 
A 1 20  ASP 20  20  20  ASP ASP A . n 
A 1 21  LEU 21  21  21  LEU LEU A . n 
A 1 22  LYS 22  22  22  LYS LYS A . n 
A 1 23  ALA 23  23  23  ALA ALA A . n 
A 1 24  ALA 24  24  24  ALA ALA A . n 
A 1 25  GLY 25  25  25  GLY GLY A . n 
A 1 26  TRP 26  26  26  TRP TRP A . n 
A 1 27  SER 27  27  27  SER SER A . n 
A 1 28  GLU 28  28  28  GLU GLU A . n 
A 1 29  LEU 29  29  29  LEU LEU A . n 
A 1 30  SER 30  30  30  SER SER A . n 
A 1 31  GLU 31  31  31  GLU GLU A . n 
A 1 32  ARG 32  32  32  ARG ARG A . n 
A 1 33  ASP 33  33  33  ASP ASP A . n 
A 1 34  ALA 34  34  34  ALA ALA A . n 
A 1 35  ILE 35  35  35  ILE ILE A . n 
A 1 36  TYR 36  36  36  TYR TYR A . n 
A 1 37  LYS 37  37  37  LYS LYS A . n 
A 1 38  GLU 38  38  38  GLU GLU A . n 
A 1 39  PHE 39  39  39  PHE PHE A . n 
A 1 40  SER 40  40  40  SER SER A . n 
A 1 41  PHE 41  41  41  PHE PHE A . n 
A 1 42  HIS 42  42  42  HIS HIS A . n 
A 1 43  ASN 43  43  43  ASN ASN A . n 
A 1 44  PHE 44  44  44  PHE PHE A . n 
A 1 45  ASN 45  45  45  ASN ASN A . n 
A 1 46  GLN 46  46  46  GLN GLN A . n 
A 1 47  ALA 47  47  47  ALA ALA A . n 
A 1 48  PHE 48  48  48  PHE PHE A . n 
A 1 49  GLY 49  49  49  GLY GLY A . n 
A 1 50  PHE 50  50  50  PHE PHE A . n 
A 1 51  MET 51  51  51  MET MET A . n 
A 1 52  SER 52  52  52  SER SER A . n 
A 1 53  ARG 53  53  53  ARG ARG A . n 
A 1 54  VAL 54  54  54  VAL VAL A . n 
A 1 55  ALA 55  55  55  ALA ALA A . n 
A 1 56  LEU 56  56  56  LEU LEU A . n 
A 1 57  GLN 57  57  57  GLN GLN A . n 
A 1 58  ALA 58  58  58  ALA ALA A . n 
A 1 59  GLU 59  59  59  GLU GLU A . n 
A 1 60  LYS 60  60  60  LYS LYS A . n 
A 1 61  MET 61  61  61  MET MET A . n 
A 1 62  ASN 62  62  62  ASN ASN A . n 
A 1 63  HIS 63  63  63  HIS HIS A . n 
A 1 64  HIS 64  64  64  HIS HIS A . n 
A 1 65  PRO 65  65  65  PRO PRO A . n 
A 1 66  GLU 66  66  66  GLU GLU A . n 
A 1 67  TRP 67  67  67  TRP TRP A . n 
A 1 68  PHE 68  68  68  PHE PHE A . n 
A 1 69  ASN 69  69  69  ASN ASN A . n 
A 1 70  VAL 70  70  70  VAL VAL A . n 
A 1 71  TYR 71  71  71  TYR TYR A . n 
A 1 72  ASN 72  72  72  ASN ASN A . n 
A 1 73  LYS 73  73  73  LYS LYS A . n 
A 1 74  VAL 74  74  74  VAL VAL A . n 
A 1 75  GLN 75  75  75  GLN GLN A . n 
A 1 76  ILE 76  76  76  ILE ILE A . n 
A 1 77  THR 77  77  77  THR THR A . n 
A 1 78  LEU 78  78  78  LEU LEU A . n 
A 1 79  THR 79  79  79  THR THR A . n 
A 1 80  SER 80  80  80  SER SER A . n 
A 1 81  HIS 81  81  81  HIS HIS A . n 
A 1 82  ASP 82  82  82  ASP ASP A . n 
A 1 83  CYS 83  83  83  CYS CYS A . n 
A 1 84  GLY 84  84  84  GLY GLY A . n 
A 1 85  GLU 85  85  85  GLU GLU A . n 
A 1 86  LEU 86  86  86  LEU LEU A . n 
A 1 87  THR 87  87  87  THR THR A . n 
A 1 88  LYS 88  88  88  LYS LYS A . n 
A 1 89  LYS 89  89  89  LYS LYS A . n 
A 1 90  ASP 90  90  90  ASP ASP A . n 
A 1 91  VAL 91  91  91  VAL VAL A . n 
A 1 92  LYS 92  92  92  LYS LYS A . n 
A 1 93  LEU 93  93  93  LEU LEU A . n 
A 1 94  ALA 94  94  94  ALA ALA A . n 
A 1 95  LYS 95  95  95  LYS LYS A . n 
A 1 96  PHE 96  96  96  PHE PHE A . n 
A 1 97  ILE 97  97  97  ILE ILE A . n 
A 1 98  GLU 98  98  98  GLU GLU A . n 
A 1 99  LYS 99  99  99  LYS LYS A . n 
A 1 100 ALA 100 100 100 ALA ALA A . n 
A 1 101 ALA 101 101 101 ALA ALA A . n 
A 1 102 ALA 102 102 102 ALA ALA A . n 
A 1 103 SER 103 103 103 SER SER A . n 
A 1 104 VAL 104 104 104 VAL VAL A . n 
# 
loop_
_pdbx_nonpoly_scheme.asym_id 
_pdbx_nonpoly_scheme.entity_id 
_pdbx_nonpoly_scheme.mon_id 
_pdbx_nonpoly_scheme.ndb_seq_num 
_pdbx_nonpoly_scheme.pdb_seq_num 
_pdbx_nonpoly_scheme.auth_seq_num 
_pdbx_nonpoly_scheme.pdb_mon_id 
_pdbx_nonpoly_scheme.auth_mon_id 
_pdbx_nonpoly_scheme.pdb_strand_id 
_pdbx_nonpoly_scheme.pdb_ins_code 
B 2 EDO 1  1105 1105 EDO EDO A . 
C 3 HOH 1  2001 2001 HOH HOH A . 
C 3 HOH 2  2002 2002 HOH HOH A . 
C 3 HOH 3  2003 2003 HOH HOH A . 
C 3 HOH 4  2004 2004 HOH HOH A . 
C 3 HOH 5  2005 2005 HOH HOH A . 
C 3 HOH 6  2006 2006 HOH HOH A . 
C 3 HOH 7  2007 2007 HOH HOH A . 
C 3 HOH 8  2008 2008 HOH HOH A . 
C 3 HOH 9  2009 2009 HOH HOH A . 
C 3 HOH 10 2010 2010 HOH HOH A . 
C 3 HOH 11 2011 2011 HOH HOH A . 
C 3 HOH 12 2012 2012 HOH HOH A . 
C 3 HOH 13 2013 2013 HOH HOH A . 
C 3 HOH 14 2014 2014 HOH HOH A . 
C 3 HOH 15 2015 2015 HOH HOH A . 
C 3 HOH 16 2016 2016 HOH HOH A . 
C 3 HOH 17 2017 2017 HOH HOH A . 
C 3 HOH 18 2018 2018 HOH HOH A . 
C 3 HOH 19 2019 2019 HOH HOH A . 
C 3 HOH 20 2020 2020 HOH HOH A . 
C 3 HOH 21 2021 2021 HOH HOH A . 
C 3 HOH 22 2022 2022 HOH HOH A . 
C 3 HOH 23 2023 2023 HOH HOH A . 
C 3 HOH 24 2024 2024 HOH HOH A . 
C 3 HOH 25 2025 2025 HOH HOH A . 
C 3 HOH 26 2026 2026 HOH HOH A . 
C 3 HOH 27 2027 2027 HOH HOH A . 
C 3 HOH 28 2028 2028 HOH HOH A . 
C 3 HOH 29 2029 2029 HOH HOH A . 
C 3 HOH 30 2030 2030 HOH HOH A . 
C 3 HOH 31 2031 2031 HOH HOH A . 
C 3 HOH 32 2032 2032 HOH HOH A . 
C 3 HOH 33 2033 2033 HOH HOH A . 
C 3 HOH 34 2034 2034 HOH HOH A . 
C 3 HOH 35 2035 2035 HOH HOH A . 
C 3 HOH 36 2036 2036 HOH HOH A . 
C 3 HOH 37 2037 2037 HOH HOH A . 
C 3 HOH 38 2038 2038 HOH HOH A . 
C 3 HOH 39 2039 2039 HOH HOH A . 
C 3 HOH 40 2040 2040 HOH HOH A . 
C 3 HOH 41 2041 2041 HOH HOH A . 
C 3 HOH 42 2042 2042 HOH HOH A . 
C 3 HOH 43 2043 2043 HOH HOH A . 
C 3 HOH 44 2044 2044 HOH HOH A . 
C 3 HOH 45 2045 2045 HOH HOH A . 
C 3 HOH 46 2046 2046 HOH HOH A . 
C 3 HOH 47 2047 2047 HOH HOH A . 
C 3 HOH 48 2048 2048 HOH HOH A . 
C 3 HOH 49 2049 2049 HOH HOH A . 
C 3 HOH 50 2050 2050 HOH HOH A . 
C 3 HOH 51 2051 2051 HOH HOH A . 
C 3 HOH 52 2052 2052 HOH HOH A . 
C 3 HOH 53 2053 2053 HOH HOH A . 
C 3 HOH 54 2054 2054 HOH HOH A . 
C 3 HOH 55 2055 2055 HOH HOH A . 
C 3 HOH 56 2056 2056 HOH HOH A . 
C 3 HOH 57 2057 2057 HOH HOH A . 
C 3 HOH 58 2058 2058 HOH HOH A . 
C 3 HOH 59 2059 2059 HOH HOH A . 
C 3 HOH 60 2060 2060 HOH HOH A . 
C 3 HOH 61 2061 2061 HOH HOH A . 
C 3 HOH 62 2062 2062 HOH HOH A . 
C 3 HOH 63 2063 2063 HOH HOH A . 
C 3 HOH 64 2064 2064 HOH HOH A . 
C 3 HOH 65 2065 2065 HOH HOH A . 
C 3 HOH 66 2066 2066 HOH HOH A . 
C 3 HOH 67 2067 2067 HOH HOH A . 
C 3 HOH 68 2068 2068 HOH HOH A . 
C 3 HOH 69 2069 2069 HOH HOH A . 
C 3 HOH 70 2070 2070 HOH HOH A . 
C 3 HOH 71 2071 2071 HOH HOH A . 
C 3 HOH 72 2072 2072 HOH HOH A . 
C 3 HOH 73 2073 2073 HOH HOH A . 
C 3 HOH 74 2074 2074 HOH HOH A . 
C 3 HOH 75 2075 2075 HOH HOH A . 
C 3 HOH 76 2076 2076 HOH HOH A . 
C 3 HOH 77 2077 2077 HOH HOH A . 
C 3 HOH 78 2078 2078 HOH HOH A . 
C 3 HOH 79 2079 2079 HOH HOH A . 
C 3 HOH 80 2080 2080 HOH HOH A . 
C 3 HOH 81 2081 2081 HOH HOH A . 
C 3 HOH 82 2082 2082 HOH HOH A . 
C 3 HOH 83 2083 2083 HOH HOH A . 
C 3 HOH 84 2084 2084 HOH HOH A . 
C 3 HOH 85 2085 2085 HOH HOH A . 
C 3 HOH 86 2086 2086 HOH HOH A . 
C 3 HOH 87 2087 2087 HOH HOH A . 
C 3 HOH 88 2088 2088 HOH HOH A . 
C 3 HOH 89 2089 2089 HOH HOH A . 
C 3 HOH 90 2090 2090 HOH HOH A . 
C 3 HOH 91 2091 2091 HOH HOH A . 
C 3 HOH 92 2092 2092 HOH HOH A . 
C 3 HOH 93 2093 2093 HOH HOH A . 
C 3 HOH 94 2094 2094 HOH HOH A . 
C 3 HOH 95 2095 2095 HOH HOH A . 
C 3 HOH 96 2096 2096 HOH HOH A . 
C 3 HOH 97 2097 2097 HOH HOH A . 
C 3 HOH 98 2098 2098 HOH HOH A . 
C 3 HOH 99 2099 2099 HOH HOH A . 
# 
_pdbx_struct_assembly.id                   1 
_pdbx_struct_assembly.details              author_and_software_defined_assembly 
_pdbx_struct_assembly.method_details       PISA 
_pdbx_struct_assembly.oligomeric_details   tetrameric 
_pdbx_struct_assembly.oligomeric_count     4 
# 
_pdbx_struct_assembly_gen.assembly_id       1 
_pdbx_struct_assembly_gen.oper_expression   1,2,3,4 
_pdbx_struct_assembly_gen.asym_id_list      A,B,C 
# 
loop_
_pdbx_struct_assembly_prop.biol_id 
_pdbx_struct_assembly_prop.type 
_pdbx_struct_assembly_prop.value 
_pdbx_struct_assembly_prop.details 
1 'ABSA (A^2)' 6260  ? 
1 MORE         -25.2 ? 
1 'SSA (A^2)'  17410 ? 
# 
loop_
_pdbx_struct_oper_list.id 
_pdbx_struct_oper_list.type 
_pdbx_struct_oper_list.name 
_pdbx_struct_oper_list.symmetry_operation 
_pdbx_struct_oper_list.matrix[1][1] 
_pdbx_struct_oper_list.matrix[1][2] 
_pdbx_struct_oper_list.matrix[1][3] 
_pdbx_struct_oper_list.vector[1] 
_pdbx_struct_oper_list.matrix[2][1] 
_pdbx_struct_oper_list.matrix[2][2] 
_pdbx_struct_oper_list.matrix[2][3] 
_pdbx_struct_oper_list.vector[2] 
_pdbx_struct_oper_list.matrix[3][1] 
_pdbx_struct_oper_list.matrix[3][2] 
_pdbx_struct_oper_list.matrix[3][3] 
_pdbx_struct_oper_list.vector[3] 
1 'identity operation'         1_555 x,y,z     1.0000000000  0.0000000000  0.0000000000  0.0000000000  0.0000000000  1.0000000000  0.0000000000  0.0000000000  0.0000000000  0.0000000000  1.0000000000  0.0000000000  
2 'crystal symmetry operation' 4_557 x,-y,-z+2 0.4716337112  -0.3032619028 0.8280059545  -6.7432508754 -0.3032619028 -0.9375063367 -0.1706285059 22.5025285242 0.8280059545  -0.1706285059 -0.5341273746 20.2266117038 
3 'crystal symmetry operation' 3_557 -x,y,-z+2 -0.4863103775 0.1362108833  -0.8631041722 18.5441199220 0.1362108833  -0.9638820721 -0.2288622867 21.4988147087 -0.8631041722 -0.2288622867 0.4501924497  14.4296539225 
4 'crystal symmetry operation' 2_555 -x,-y,z   -0.9853233337 0.1670510195  0.0350982176  7.4308491373  0.1670510195  0.9013884088  0.3994907926  -5.7385818786 0.0350982176  0.3994907926  -0.9160650751 24.2056696232  
# 
loop_
_pdbx_struct_special_symmetry.id 
_pdbx_struct_special_symmetry.PDB_model_num 
_pdbx_struct_special_symmetry.auth_asym_id 
_pdbx_struct_special_symmetry.auth_comp_id 
_pdbx_struct_special_symmetry.auth_seq_id 
_pdbx_struct_special_symmetry.PDB_ins_code 
_pdbx_struct_special_symmetry.label_asym_id 
_pdbx_struct_special_symmetry.label_comp_id 
_pdbx_struct_special_symmetry.label_seq_id 
1 1 A HOH 2009 ? C HOH . 
2 1 A HOH 2021 ? C HOH . 
3 1 A HOH 2064 ? C HOH . 
4 1 A HOH 2098 ? C HOH . 
# 
loop_
_pdbx_audit_revision_history.ordinal 
_pdbx_audit_revision_history.data_content_type 
_pdbx_audit_revision_history.major_revision 
_pdbx_audit_revision_history.minor_revision 
_pdbx_audit_revision_history.revision_date 
1 'Structure model' 1 0 2013-09-11 
2 'Structure model' 1 1 2018-01-24 
3 'Structure model' 1 2 2023-12-20 
# 
_pdbx_audit_revision_details.ordinal             1 
_pdbx_audit_revision_details.revision_ordinal    1 
_pdbx_audit_revision_details.data_content_type   'Structure model' 
_pdbx_audit_revision_details.provider            repository 
_pdbx_audit_revision_details.type                'Initial release' 
_pdbx_audit_revision_details.description         ? 
_pdbx_audit_revision_details.details             ? 
# 
loop_
_pdbx_audit_revision_group.ordinal 
_pdbx_audit_revision_group.revision_ordinal 
_pdbx_audit_revision_group.data_content_type 
_pdbx_audit_revision_group.group 
1 2 'Structure model' 'Database references'    
2 3 'Structure model' 'Data collection'        
3 3 'Structure model' 'Database references'    
4 3 'Structure model' 'Derived calculations'   
5 3 'Structure model' Other                    
6 3 'Structure model' 'Refinement description' 
# 
loop_
_pdbx_audit_revision_category.ordinal 
_pdbx_audit_revision_category.revision_ordinal 
_pdbx_audit_revision_category.data_content_type 
_pdbx_audit_revision_category.category 
1 2 'Structure model' citation_author               
2 3 'Structure model' chem_comp_atom                
3 3 'Structure model' chem_comp_bond                
4 3 'Structure model' database_2                    
5 3 'Structure model' pdbx_database_status          
6 3 'Structure model' pdbx_initial_refinement_model 
7 3 'Structure model' struct_site                   
# 
loop_
_pdbx_audit_revision_item.ordinal 
_pdbx_audit_revision_item.revision_ordinal 
_pdbx_audit_revision_item.data_content_type 
_pdbx_audit_revision_item.item 
1 2 'Structure model' '_citation_author.name'                
2 3 'Structure model' '_database_2.pdbx_DOI'                 
3 3 'Structure model' '_database_2.pdbx_database_accession'  
4 3 'Structure model' '_pdbx_database_status.status_code_sf' 
5 3 'Structure model' '_struct_site.pdbx_auth_asym_id'       
6 3 'Structure model' '_struct_site.pdbx_auth_comp_id'       
7 3 'Structure model' '_struct_site.pdbx_auth_seq_id'        
# 
loop_
_software.name 
_software.classification 
_software.version 
_software.citation_id 
_software.pdbx_ordinal 
REFMAC  refinement       5.7.0032 ? 1 
XDS     'data reduction' .        ? 2 
Aimless 'data scaling'   .        ? 3 
PHASER  phasing          .        ? 4 
# 
loop_
_pdbx_validate_close_contact.id 
_pdbx_validate_close_contact.PDB_model_num 
_pdbx_validate_close_contact.auth_atom_id_1 
_pdbx_validate_close_contact.auth_asym_id_1 
_pdbx_validate_close_contact.auth_comp_id_1 
_pdbx_validate_close_contact.auth_seq_id_1 
_pdbx_validate_close_contact.PDB_ins_code_1 
_pdbx_validate_close_contact.label_alt_id_1 
_pdbx_validate_close_contact.auth_atom_id_2 
_pdbx_validate_close_contact.auth_asym_id_2 
_pdbx_validate_close_contact.auth_comp_id_2 
_pdbx_validate_close_contact.auth_seq_id_2 
_pdbx_validate_close_contact.PDB_ins_code_2 
_pdbx_validate_close_contact.label_alt_id_2 
_pdbx_validate_close_contact.dist 
1 1 NH1 A ARG 14  ? ? O A HOH 2015 ? ? 2.08 
2 1 OG  A SER 103 ? ? O A HOH 2066 ? ? 2.15 
# 
loop_
_pdbx_validate_symm_contact.id 
_pdbx_validate_symm_contact.PDB_model_num 
_pdbx_validate_symm_contact.auth_atom_id_1 
_pdbx_validate_symm_contact.auth_asym_id_1 
_pdbx_validate_symm_contact.auth_comp_id_1 
_pdbx_validate_symm_contact.auth_seq_id_1 
_pdbx_validate_symm_contact.PDB_ins_code_1 
_pdbx_validate_symm_contact.label_alt_id_1 
_pdbx_validate_symm_contact.site_symmetry_1 
_pdbx_validate_symm_contact.auth_atom_id_2 
_pdbx_validate_symm_contact.auth_asym_id_2 
_pdbx_validate_symm_contact.auth_comp_id_2 
_pdbx_validate_symm_contact.auth_seq_id_2 
_pdbx_validate_symm_contact.PDB_ins_code_2 
_pdbx_validate_symm_contact.label_alt_id_2 
_pdbx_validate_symm_contact.site_symmetry_2 
_pdbx_validate_symm_contact.dist 
1 1 O A HOH 2096 ? ? 1_555 O A HOH 2096 ? ? 3_557 2.00 
2 1 O A HOH 2044 ? ? 1_555 O A HOH 2044 ? ? 2_555 2.09 
# 
_pdbx_validate_torsion.id              1 
_pdbx_validate_torsion.PDB_model_num   1 
_pdbx_validate_torsion.auth_comp_id    TYR 
_pdbx_validate_torsion.auth_asym_id    A 
_pdbx_validate_torsion.auth_seq_id     71 
_pdbx_validate_torsion.PDB_ins_code    ? 
_pdbx_validate_torsion.label_alt_id    ? 
_pdbx_validate_torsion.phi             52.14 
_pdbx_validate_torsion.psi             -112.27 
# 
loop_
_pdbx_unobs_or_zero_occ_atoms.id 
_pdbx_unobs_or_zero_occ_atoms.PDB_model_num 
_pdbx_unobs_or_zero_occ_atoms.polymer_flag 
_pdbx_unobs_or_zero_occ_atoms.occupancy_flag 
_pdbx_unobs_or_zero_occ_atoms.auth_asym_id 
_pdbx_unobs_or_zero_occ_atoms.auth_comp_id 
_pdbx_unobs_or_zero_occ_atoms.auth_seq_id 
_pdbx_unobs_or_zero_occ_atoms.PDB_ins_code 
_pdbx_unobs_or_zero_occ_atoms.auth_atom_id 
_pdbx_unobs_or_zero_occ_atoms.label_alt_id 
_pdbx_unobs_or_zero_occ_atoms.label_asym_id 
_pdbx_unobs_or_zero_occ_atoms.label_comp_id 
_pdbx_unobs_or_zero_occ_atoms.label_seq_id 
_pdbx_unobs_or_zero_occ_atoms.label_atom_id 
1  1 Y 1 A GLU 12 ? CG  ? A GLU 12 CG  
2  1 Y 1 A GLU 12 ? CD  ? A GLU 12 CD  
3  1 Y 1 A GLU 12 ? OE1 ? A GLU 12 OE1 
4  1 Y 1 A GLU 12 ? OE2 ? A GLU 12 OE2 
5  1 Y 1 A LYS 22 ? CE  ? A LYS 22 CE  
6  1 Y 1 A LYS 22 ? NZ  ? A LYS 22 NZ  
7  1 Y 1 A LYS 88 ? CE  ? A LYS 88 CE  
8  1 Y 1 A LYS 88 ? NZ  ? A LYS 88 NZ  
9  1 Y 1 A LYS 89 ? CE  ? A LYS 89 CE  
10 1 Y 1 A LYS 89 ? NZ  ? A LYS 89 NZ  
11 1 Y 1 A LYS 99 ? CD  ? A LYS 99 CD  
12 1 Y 1 A LYS 99 ? CE  ? A LYS 99 CE  
13 1 Y 1 A LYS 99 ? NZ  ? A LYS 99 NZ  
# 
loop_
_pdbx_unobs_or_zero_occ_residues.id 
_pdbx_unobs_or_zero_occ_residues.PDB_model_num 
_pdbx_unobs_or_zero_occ_residues.polymer_flag 
_pdbx_unobs_or_zero_occ_residues.occupancy_flag 
_pdbx_unobs_or_zero_occ_residues.auth_asym_id 
_pdbx_unobs_or_zero_occ_residues.auth_comp_id 
_pdbx_unobs_or_zero_occ_residues.auth_seq_id 
_pdbx_unobs_or_zero_occ_residues.PDB_ins_code 
_pdbx_unobs_or_zero_occ_residues.label_asym_id 
_pdbx_unobs_or_zero_occ_residues.label_comp_id 
_pdbx_unobs_or_zero_occ_residues.label_seq_id 
1 1 Y 1 A SER 1 ? A SER 1 
2 1 Y 1 A MET 2 ? A MET 2 
3 1 Y 1 A SER 3 ? A SER 3 
4 1 Y 1 A SER 4 ? A SER 4 
5 1 Y 1 A GLY 5 ? A GLY 5 
# 
loop_
_chem_comp_atom.comp_id 
_chem_comp_atom.atom_id 
_chem_comp_atom.type_symbol 
_chem_comp_atom.pdbx_aromatic_flag 
_chem_comp_atom.pdbx_stereo_config 
_chem_comp_atom.pdbx_ordinal 
ALA N    N N N 1   
ALA CA   C N S 2   
ALA C    C N N 3   
ALA O    O N N 4   
ALA CB   C N N 5   
ALA OXT  O N N 6   
ALA H    H N N 7   
ALA H2   H N N 8   
ALA HA   H N N 9   
ALA HB1  H N N 10  
ALA HB2  H N N 11  
ALA HB3  H N N 12  
ALA HXT  H N N 13  
ARG N    N N N 14  
ARG CA   C N S 15  
ARG C    C N N 16  
ARG O    O N N 17  
ARG CB   C N N 18  
ARG CG   C N N 19  
ARG CD   C N N 20  
ARG NE   N N N 21  
ARG CZ   C N N 22  
ARG NH1  N N N 23  
ARG NH2  N N N 24  
ARG OXT  O N N 25  
ARG H    H N N 26  
ARG H2   H N N 27  
ARG HA   H N N 28  
ARG HB2  H N N 29  
ARG HB3  H N N 30  
ARG HG2  H N N 31  
ARG HG3  H N N 32  
ARG HD2  H N N 33  
ARG HD3  H N N 34  
ARG HE   H N N 35  
ARG HH11 H N N 36  
ARG HH12 H N N 37  
ARG HH21 H N N 38  
ARG HH22 H N N 39  
ARG HXT  H N N 40  
ASN N    N N N 41  
ASN CA   C N S 42  
ASN C    C N N 43  
ASN O    O N N 44  
ASN CB   C N N 45  
ASN CG   C N N 46  
ASN OD1  O N N 47  
ASN ND2  N N N 48  
ASN OXT  O N N 49  
ASN H    H N N 50  
ASN H2   H N N 51  
ASN HA   H N N 52  
ASN HB2  H N N 53  
ASN HB3  H N N 54  
ASN HD21 H N N 55  
ASN HD22 H N N 56  
ASN HXT  H N N 57  
ASP N    N N N 58  
ASP CA   C N S 59  
ASP C    C N N 60  
ASP O    O N N 61  
ASP CB   C N N 62  
ASP CG   C N N 63  
ASP OD1  O N N 64  
ASP OD2  O N N 65  
ASP OXT  O N N 66  
ASP H    H N N 67  
ASP H2   H N N 68  
ASP HA   H N N 69  
ASP HB2  H N N 70  
ASP HB3  H N N 71  
ASP HD2  H N N 72  
ASP HXT  H N N 73  
CYS N    N N N 74  
CYS CA   C N R 75  
CYS C    C N N 76  
CYS O    O N N 77  
CYS CB   C N N 78  
CYS SG   S N N 79  
CYS OXT  O N N 80  
CYS H    H N N 81  
CYS H2   H N N 82  
CYS HA   H N N 83  
CYS HB2  H N N 84  
CYS HB3  H N N 85  
CYS HG   H N N 86  
CYS HXT  H N N 87  
EDO C1   C N N 88  
EDO O1   O N N 89  
EDO C2   C N N 90  
EDO O2   O N N 91  
EDO H11  H N N 92  
EDO H12  H N N 93  
EDO HO1  H N N 94  
EDO H21  H N N 95  
EDO H22  H N N 96  
EDO HO2  H N N 97  
GLN N    N N N 98  
GLN CA   C N S 99  
GLN C    C N N 100 
GLN O    O N N 101 
GLN CB   C N N 102 
GLN CG   C N N 103 
GLN CD   C N N 104 
GLN OE1  O N N 105 
GLN NE2  N N N 106 
GLN OXT  O N N 107 
GLN H    H N N 108 
GLN H2   H N N 109 
GLN HA   H N N 110 
GLN HB2  H N N 111 
GLN HB3  H N N 112 
GLN HG2  H N N 113 
GLN HG3  H N N 114 
GLN HE21 H N N 115 
GLN HE22 H N N 116 
GLN HXT  H N N 117 
GLU N    N N N 118 
GLU CA   C N S 119 
GLU C    C N N 120 
GLU O    O N N 121 
GLU CB   C N N 122 
GLU CG   C N N 123 
GLU CD   C N N 124 
GLU OE1  O N N 125 
GLU OE2  O N N 126 
GLU OXT  O N N 127 
GLU H    H N N 128 
GLU H2   H N N 129 
GLU HA   H N N 130 
GLU HB2  H N N 131 
GLU HB3  H N N 132 
GLU HG2  H N N 133 
GLU HG3  H N N 134 
GLU HE2  H N N 135 
GLU HXT  H N N 136 
GLY N    N N N 137 
GLY CA   C N N 138 
GLY C    C N N 139 
GLY O    O N N 140 
GLY OXT  O N N 141 
GLY H    H N N 142 
GLY H2   H N N 143 
GLY HA2  H N N 144 
GLY HA3  H N N 145 
GLY HXT  H N N 146 
HIS N    N N N 147 
HIS CA   C N S 148 
HIS C    C N N 149 
HIS O    O N N 150 
HIS CB   C N N 151 
HIS CG   C Y N 152 
HIS ND1  N Y N 153 
HIS CD2  C Y N 154 
HIS CE1  C Y N 155 
HIS NE2  N Y N 156 
HIS OXT  O N N 157 
HIS H    H N N 158 
HIS H2   H N N 159 
HIS HA   H N N 160 
HIS HB2  H N N 161 
HIS HB3  H N N 162 
HIS HD1  H N N 163 
HIS HD2  H N N 164 
HIS HE1  H N N 165 
HIS HE2  H N N 166 
HIS HXT  H N N 167 
HOH O    O N N 168 
HOH H1   H N N 169 
HOH H2   H N N 170 
ILE N    N N N 171 
ILE CA   C N S 172 
ILE C    C N N 173 
ILE O    O N N 174 
ILE CB   C N S 175 
ILE CG1  C N N 176 
ILE CG2  C N N 177 
ILE CD1  C N N 178 
ILE OXT  O N N 179 
ILE H    H N N 180 
ILE H2   H N N 181 
ILE HA   H N N 182 
ILE HB   H N N 183 
ILE HG12 H N N 184 
ILE HG13 H N N 185 
ILE HG21 H N N 186 
ILE HG22 H N N 187 
ILE HG23 H N N 188 
ILE HD11 H N N 189 
ILE HD12 H N N 190 
ILE HD13 H N N 191 
ILE HXT  H N N 192 
LEU N    N N N 193 
LEU CA   C N S 194 
LEU C    C N N 195 
LEU O    O N N 196 
LEU CB   C N N 197 
LEU CG   C N N 198 
LEU CD1  C N N 199 
LEU CD2  C N N 200 
LEU OXT  O N N 201 
LEU H    H N N 202 
LEU H2   H N N 203 
LEU HA   H N N 204 
LEU HB2  H N N 205 
LEU HB3  H N N 206 
LEU HG   H N N 207 
LEU HD11 H N N 208 
LEU HD12 H N N 209 
LEU HD13 H N N 210 
LEU HD21 H N N 211 
LEU HD22 H N N 212 
LEU HD23 H N N 213 
LEU HXT  H N N 214 
LYS N    N N N 215 
LYS CA   C N S 216 
LYS C    C N N 217 
LYS O    O N N 218 
LYS CB   C N N 219 
LYS CG   C N N 220 
LYS CD   C N N 221 
LYS CE   C N N 222 
LYS NZ   N N N 223 
LYS OXT  O N N 224 
LYS H    H N N 225 
LYS H2   H N N 226 
LYS HA   H N N 227 
LYS HB2  H N N 228 
LYS HB3  H N N 229 
LYS HG2  H N N 230 
LYS HG3  H N N 231 
LYS HD2  H N N 232 
LYS HD3  H N N 233 
LYS HE2  H N N 234 
LYS HE3  H N N 235 
LYS HZ1  H N N 236 
LYS HZ2  H N N 237 
LYS HZ3  H N N 238 
LYS HXT  H N N 239 
MET N    N N N 240 
MET CA   C N S 241 
MET C    C N N 242 
MET O    O N N 243 
MET CB   C N N 244 
MET CG   C N N 245 
MET SD   S N N 246 
MET CE   C N N 247 
MET OXT  O N N 248 
MET H    H N N 249 
MET H2   H N N 250 
MET HA   H N N 251 
MET HB2  H N N 252 
MET HB3  H N N 253 
MET HG2  H N N 254 
MET HG3  H N N 255 
MET HE1  H N N 256 
MET HE2  H N N 257 
MET HE3  H N N 258 
MET HXT  H N N 259 
PHE N    N N N 260 
PHE CA   C N S 261 
PHE C    C N N 262 
PHE O    O N N 263 
PHE CB   C N N 264 
PHE CG   C Y N 265 
PHE CD1  C Y N 266 
PHE CD2  C Y N 267 
PHE CE1  C Y N 268 
PHE CE2  C Y N 269 
PHE CZ   C Y N 270 
PHE OXT  O N N 271 
PHE H    H N N 272 
PHE H2   H N N 273 
PHE HA   H N N 274 
PHE HB2  H N N 275 
PHE HB3  H N N 276 
PHE HD1  H N N 277 
PHE HD2  H N N 278 
PHE HE1  H N N 279 
PHE HE2  H N N 280 
PHE HZ   H N N 281 
PHE HXT  H N N 282 
PRO N    N N N 283 
PRO CA   C N S 284 
PRO C    C N N 285 
PRO O    O N N 286 
PRO CB   C N N 287 
PRO CG   C N N 288 
PRO CD   C N N 289 
PRO OXT  O N N 290 
PRO H    H N N 291 
PRO HA   H N N 292 
PRO HB2  H N N 293 
PRO HB3  H N N 294 
PRO HG2  H N N 295 
PRO HG3  H N N 296 
PRO HD2  H N N 297 
PRO HD3  H N N 298 
PRO HXT  H N N 299 
SER N    N N N 300 
SER CA   C N S 301 
SER C    C N N 302 
SER O    O N N 303 
SER CB   C N N 304 
SER OG   O N N 305 
SER OXT  O N N 306 
SER H    H N N 307 
SER H2   H N N 308 
SER HA   H N N 309 
SER HB2  H N N 310 
SER HB3  H N N 311 
SER HG   H N N 312 
SER HXT  H N N 313 
THR N    N N N 314 
THR CA   C N S 315 
THR C    C N N 316 
THR O    O N N 317 
THR CB   C N R 318 
THR OG1  O N N 319 
THR CG2  C N N 320 
THR OXT  O N N 321 
THR H    H N N 322 
THR H2   H N N 323 
THR HA   H N N 324 
THR HB   H N N 325 
THR HG1  H N N 326 
THR HG21 H N N 327 
THR HG22 H N N 328 
THR HG23 H N N 329 
THR HXT  H N N 330 
TRP N    N N N 331 
TRP CA   C N S 332 
TRP C    C N N 333 
TRP O    O N N 334 
TRP CB   C N N 335 
TRP CG   C Y N 336 
TRP CD1  C Y N 337 
TRP CD2  C Y N 338 
TRP NE1  N Y N 339 
TRP CE2  C Y N 340 
TRP CE3  C Y N 341 
TRP CZ2  C Y N 342 
TRP CZ3  C Y N 343 
TRP CH2  C Y N 344 
TRP OXT  O N N 345 
TRP H    H N N 346 
TRP H2   H N N 347 
TRP HA   H N N 348 
TRP HB2  H N N 349 
TRP HB3  H N N 350 
TRP HD1  H N N 351 
TRP HE1  H N N 352 
TRP HE3  H N N 353 
TRP HZ2  H N N 354 
TRP HZ3  H N N 355 
TRP HH2  H N N 356 
TRP HXT  H N N 357 
TYR N    N N N 358 
TYR CA   C N S 359 
TYR C    C N N 360 
TYR O    O N N 361 
TYR CB   C N N 362 
TYR CG   C Y N 363 
TYR CD1  C Y N 364 
TYR CD2  C Y N 365 
TYR CE1  C Y N 366 
TYR CE2  C Y N 367 
TYR CZ   C Y N 368 
TYR OH   O N N 369 
TYR OXT  O N N 370 
TYR H    H N N 371 
TYR H2   H N N 372 
TYR HA   H N N 373 
TYR HB2  H N N 374 
TYR HB3  H N N 375 
TYR HD1  H N N 376 
TYR HD2  H N N 377 
TYR HE1  H N N 378 
TYR HE2  H N N 379 
TYR HH   H N N 380 
TYR HXT  H N N 381 
VAL N    N N N 382 
VAL CA   C N S 383 
VAL C    C N N 384 
VAL O    O N N 385 
VAL CB   C N N 386 
VAL CG1  C N N 387 
VAL CG2  C N N 388 
VAL OXT  O N N 389 
VAL H    H N N 390 
VAL H2   H N N 391 
VAL HA   H N N 392 
VAL HB   H N N 393 
VAL HG11 H N N 394 
VAL HG12 H N N 395 
VAL HG13 H N N 396 
VAL HG21 H N N 397 
VAL HG22 H N N 398 
VAL HG23 H N N 399 
VAL HXT  H N N 400 
# 
loop_
_chem_comp_bond.comp_id 
_chem_comp_bond.atom_id_1 
_chem_comp_bond.atom_id_2 
_chem_comp_bond.value_order 
_chem_comp_bond.pdbx_aromatic_flag 
_chem_comp_bond.pdbx_stereo_config 
_chem_comp_bond.pdbx_ordinal 
ALA N   CA   sing N N 1   
ALA N   H    sing N N 2   
ALA N   H2   sing N N 3   
ALA CA  C    sing N N 4   
ALA CA  CB   sing N N 5   
ALA CA  HA   sing N N 6   
ALA C   O    doub N N 7   
ALA C   OXT  sing N N 8   
ALA CB  HB1  sing N N 9   
ALA CB  HB2  sing N N 10  
ALA CB  HB3  sing N N 11  
ALA OXT HXT  sing N N 12  
ARG N   CA   sing N N 13  
ARG N   H    sing N N 14  
ARG N   H2   sing N N 15  
ARG CA  C    sing N N 16  
ARG CA  CB   sing N N 17  
ARG CA  HA   sing N N 18  
ARG C   O    doub N N 19  
ARG C   OXT  sing N N 20  
ARG CB  CG   sing N N 21  
ARG CB  HB2  sing N N 22  
ARG CB  HB3  sing N N 23  
ARG CG  CD   sing N N 24  
ARG CG  HG2  sing N N 25  
ARG CG  HG3  sing N N 26  
ARG CD  NE   sing N N 27  
ARG CD  HD2  sing N N 28  
ARG CD  HD3  sing N N 29  
ARG NE  CZ   sing N N 30  
ARG NE  HE   sing N N 31  
ARG CZ  NH1  sing N N 32  
ARG CZ  NH2  doub N N 33  
ARG NH1 HH11 sing N N 34  
ARG NH1 HH12 sing N N 35  
ARG NH2 HH21 sing N N 36  
ARG NH2 HH22 sing N N 37  
ARG OXT HXT  sing N N 38  
ASN N   CA   sing N N 39  
ASN N   H    sing N N 40  
ASN N   H2   sing N N 41  
ASN CA  C    sing N N 42  
ASN CA  CB   sing N N 43  
ASN CA  HA   sing N N 44  
ASN C   O    doub N N 45  
ASN C   OXT  sing N N 46  
ASN CB  CG   sing N N 47  
ASN CB  HB2  sing N N 48  
ASN CB  HB3  sing N N 49  
ASN CG  OD1  doub N N 50  
ASN CG  ND2  sing N N 51  
ASN ND2 HD21 sing N N 52  
ASN ND2 HD22 sing N N 53  
ASN OXT HXT  sing N N 54  
ASP N   CA   sing N N 55  
ASP N   H    sing N N 56  
ASP N   H2   sing N N 57  
ASP CA  C    sing N N 58  
ASP CA  CB   sing N N 59  
ASP CA  HA   sing N N 60  
ASP C   O    doub N N 61  
ASP C   OXT  sing N N 62  
ASP CB  CG   sing N N 63  
ASP CB  HB2  sing N N 64  
ASP CB  HB3  sing N N 65  
ASP CG  OD1  doub N N 66  
ASP CG  OD2  sing N N 67  
ASP OD2 HD2  sing N N 68  
ASP OXT HXT  sing N N 69  
CYS N   CA   sing N N 70  
CYS N   H    sing N N 71  
CYS N   H2   sing N N 72  
CYS CA  C    sing N N 73  
CYS CA  CB   sing N N 74  
CYS CA  HA   sing N N 75  
CYS C   O    doub N N 76  
CYS C   OXT  sing N N 77  
CYS CB  SG   sing N N 78  
CYS CB  HB2  sing N N 79  
CYS CB  HB3  sing N N 80  
CYS SG  HG   sing N N 81  
CYS OXT HXT  sing N N 82  
EDO C1  O1   sing N N 83  
EDO C1  C2   sing N N 84  
EDO C1  H11  sing N N 85  
EDO C1  H12  sing N N 86  
EDO O1  HO1  sing N N 87  
EDO C2  O2   sing N N 88  
EDO C2  H21  sing N N 89  
EDO C2  H22  sing N N 90  
EDO O2  HO2  sing N N 91  
GLN N   CA   sing N N 92  
GLN N   H    sing N N 93  
GLN N   H2   sing N N 94  
GLN CA  C    sing N N 95  
GLN CA  CB   sing N N 96  
GLN CA  HA   sing N N 97  
GLN C   O    doub N N 98  
GLN C   OXT  sing N N 99  
GLN CB  CG   sing N N 100 
GLN CB  HB2  sing N N 101 
GLN CB  HB3  sing N N 102 
GLN CG  CD   sing N N 103 
GLN CG  HG2  sing N N 104 
GLN CG  HG3  sing N N 105 
GLN CD  OE1  doub N N 106 
GLN CD  NE2  sing N N 107 
GLN NE2 HE21 sing N N 108 
GLN NE2 HE22 sing N N 109 
GLN OXT HXT  sing N N 110 
GLU N   CA   sing N N 111 
GLU N   H    sing N N 112 
GLU N   H2   sing N N 113 
GLU CA  C    sing N N 114 
GLU CA  CB   sing N N 115 
GLU CA  HA   sing N N 116 
GLU C   O    doub N N 117 
GLU C   OXT  sing N N 118 
GLU CB  CG   sing N N 119 
GLU CB  HB2  sing N N 120 
GLU CB  HB3  sing N N 121 
GLU CG  CD   sing N N 122 
GLU CG  HG2  sing N N 123 
GLU CG  HG3  sing N N 124 
GLU CD  OE1  doub N N 125 
GLU CD  OE2  sing N N 126 
GLU OE2 HE2  sing N N 127 
GLU OXT HXT  sing N N 128 
GLY N   CA   sing N N 129 
GLY N   H    sing N N 130 
GLY N   H2   sing N N 131 
GLY CA  C    sing N N 132 
GLY CA  HA2  sing N N 133 
GLY CA  HA3  sing N N 134 
GLY C   O    doub N N 135 
GLY C   OXT  sing N N 136 
GLY OXT HXT  sing N N 137 
HIS N   CA   sing N N 138 
HIS N   H    sing N N 139 
HIS N   H2   sing N N 140 
HIS CA  C    sing N N 141 
HIS CA  CB   sing N N 142 
HIS CA  HA   sing N N 143 
HIS C   O    doub N N 144 
HIS C   OXT  sing N N 145 
HIS CB  CG   sing N N 146 
HIS CB  HB2  sing N N 147 
HIS CB  HB3  sing N N 148 
HIS CG  ND1  sing Y N 149 
HIS CG  CD2  doub Y N 150 
HIS ND1 CE1  doub Y N 151 
HIS ND1 HD1  sing N N 152 
HIS CD2 NE2  sing Y N 153 
HIS CD2 HD2  sing N N 154 
HIS CE1 NE2  sing Y N 155 
HIS CE1 HE1  sing N N 156 
HIS NE2 HE2  sing N N 157 
HIS OXT HXT  sing N N 158 
HOH O   H1   sing N N 159 
HOH O   H2   sing N N 160 
ILE N   CA   sing N N 161 
ILE N   H    sing N N 162 
ILE N   H2   sing N N 163 
ILE CA  C    sing N N 164 
ILE CA  CB   sing N N 165 
ILE CA  HA   sing N N 166 
ILE C   O    doub N N 167 
ILE C   OXT  sing N N 168 
ILE CB  CG1  sing N N 169 
ILE CB  CG2  sing N N 170 
ILE CB  HB   sing N N 171 
ILE CG1 CD1  sing N N 172 
ILE CG1 HG12 sing N N 173 
ILE CG1 HG13 sing N N 174 
ILE CG2 HG21 sing N N 175 
ILE CG2 HG22 sing N N 176 
ILE CG2 HG23 sing N N 177 
ILE CD1 HD11 sing N N 178 
ILE CD1 HD12 sing N N 179 
ILE CD1 HD13 sing N N 180 
ILE OXT HXT  sing N N 181 
LEU N   CA   sing N N 182 
LEU N   H    sing N N 183 
LEU N   H2   sing N N 184 
LEU CA  C    sing N N 185 
LEU CA  CB   sing N N 186 
LEU CA  HA   sing N N 187 
LEU C   O    doub N N 188 
LEU C   OXT  sing N N 189 
LEU CB  CG   sing N N 190 
LEU CB  HB2  sing N N 191 
LEU CB  HB3  sing N N 192 
LEU CG  CD1  sing N N 193 
LEU CG  CD2  sing N N 194 
LEU CG  HG   sing N N 195 
LEU CD1 HD11 sing N N 196 
LEU CD1 HD12 sing N N 197 
LEU CD1 HD13 sing N N 198 
LEU CD2 HD21 sing N N 199 
LEU CD2 HD22 sing N N 200 
LEU CD2 HD23 sing N N 201 
LEU OXT HXT  sing N N 202 
LYS N   CA   sing N N 203 
LYS N   H    sing N N 204 
LYS N   H2   sing N N 205 
LYS CA  C    sing N N 206 
LYS CA  CB   sing N N 207 
LYS CA  HA   sing N N 208 
LYS C   O    doub N N 209 
LYS C   OXT  sing N N 210 
LYS CB  CG   sing N N 211 
LYS CB  HB2  sing N N 212 
LYS CB  HB3  sing N N 213 
LYS CG  CD   sing N N 214 
LYS CG  HG2  sing N N 215 
LYS CG  HG3  sing N N 216 
LYS CD  CE   sing N N 217 
LYS CD  HD2  sing N N 218 
LYS CD  HD3  sing N N 219 
LYS CE  NZ   sing N N 220 
LYS CE  HE2  sing N N 221 
LYS CE  HE3  sing N N 222 
LYS NZ  HZ1  sing N N 223 
LYS NZ  HZ2  sing N N 224 
LYS NZ  HZ3  sing N N 225 
LYS OXT HXT  sing N N 226 
MET N   CA   sing N N 227 
MET N   H    sing N N 228 
MET N   H2   sing N N 229 
MET CA  C    sing N N 230 
MET CA  CB   sing N N 231 
MET CA  HA   sing N N 232 
MET C   O    doub N N 233 
MET C   OXT  sing N N 234 
MET CB  CG   sing N N 235 
MET CB  HB2  sing N N 236 
MET CB  HB3  sing N N 237 
MET CG  SD   sing N N 238 
MET CG  HG2  sing N N 239 
MET CG  HG3  sing N N 240 
MET SD  CE   sing N N 241 
MET CE  HE1  sing N N 242 
MET CE  HE2  sing N N 243 
MET CE  HE3  sing N N 244 
MET OXT HXT  sing N N 245 
PHE N   CA   sing N N 246 
PHE N   H    sing N N 247 
PHE N   H2   sing N N 248 
PHE CA  C    sing N N 249 
PHE CA  CB   sing N N 250 
PHE CA  HA   sing N N 251 
PHE C   O    doub N N 252 
PHE C   OXT  sing N N 253 
PHE CB  CG   sing N N 254 
PHE CB  HB2  sing N N 255 
PHE CB  HB3  sing N N 256 
PHE CG  CD1  doub Y N 257 
PHE CG  CD2  sing Y N 258 
PHE CD1 CE1  sing Y N 259 
PHE CD1 HD1  sing N N 260 
PHE CD2 CE2  doub Y N 261 
PHE CD2 HD2  sing N N 262 
PHE CE1 CZ   doub Y N 263 
PHE CE1 HE1  sing N N 264 
PHE CE2 CZ   sing Y N 265 
PHE CE2 HE2  sing N N 266 
PHE CZ  HZ   sing N N 267 
PHE OXT HXT  sing N N 268 
PRO N   CA   sing N N 269 
PRO N   CD   sing N N 270 
PRO N   H    sing N N 271 
PRO CA  C    sing N N 272 
PRO CA  CB   sing N N 273 
PRO CA  HA   sing N N 274 
PRO C   O    doub N N 275 
PRO C   OXT  sing N N 276 
PRO CB  CG   sing N N 277 
PRO CB  HB2  sing N N 278 
PRO CB  HB3  sing N N 279 
PRO CG  CD   sing N N 280 
PRO CG  HG2  sing N N 281 
PRO CG  HG3  sing N N 282 
PRO CD  HD2  sing N N 283 
PRO CD  HD3  sing N N 284 
PRO OXT HXT  sing N N 285 
SER N   CA   sing N N 286 
SER N   H    sing N N 287 
SER N   H2   sing N N 288 
SER CA  C    sing N N 289 
SER CA  CB   sing N N 290 
SER CA  HA   sing N N 291 
SER C   O    doub N N 292 
SER C   OXT  sing N N 293 
SER CB  OG   sing N N 294 
SER CB  HB2  sing N N 295 
SER CB  HB3  sing N N 296 
SER OG  HG   sing N N 297 
SER OXT HXT  sing N N 298 
THR N   CA   sing N N 299 
THR N   H    sing N N 300 
THR N   H2   sing N N 301 
THR CA  C    sing N N 302 
THR CA  CB   sing N N 303 
THR CA  HA   sing N N 304 
THR C   O    doub N N 305 
THR C   OXT  sing N N 306 
THR CB  OG1  sing N N 307 
THR CB  CG2  sing N N 308 
THR CB  HB   sing N N 309 
THR OG1 HG1  sing N N 310 
THR CG2 HG21 sing N N 311 
THR CG2 HG22 sing N N 312 
THR CG2 HG23 sing N N 313 
THR OXT HXT  sing N N 314 
TRP N   CA   sing N N 315 
TRP N   H    sing N N 316 
TRP N   H2   sing N N 317 
TRP CA  C    sing N N 318 
TRP CA  CB   sing N N 319 
TRP CA  HA   sing N N 320 
TRP C   O    doub N N 321 
TRP C   OXT  sing N N 322 
TRP CB  CG   sing N N 323 
TRP CB  HB2  sing N N 324 
TRP CB  HB3  sing N N 325 
TRP CG  CD1  doub Y N 326 
TRP CG  CD2  sing Y N 327 
TRP CD1 NE1  sing Y N 328 
TRP CD1 HD1  sing N N 329 
TRP CD2 CE2  doub Y N 330 
TRP CD2 CE3  sing Y N 331 
TRP NE1 CE2  sing Y N 332 
TRP NE1 HE1  sing N N 333 
TRP CE2 CZ2  sing Y N 334 
TRP CE3 CZ3  doub Y N 335 
TRP CE3 HE3  sing N N 336 
TRP CZ2 CH2  doub Y N 337 
TRP CZ2 HZ2  sing N N 338 
TRP CZ3 CH2  sing Y N 339 
TRP CZ3 HZ3  sing N N 340 
TRP CH2 HH2  sing N N 341 
TRP OXT HXT  sing N N 342 
TYR N   CA   sing N N 343 
TYR N   H    sing N N 344 
TYR N   H2   sing N N 345 
TYR CA  C    sing N N 346 
TYR CA  CB   sing N N 347 
TYR CA  HA   sing N N 348 
TYR C   O    doub N N 349 
TYR C   OXT  sing N N 350 
TYR CB  CG   sing N N 351 
TYR CB  HB2  sing N N 352 
TYR CB  HB3  sing N N 353 
TYR CG  CD1  doub Y N 354 
TYR CG  CD2  sing Y N 355 
TYR CD1 CE1  sing Y N 356 
TYR CD1 HD1  sing N N 357 
TYR CD2 CE2  doub Y N 358 
TYR CD2 HD2  sing N N 359 
TYR CE1 CZ   doub Y N 360 
TYR CE1 HE1  sing N N 361 
TYR CE2 CZ   sing Y N 362 
TYR CE2 HE2  sing N N 363 
TYR CZ  OH   sing N N 364 
TYR OH  HH   sing N N 365 
TYR OXT HXT  sing N N 366 
VAL N   CA   sing N N 367 
VAL N   H    sing N N 368 
VAL N   H2   sing N N 369 
VAL CA  C    sing N N 370 
VAL CA  CB   sing N N 371 
VAL CA  HA   sing N N 372 
VAL C   O    doub N N 373 
VAL C   OXT  sing N N 374 
VAL CB  CG1  sing N N 375 
VAL CB  CG2  sing N N 376 
VAL CB  HB   sing N N 377 
VAL CG1 HG11 sing N N 378 
VAL CG1 HG12 sing N N 379 
VAL CG1 HG13 sing N N 380 
VAL CG2 HG21 sing N N 381 
VAL CG2 HG22 sing N N 382 
VAL CG2 HG23 sing N N 383 
VAL OXT HXT  sing N N 384 
# 
loop_
_pdbx_entity_nonpoly.entity_id 
_pdbx_entity_nonpoly.name 
_pdbx_entity_nonpoly.comp_id 
2 1,2-ETHANEDIOL EDO 
3 water          HOH 
# 
_pdbx_initial_refinement_model.id               1 
_pdbx_initial_refinement_model.entity_id_list   ? 
_pdbx_initial_refinement_model.type             'experimental model' 
_pdbx_initial_refinement_model.source_name      PDB 
_pdbx_initial_refinement_model.accession_code   1RU0 
_pdbx_initial_refinement_model.details          'PDB ENTRY 1RU0' 
# 
